data_2LNX
#
_entry.id   2LNX
#
_entity_poly.entity_id   1
_entity_poly.type   'polypeptide(L)'
_entity_poly.pdbx_seq_one_letter_code
;MGHHHHHHMSRPPSREIDYTAYPWFAGNMERQQTDNLLKSHASGTYLIRERPAEAERFAISIKFNDEVKHIKVVEKDNWI
HITEAKKFDSLLELVEYYQCHSLKESFKQLDTTLKYPYKSRE
;
_entity_poly.pdbx_strand_id   A
#
# COMPACT_ATOMS: atom_id res chain seq x y z
N SER A 10 13.02 14.71 22.10
CA SER A 10 12.52 14.11 20.83
C SER A 10 12.22 15.18 19.79
N ARG A 11 12.68 14.95 18.56
CA ARG A 11 12.47 15.90 17.46
C ARG A 11 11.98 15.18 16.21
N PRO A 12 11.30 15.90 15.29
CA PRO A 12 10.79 15.32 14.05
C PRO A 12 11.86 14.58 13.24
N PRO A 13 13.06 15.17 13.09
CA PRO A 13 14.16 14.52 12.34
C PRO A 13 14.67 13.25 13.01
N SER A 14 15.67 12.63 12.40
CA SER A 14 16.26 11.39 12.93
C SER A 14 15.21 10.26 12.98
N ARG A 15 14.24 10.31 12.07
CA ARG A 15 13.17 9.31 12.00
C ARG A 15 12.31 9.54 10.75
N GLU A 16 11.23 8.77 10.63
CA GLU A 16 10.32 8.90 9.50
C GLU A 16 8.88 9.08 10.00
N ILE A 17 7.91 8.52 9.25
CA ILE A 17 6.51 8.62 9.63
C ILE A 17 6.04 7.31 10.26
N ASP A 18 5.21 7.40 11.30
CA ASP A 18 4.69 6.22 11.97
C ASP A 18 3.53 5.61 11.19
N TYR A 19 3.86 4.96 10.08
CA TYR A 19 2.84 4.33 9.24
C TYR A 19 2.19 3.17 9.97
N THR A 20 2.87 2.62 10.97
CA THR A 20 2.36 1.50 11.76
C THR A 20 1.12 1.92 12.56
N ALA A 21 1.08 3.19 12.99
CA ALA A 21 -0.04 3.71 13.76
C ALA A 21 -1.35 3.58 12.99
N TYR A 22 -1.27 3.63 11.66
CA TYR A 22 -2.45 3.53 10.80
C TYR A 22 -3.06 2.12 10.86
N PRO A 23 -4.38 2.01 10.63
CA PRO A 23 -5.09 0.73 10.66
C PRO A 23 -4.84 -0.14 9.42
N TRP A 24 -4.42 0.50 8.32
CA TRP A 24 -4.16 -0.23 7.08
C TRP A 24 -2.68 -0.62 6.95
N PHE A 25 -1.93 -0.58 8.06
CA PHE A 25 -0.52 -0.92 8.04
C PHE A 25 -0.26 -2.23 8.78
N ALA A 26 0.45 -3.15 8.12
CA ALA A 26 0.77 -4.45 8.71
C ALA A 26 2.28 -4.71 8.68
N GLY A 27 2.97 -4.32 9.75
CA GLY A 27 4.40 -4.53 9.82
C GLY A 27 4.77 -5.99 9.95
N ASN A 28 5.86 -6.38 9.27
CA ASN A 28 6.32 -7.77 9.30
C ASN A 28 5.22 -8.73 8.86
N MET A 29 4.88 -8.69 7.57
CA MET A 29 3.83 -9.55 7.02
C MET A 29 4.41 -10.62 6.09
N GLU A 30 3.82 -11.81 6.13
CA GLU A 30 4.28 -12.93 5.29
C GLU A 30 3.47 -13.01 4.00
N ARG A 31 4.07 -13.60 2.96
CA ARG A 31 3.41 -13.75 1.66
C ARG A 31 2.16 -14.62 1.77
N GLN A 32 2.27 -15.73 2.50
CA GLN A 32 1.13 -16.63 2.69
C GLN A 32 0.02 -15.95 3.49
N GLN A 33 0.42 -15.14 4.47
CA GLN A 33 -0.52 -14.42 5.32
C GLN A 33 -1.34 -13.42 4.50
N THR A 34 -0.69 -12.74 3.57
CA THR A 34 -1.36 -11.75 2.72
C THR A 34 -2.52 -12.37 1.95
N ASP A 35 -2.28 -13.55 1.37
CA ASP A 35 -3.32 -14.25 0.61
C ASP A 35 -4.51 -14.59 1.49
N ASN A 36 -4.24 -15.28 2.61
CA ASN A 36 -5.31 -15.67 3.55
C ASN A 36 -6.02 -14.44 4.14
N LEU A 37 -5.35 -13.29 4.10
CA LEU A 37 -5.91 -12.06 4.63
C LEU A 37 -7.06 -11.57 3.76
N LEU A 38 -6.81 -11.44 2.46
CA LEU A 38 -7.83 -10.99 1.52
C LEU A 38 -8.46 -12.16 0.76
N LYS A 39 -8.37 -13.37 1.35
CA LYS A 39 -8.93 -14.56 0.74
C LYS A 39 -10.45 -14.57 0.83
N SER A 40 -11.00 -13.93 1.87
CA SER A 40 -12.45 -13.87 2.08
C SER A 40 -12.97 -12.45 1.88
N HIS A 41 -12.08 -11.46 2.00
CA HIS A 41 -12.47 -10.06 1.84
C HIS A 41 -13.10 -9.79 0.48
N ALA A 42 -13.78 -8.65 0.35
CA ALA A 42 -14.44 -8.28 -0.91
C ALA A 42 -13.52 -7.45 -1.81
N SER A 43 -14.03 -7.06 -2.97
CA SER A 43 -13.26 -6.27 -3.92
C SER A 43 -13.12 -4.82 -3.45
N GLY A 44 -12.29 -4.61 -2.42
CA GLY A 44 -12.07 -3.28 -1.89
C GLY A 44 -11.34 -3.31 -0.56
N THR A 45 -10.33 -4.16 -0.47
CA THR A 45 -9.53 -4.30 0.75
C THR A 45 -8.06 -4.02 0.46
N TYR A 46 -7.52 -2.98 1.10
CA TYR A 46 -6.13 -2.59 0.89
C TYR A 46 -5.31 -2.71 2.19
N LEU A 47 -4.04 -3.09 2.04
CA LEU A 47 -3.14 -3.22 3.19
C LEU A 47 -1.67 -3.14 2.74
N ILE A 48 -0.86 -2.43 3.52
CA ILE A 48 0.56 -2.27 3.21
C ILE A 48 1.42 -3.10 4.17
N ARG A 49 2.33 -3.88 3.61
CA ARG A 49 3.22 -4.73 4.41
C ARG A 49 4.59 -4.10 4.58
N GLU A 50 5.41 -4.71 5.44
CA GLU A 50 6.76 -4.23 5.70
C GLU A 50 7.75 -5.39 5.83
N ARG A 51 8.43 -5.71 4.73
CA ARG A 51 9.41 -6.80 4.71
C ARG A 51 10.82 -6.25 4.52
N PRO A 52 11.81 -6.77 5.27
CA PRO A 52 13.20 -6.32 5.17
C PRO A 52 13.86 -6.73 3.86
N ALA A 53 13.87 -5.81 2.88
CA ALA A 53 14.45 -6.08 1.58
C ALA A 53 15.38 -4.95 1.14
N GLU A 54 16.50 -5.31 0.51
CA GLU A 54 17.47 -4.33 0.05
C GLU A 54 16.95 -3.54 -1.15
N ALA A 55 16.10 -4.17 -1.97
CA ALA A 55 15.55 -3.50 -3.14
C ALA A 55 14.24 -2.78 -2.81
N GLU A 56 13.17 -3.56 -2.58
CA GLU A 56 11.87 -2.98 -2.26
C GLU A 56 11.71 -2.86 -0.74
N ARG A 57 11.66 -1.62 -0.24
CA ARG A 57 11.50 -1.37 1.19
C ARG A 57 10.10 -1.76 1.67
N PHE A 58 9.08 -1.14 1.08
CA PHE A 58 7.69 -1.41 1.45
C PHE A 58 6.91 -2.04 0.28
N ALA A 59 5.86 -2.77 0.60
CA ALA A 59 5.03 -3.41 -0.43
C ALA A 59 3.54 -3.23 -0.13
N ILE A 60 2.72 -3.34 -1.18
CA ILE A 60 1.27 -3.19 -1.05
C ILE A 60 0.51 -4.41 -1.57
N SER A 61 -0.65 -4.68 -0.99
CA SER A 61 -1.48 -5.81 -1.41
C SER A 61 -2.96 -5.48 -1.30
N ILE A 62 -3.61 -5.32 -2.46
CA ILE A 62 -5.05 -4.99 -2.50
C ILE A 62 -5.86 -6.15 -3.09
N LYS A 63 -7.17 -6.12 -2.86
CA LYS A 63 -8.07 -7.16 -3.35
C LYS A 63 -9.09 -6.58 -4.32
N PHE A 64 -9.22 -7.20 -5.49
CA PHE A 64 -10.16 -6.75 -6.52
C PHE A 64 -10.42 -7.85 -7.53
N ASN A 65 -11.65 -7.91 -8.05
CA ASN A 65 -12.04 -8.93 -9.03
C ASN A 65 -11.80 -10.34 -8.46
N ASP A 66 -12.10 -10.51 -7.16
CA ASP A 66 -11.92 -11.79 -6.49
C ASP A 66 -10.47 -12.29 -6.60
N GLU A 67 -9.52 -11.36 -6.49
CA GLU A 67 -8.10 -11.70 -6.58
C GLU A 67 -7.26 -10.77 -5.71
N VAL A 68 -6.13 -11.27 -5.21
CA VAL A 68 -5.23 -10.48 -4.37
C VAL A 68 -4.00 -10.03 -5.17
N LYS A 69 -3.97 -8.76 -5.55
CA LYS A 69 -2.85 -8.21 -6.32
C LYS A 69 -1.75 -7.68 -5.40
N HIS A 70 -0.53 -7.55 -5.93
CA HIS A 70 0.60 -7.05 -5.16
C HIS A 70 1.35 -5.96 -5.92
N ILE A 71 1.57 -4.82 -5.25
CA ILE A 71 2.27 -3.68 -5.85
C ILE A 71 3.67 -3.51 -5.24
N LYS A 72 4.59 -2.97 -6.03
CA LYS A 72 5.96 -2.73 -5.58
C LYS A 72 6.22 -1.24 -5.31
N VAL A 73 6.79 -0.93 -4.15
CA VAL A 73 7.08 0.46 -3.77
C VAL A 73 8.59 0.68 -3.69
N VAL A 74 9.07 1.75 -4.32
CA VAL A 74 10.49 2.08 -4.32
C VAL A 74 10.75 3.42 -3.61
N GLU A 75 11.79 3.44 -2.76
CA GLU A 75 12.16 4.65 -2.02
C GLU A 75 13.66 4.95 -2.16
N LYS A 76 13.98 6.19 -2.53
CA LYS A 76 15.38 6.61 -2.69
C LYS A 76 15.49 8.13 -2.76
N ASP A 77 16.61 8.66 -2.27
CA ASP A 77 16.86 10.11 -2.27
C ASP A 77 15.73 10.88 -1.58
N ASN A 78 15.17 10.29 -0.53
CA ASN A 78 14.08 10.91 0.23
C ASN A 78 12.81 11.02 -0.62
N TRP A 79 12.66 10.13 -1.60
CA TRP A 79 11.49 10.12 -2.47
C TRP A 79 10.88 8.71 -2.54
N ILE A 80 9.62 8.62 -2.95
CA ILE A 80 8.93 7.33 -3.04
C ILE A 80 7.89 7.32 -4.16
N HIS A 81 7.80 6.20 -4.86
CA HIS A 81 6.84 6.04 -5.96
C HIS A 81 6.80 4.59 -6.45
N ILE A 82 5.59 4.07 -6.62
CA ILE A 82 5.40 2.69 -7.09
C ILE A 82 5.72 2.57 -8.58
N THR A 83 5.53 3.67 -9.33
CA THR A 83 5.80 3.70 -10.75
C THR A 83 6.31 5.07 -11.19
N GLU A 84 6.50 5.25 -12.49
CA GLU A 84 6.98 6.52 -13.02
C GLU A 84 5.84 7.39 -13.53
N ALA A 85 4.65 7.21 -12.94
CA ALA A 85 3.48 7.99 -13.33
C ALA A 85 3.27 9.18 -12.38
N LYS A 86 3.61 8.98 -11.10
CA LYS A 86 3.48 10.02 -10.09
C LYS A 86 4.51 9.83 -8.97
N LYS A 87 5.35 10.83 -8.78
CA LYS A 87 6.40 10.78 -7.75
C LYS A 87 5.93 11.47 -6.46
N PHE A 88 6.47 11.04 -5.32
CA PHE A 88 6.10 11.62 -4.03
C PHE A 88 7.30 11.72 -3.09
N ASP A 89 7.19 12.59 -2.09
CA ASP A 89 8.26 12.78 -1.10
C ASP A 89 8.13 11.74 0.02
N SER A 90 6.93 11.61 0.57
CA SER A 90 6.68 10.66 1.67
C SER A 90 5.69 9.58 1.25
N LEU A 91 5.71 8.45 1.95
CA LEU A 91 4.81 7.34 1.68
C LEU A 91 3.34 7.78 1.80
N LEU A 92 3.08 8.72 2.73
CA LEU A 92 1.73 9.23 2.93
C LEU A 92 1.18 9.82 1.64
N GLU A 93 1.92 10.80 1.11
CA GLU A 93 1.53 11.47 -0.13
C GLU A 93 1.26 10.46 -1.25
N LEU A 94 2.02 9.38 -1.27
CA LEU A 94 1.86 8.33 -2.29
C LEU A 94 0.53 7.60 -2.13
N VAL A 95 0.29 7.06 -0.93
CA VAL A 95 -0.94 6.32 -0.66
C VAL A 95 -2.17 7.24 -0.54
N GLU A 96 -1.96 8.44 0.00
CA GLU A 96 -3.04 9.40 0.18
C GLU A 96 -3.54 9.96 -1.15
N TYR A 97 -2.68 9.98 -2.17
CA TYR A 97 -3.05 10.51 -3.48
C TYR A 97 -3.95 9.54 -4.28
N TYR A 98 -3.52 8.28 -4.39
CA TYR A 98 -4.28 7.28 -5.14
C TYR A 98 -5.43 6.65 -4.33
N GLN A 99 -5.59 7.06 -3.06
CA GLN A 99 -6.67 6.53 -2.24
C GLN A 99 -8.01 7.17 -2.60
N CYS A 100 -7.95 8.43 -3.05
CA CYS A 100 -9.15 9.17 -3.44
C CYS A 100 -9.41 9.05 -4.95
N HIS A 101 -8.33 8.93 -5.73
CA HIS A 101 -8.45 8.82 -7.19
C HIS A 101 -8.06 7.41 -7.65
N SER A 102 -8.76 6.91 -8.67
CA SER A 102 -8.51 5.58 -9.22
C SER A 102 -7.05 5.42 -9.66
N LEU A 103 -6.50 4.22 -9.47
CA LEU A 103 -5.12 3.95 -9.87
C LEU A 103 -5.03 3.36 -11.28
N LYS A 104 -6.10 3.53 -12.08
CA LYS A 104 -6.12 3.03 -13.46
C LYS A 104 -5.03 3.66 -14.31
N GLU A 105 -4.58 4.85 -13.93
CA GLU A 105 -3.53 5.56 -14.67
C GLU A 105 -2.30 4.68 -14.85
N SER A 106 -1.96 3.94 -13.80
CA SER A 106 -0.80 3.04 -13.84
C SER A 106 -1.24 1.62 -14.20
N PHE A 107 -2.34 1.17 -13.59
CA PHE A 107 -2.86 -0.16 -13.86
C PHE A 107 -4.16 -0.08 -14.67
N LYS A 108 -4.04 -0.16 -15.99
CA LYS A 108 -5.21 -0.10 -16.87
C LYS A 108 -6.24 -1.17 -16.50
N GLN A 109 -5.77 -2.27 -15.91
CA GLN A 109 -6.66 -3.37 -15.51
C GLN A 109 -7.24 -3.14 -14.11
N LEU A 110 -6.49 -2.42 -13.26
CA LEU A 110 -6.93 -2.14 -11.89
C LEU A 110 -7.43 -0.70 -11.75
N ASP A 111 -8.75 -0.55 -11.65
CA ASP A 111 -9.36 0.77 -11.49
C ASP A 111 -10.14 0.87 -10.18
N THR A 112 -9.48 0.51 -9.07
CA THR A 112 -10.11 0.57 -7.76
C THR A 112 -9.28 1.41 -6.77
N THR A 113 -9.95 2.06 -5.84
CA THR A 113 -9.28 2.89 -4.84
C THR A 113 -9.40 2.26 -3.44
N LEU A 114 -8.57 2.75 -2.51
CA LEU A 114 -8.57 2.24 -1.13
C LEU A 114 -9.93 2.48 -0.47
N LYS A 115 -10.72 1.42 -0.32
CA LYS A 115 -12.04 1.53 0.29
C LYS A 115 -12.03 1.08 1.75
N TYR A 116 -11.94 -0.23 1.98
CA TYR A 116 -11.94 -0.78 3.33
C TYR A 116 -10.56 -1.36 3.68
N PRO A 117 -10.17 -1.29 4.97
CA PRO A 117 -8.89 -1.81 5.44
C PRO A 117 -8.92 -3.33 5.60
N TYR A 118 -7.84 -3.88 6.15
CA TYR A 118 -7.75 -5.32 6.37
C TYR A 118 -8.10 -5.72 7.81
N LYS A 119 -8.70 -4.78 8.58
CA LYS A 119 -9.07 -5.06 9.96
C LYS A 119 -10.58 -5.13 10.14
N SER A 120 -11.30 -4.17 9.57
CA SER A 120 -12.77 -4.14 9.68
C SER A 120 -13.36 -3.08 8.75
N ARG A 121 -13.38 -1.83 9.23
CA ARG A 121 -13.91 -0.72 8.45
C ARG A 121 -13.52 0.61 9.09
N GLU A 122 -12.49 1.23 8.53
CA GLU A 122 -12.00 2.51 9.03
C GLU A 122 -13.07 3.60 8.95
N SER A 10 24.88 3.74 10.59
CA SER A 10 24.50 4.91 9.76
C SER A 10 23.28 4.60 8.89
N ARG A 11 22.16 5.26 9.16
CA ARG A 11 20.92 5.06 8.41
C ARG A 11 20.68 6.19 7.42
N PRO A 12 20.68 5.88 6.11
CA PRO A 12 20.46 6.89 5.05
C PRO A 12 19.18 7.71 5.29
N PRO A 13 18.04 7.06 5.61
CA PRO A 13 16.76 7.75 5.85
C PRO A 13 16.84 8.71 7.04
N SER A 14 16.16 9.84 6.92
CA SER A 14 16.15 10.85 7.99
C SER A 14 14.78 10.94 8.66
N ARG A 15 13.76 11.34 7.88
CA ARG A 15 12.39 11.45 8.40
C ARG A 15 11.67 10.11 8.34
N GLU A 16 10.48 10.05 8.96
CA GLU A 16 9.66 8.84 8.98
C GLU A 16 8.33 9.13 9.67
N ILE A 17 7.32 8.42 9.23
CA ILE A 17 5.97 8.56 9.78
C ILE A 17 5.51 7.25 10.43
N ASP A 18 4.72 7.37 11.49
CA ASP A 18 4.19 6.19 12.20
C ASP A 18 3.11 5.50 11.38
N TYR A 19 3.53 4.79 10.32
CA TYR A 19 2.60 4.07 9.46
C TYR A 19 1.79 3.04 10.27
N THR A 20 2.41 2.50 11.33
CA THR A 20 1.74 1.52 12.18
C THR A 20 0.49 2.12 12.84
N ALA A 21 0.55 3.41 13.17
CA ALA A 21 -0.56 4.10 13.80
C ALA A 21 -1.82 4.07 12.92
N TYR A 22 -1.61 4.03 11.60
CA TYR A 22 -2.72 3.99 10.65
C TYR A 22 -3.48 2.65 10.75
N PRO A 23 -4.79 2.67 10.46
CA PRO A 23 -5.62 1.45 10.52
C PRO A 23 -5.51 0.58 9.25
N TRP A 24 -4.54 0.89 8.39
CA TRP A 24 -4.34 0.12 7.15
C TRP A 24 -3.05 -0.69 7.22
N PHE A 25 -2.10 -0.26 8.05
CA PHE A 25 -0.82 -0.95 8.19
C PHE A 25 -1.00 -2.36 8.75
N ALA A 26 -0.29 -3.32 8.17
CA ALA A 26 -0.37 -4.71 8.60
C ALA A 26 0.90 -5.14 9.33
N GLY A 27 2.05 -4.74 8.80
CA GLY A 27 3.33 -5.08 9.40
C GLY A 27 4.22 -5.85 8.45
N ASN A 28 5.07 -6.73 8.99
CA ASN A 28 5.97 -7.52 8.15
C ASN A 28 5.36 -8.89 7.83
N MET A 29 4.07 -8.89 7.46
CA MET A 29 3.37 -10.13 7.12
C MET A 29 3.84 -10.67 5.76
N GLU A 30 3.94 -12.00 5.67
CA GLU A 30 4.38 -12.66 4.45
C GLU A 30 3.30 -12.59 3.36
N ARG A 31 3.65 -13.05 2.16
CA ARG A 31 2.71 -13.05 1.04
C ARG A 31 1.57 -14.04 1.28
N GLN A 32 1.87 -15.19 1.87
CA GLN A 32 0.87 -16.21 2.17
C GLN A 32 -0.21 -15.66 3.10
N GLN A 33 0.20 -15.02 4.19
CA GLN A 33 -0.75 -14.45 5.15
C GLN A 33 -1.58 -13.37 4.50
N THR A 34 -0.93 -12.44 3.80
CA THR A 34 -1.63 -11.35 3.11
C THR A 34 -2.64 -11.89 2.11
N ASP A 35 -2.25 -12.93 1.38
CA ASP A 35 -3.13 -13.55 0.39
C ASP A 35 -4.42 -14.03 1.04
N ASN A 36 -4.27 -14.86 2.07
CA ASN A 36 -5.43 -15.40 2.80
C ASN A 36 -6.24 -14.28 3.47
N LEU A 37 -5.53 -13.28 3.99
CA LEU A 37 -6.17 -12.14 4.65
C LEU A 37 -7.10 -11.40 3.69
N LEU A 38 -6.53 -10.90 2.60
CA LEU A 38 -7.30 -10.17 1.59
C LEU A 38 -8.32 -11.09 0.91
N LYS A 39 -7.97 -12.36 0.75
CA LYS A 39 -8.85 -13.35 0.12
C LYS A 39 -10.24 -13.33 0.74
N SER A 40 -10.32 -13.76 2.00
CA SER A 40 -11.59 -13.81 2.72
C SER A 40 -12.25 -12.43 2.78
N HIS A 41 -11.43 -11.37 2.76
CA HIS A 41 -11.94 -10.00 2.81
C HIS A 41 -12.80 -9.69 1.59
N ALA A 42 -13.67 -8.69 1.73
CA ALA A 42 -14.55 -8.28 0.64
C ALA A 42 -13.78 -7.52 -0.44
N SER A 43 -14.43 -7.28 -1.58
CA SER A 43 -13.79 -6.56 -2.68
C SER A 43 -13.55 -5.11 -2.29
N GLY A 44 -12.31 -4.67 -2.39
CA GLY A 44 -11.96 -3.29 -2.05
C GLY A 44 -11.19 -3.18 -0.74
N THR A 45 -10.52 -4.26 -0.35
CA THR A 45 -9.74 -4.26 0.88
C THR A 45 -8.29 -3.92 0.60
N TYR A 46 -7.75 -2.97 1.36
CA TYR A 46 -6.37 -2.52 1.18
C TYR A 46 -5.57 -2.63 2.48
N LEU A 47 -4.27 -2.92 2.34
CA LEU A 47 -3.37 -3.05 3.49
C LEU A 47 -1.91 -2.82 3.08
N ILE A 48 -1.13 -2.27 4.01
CA ILE A 48 0.29 -2.00 3.75
C ILE A 48 1.18 -2.91 4.58
N ARG A 49 2.22 -3.46 3.94
CA ARG A 49 3.16 -4.37 4.61
C ARG A 49 4.60 -3.94 4.39
N GLU A 50 5.52 -4.53 5.17
CA GLU A 50 6.94 -4.21 5.08
C GLU A 50 7.77 -5.48 4.87
N ARG A 51 8.90 -5.34 4.18
CA ARG A 51 9.80 -6.46 3.93
C ARG A 51 11.15 -5.97 3.39
N PRO A 52 12.15 -5.80 4.29
CA PRO A 52 13.48 -5.33 3.92
C PRO A 52 14.09 -6.14 2.78
N ALA A 53 14.32 -5.48 1.63
CA ALA A 53 14.88 -6.14 0.46
C ALA A 53 16.13 -5.41 -0.04
N GLU A 54 16.75 -5.95 -1.09
CA GLU A 54 17.95 -5.36 -1.68
C GLU A 54 17.66 -3.94 -2.19
N ALA A 55 16.80 -3.84 -3.19
CA ALA A 55 16.43 -2.55 -3.77
C ALA A 55 15.08 -2.08 -3.23
N GLU A 56 14.14 -3.03 -3.07
CA GLU A 56 12.81 -2.72 -2.56
C GLU A 56 12.81 -2.58 -1.04
N ARG A 57 11.66 -2.20 -0.47
CA ARG A 57 11.53 -2.04 0.97
C ARG A 57 10.08 -2.24 1.41
N PHE A 58 9.21 -1.32 1.00
CA PHE A 58 7.79 -1.39 1.36
C PHE A 58 6.96 -2.03 0.24
N ALA A 59 5.77 -2.51 0.59
CA ALA A 59 4.88 -3.14 -0.38
C ALA A 59 3.40 -2.94 -0.01
N ILE A 60 2.55 -2.87 -1.03
CA ILE A 60 1.11 -2.68 -0.82
C ILE A 60 0.33 -3.88 -1.36
N SER A 61 -0.70 -4.30 -0.61
CA SER A 61 -1.54 -5.42 -1.03
C SER A 61 -3.02 -5.06 -0.98
N ILE A 62 -3.67 -5.11 -2.15
CA ILE A 62 -5.10 -4.79 -2.24
C ILE A 62 -5.91 -5.99 -2.74
N LYS A 63 -7.23 -5.94 -2.53
CA LYS A 63 -8.13 -7.01 -2.94
C LYS A 63 -9.15 -6.50 -3.97
N PHE A 64 -9.17 -7.14 -5.14
CA PHE A 64 -10.10 -6.76 -6.21
C PHE A 64 -10.32 -7.90 -7.20
N ASN A 65 -11.56 -8.05 -7.66
CA ASN A 65 -11.93 -9.10 -8.61
C ASN A 65 -11.52 -10.49 -8.12
N ASP A 66 -11.77 -10.74 -6.83
CA ASP A 66 -11.42 -12.03 -6.21
C ASP A 66 -9.93 -12.35 -6.38
N GLU A 67 -9.10 -11.30 -6.44
CA GLU A 67 -7.67 -11.46 -6.61
C GLU A 67 -6.91 -10.57 -5.62
N VAL A 68 -5.76 -11.05 -5.16
CA VAL A 68 -4.94 -10.30 -4.23
C VAL A 68 -3.72 -9.71 -4.92
N LYS A 69 -3.76 -8.42 -5.23
CA LYS A 69 -2.64 -7.75 -5.91
C LYS A 69 -1.56 -7.35 -4.92
N HIS A 70 -0.31 -7.62 -5.28
CA HIS A 70 0.83 -7.27 -4.41
C HIS A 70 1.79 -6.32 -5.13
N ILE A 71 1.55 -5.02 -5.01
CA ILE A 71 2.39 -4.01 -5.63
C ILE A 71 3.62 -3.71 -4.77
N LYS A 72 4.79 -3.67 -5.41
CA LYS A 72 6.04 -3.41 -4.70
C LYS A 72 6.42 -1.93 -4.78
N VAL A 73 6.93 -1.40 -3.67
CA VAL A 73 7.32 0.02 -3.59
C VAL A 73 8.84 0.16 -3.65
N VAL A 74 9.31 1.29 -4.21
CA VAL A 74 10.74 1.55 -4.33
C VAL A 74 11.12 2.91 -3.72
N GLU A 75 12.14 2.91 -2.87
CA GLU A 75 12.61 4.13 -2.22
C GLU A 75 14.03 4.46 -2.67
N LYS A 76 14.17 5.50 -3.48
CA LYS A 76 15.48 5.92 -4.00
C LYS A 76 15.49 7.42 -4.32
N ASP A 77 16.68 8.02 -4.32
CA ASP A 77 16.84 9.44 -4.61
C ASP A 77 16.04 10.30 -3.63
N ASN A 78 15.88 9.81 -2.40
CA ASN A 78 15.11 10.53 -1.37
C ASN A 78 13.63 10.61 -1.75
N TRP A 79 13.14 9.63 -2.52
CA TRP A 79 11.76 9.58 -2.95
C TRP A 79 11.21 8.16 -2.91
N ILE A 80 9.89 8.03 -2.80
CA ILE A 80 9.24 6.72 -2.77
C ILE A 80 8.08 6.65 -3.76
N HIS A 81 8.04 5.56 -4.54
CA HIS A 81 6.99 5.36 -5.54
C HIS A 81 6.95 3.92 -6.04
N ILE A 82 5.76 3.44 -6.37
CA ILE A 82 5.57 2.08 -6.87
C ILE A 82 5.74 2.02 -8.39
N THR A 83 5.40 3.12 -9.07
CA THR A 83 5.51 3.19 -10.52
C THR A 83 5.88 4.61 -10.96
N GLU A 84 5.89 4.85 -12.28
CA GLU A 84 6.23 6.16 -12.82
C GLU A 84 4.97 6.98 -13.10
N ALA A 85 3.95 6.81 -12.26
CA ALA A 85 2.69 7.54 -12.41
C ALA A 85 2.64 8.74 -11.47
N LYS A 86 3.17 8.57 -10.25
CA LYS A 86 3.19 9.64 -9.27
C LYS A 86 4.22 9.35 -8.16
N LYS A 87 5.13 10.30 -7.95
CA LYS A 87 6.19 10.15 -6.94
C LYS A 87 5.86 10.98 -5.68
N PHE A 88 6.32 10.51 -4.52
CA PHE A 88 6.08 11.21 -3.25
C PHE A 88 7.29 11.10 -2.32
N ASP A 89 7.38 12.04 -1.36
CA ASP A 89 8.47 12.06 -0.39
C ASP A 89 8.30 10.95 0.64
N SER A 90 7.07 10.80 1.17
CA SER A 90 6.78 9.78 2.17
C SER A 90 5.74 8.78 1.64
N LEU A 91 5.63 7.64 2.32
CA LEU A 91 4.67 6.61 1.93
C LEU A 91 3.24 7.06 2.20
N LEU A 92 3.05 7.88 3.23
CA LEU A 92 1.72 8.38 3.59
C LEU A 92 1.17 9.28 2.48
N GLU A 93 2.04 10.08 1.88
CA GLU A 93 1.66 10.98 0.80
C GLU A 93 1.24 10.19 -0.44
N LEU A 94 1.99 9.12 -0.72
CA LEU A 94 1.69 8.26 -1.88
C LEU A 94 0.28 7.69 -1.78
N VAL A 95 -0.05 7.13 -0.62
CA VAL A 95 -1.37 6.54 -0.40
C VAL A 95 -2.47 7.60 -0.50
N GLU A 96 -2.19 8.81 -0.01
CA GLU A 96 -3.15 9.91 -0.05
C GLU A 96 -3.64 10.16 -1.48
N TYR A 97 -2.73 10.15 -2.44
CA TYR A 97 -3.08 10.36 -3.85
C TYR A 97 -3.97 9.24 -4.36
N TYR A 98 -3.53 8.00 -4.14
CA TYR A 98 -4.30 6.83 -4.59
C TYR A 98 -5.62 6.70 -3.85
N GLN A 99 -5.68 7.24 -2.62
CA GLN A 99 -6.91 7.21 -1.83
C GLN A 99 -8.08 7.79 -2.62
N CYS A 100 -7.79 8.84 -3.40
CA CYS A 100 -8.81 9.49 -4.22
C CYS A 100 -8.49 9.40 -5.71
N HIS A 101 -7.73 8.37 -6.10
CA HIS A 101 -7.35 8.18 -7.50
C HIS A 101 -7.25 6.69 -7.83
N SER A 102 -7.93 6.29 -8.90
CA SER A 102 -7.94 4.89 -9.34
C SER A 102 -6.53 4.39 -9.67
N LEU A 103 -6.36 3.07 -9.68
CA LEU A 103 -5.07 2.45 -9.98
C LEU A 103 -4.86 2.29 -11.50
N LYS A 104 -5.66 3.00 -12.30
CA LYS A 104 -5.53 2.93 -13.77
C LYS A 104 -4.24 3.59 -14.25
N GLU A 105 -3.67 4.47 -13.43
CA GLU A 105 -2.43 5.17 -13.77
C GLU A 105 -1.30 4.19 -14.09
N SER A 106 -1.26 3.09 -13.34
CA SER A 106 -0.23 2.06 -13.54
C SER A 106 -0.82 0.81 -14.20
N PHE A 107 -2.04 0.46 -13.81
CA PHE A 107 -2.71 -0.73 -14.36
C PHE A 107 -3.99 -0.33 -15.09
N LYS A 108 -3.91 -0.28 -16.42
CA LYS A 108 -5.08 0.07 -17.24
C LYS A 108 -6.28 -0.81 -16.91
N GLN A 109 -6.02 -2.09 -16.62
CA GLN A 109 -7.06 -3.04 -16.29
C GLN A 109 -7.61 -2.80 -14.88
N LEU A 110 -6.76 -2.30 -13.99
CA LEU A 110 -7.17 -2.03 -12.61
C LEU A 110 -7.68 -0.61 -12.43
N ASP A 111 -8.90 -0.47 -11.91
CA ASP A 111 -9.50 0.84 -11.67
C ASP A 111 -10.24 0.86 -10.33
N THR A 112 -9.49 0.66 -9.26
CA THR A 112 -10.05 0.64 -7.91
C THR A 112 -9.21 1.50 -6.95
N THR A 113 -9.81 1.85 -5.80
CA THR A 113 -9.12 2.66 -4.79
C THR A 113 -9.36 2.12 -3.38
N LEU A 114 -8.84 2.83 -2.38
CA LEU A 114 -9.01 2.44 -0.97
C LEU A 114 -10.47 2.53 -0.57
N LYS A 115 -11.10 1.37 -0.35
CA LYS A 115 -12.52 1.33 0.04
C LYS A 115 -12.67 0.97 1.52
N TYR A 116 -12.18 -0.20 1.91
CA TYR A 116 -12.30 -0.66 3.30
C TYR A 116 -11.00 -1.32 3.78
N PRO A 117 -10.58 -1.03 5.02
CA PRO A 117 -9.36 -1.59 5.61
C PRO A 117 -9.46 -3.10 5.83
N TYR A 118 -8.48 -3.67 6.54
CA TYR A 118 -8.45 -5.10 6.80
C TYR A 118 -8.71 -5.40 8.29
N LYS A 119 -8.26 -4.52 9.17
CA LYS A 119 -8.44 -4.72 10.62
C LYS A 119 -9.88 -4.48 11.05
N SER A 120 -10.50 -3.41 10.55
CA SER A 120 -11.87 -3.07 10.89
C SER A 120 -12.48 -2.17 9.82
N ARG A 121 -13.23 -2.79 8.93
CA ARG A 121 -13.90 -2.08 7.84
C ARG A 121 -14.90 -1.06 8.39
N GLU A 122 -14.52 0.22 8.33
CA GLU A 122 -15.39 1.29 8.81
C GLU A 122 -16.37 1.72 7.72
N SER A 10 2.08 23.36 9.41
CA SER A 10 3.28 23.05 10.25
C SER A 10 4.31 22.21 9.46
N ARG A 11 5.57 22.58 9.57
CA ARG A 11 6.65 21.87 8.87
C ARG A 11 7.62 21.23 9.88
N PRO A 12 7.23 20.10 10.48
CA PRO A 12 8.06 19.39 11.47
C PRO A 12 9.27 18.71 10.83
N PRO A 13 10.22 18.22 11.67
CA PRO A 13 11.43 17.54 11.18
C PRO A 13 11.14 16.19 10.53
N SER A 14 12.13 15.65 9.83
CA SER A 14 11.97 14.35 9.15
C SER A 14 13.15 13.42 9.42
N ARG A 15 12.90 12.12 9.30
CA ARG A 15 13.93 11.11 9.52
C ARG A 15 13.39 9.70 9.26
N GLU A 16 12.16 9.44 9.70
CA GLU A 16 11.53 8.14 9.52
C GLU A 16 10.04 8.21 9.86
N ILE A 17 9.20 7.71 8.96
CA ILE A 17 7.75 7.72 9.17
C ILE A 17 7.29 6.43 9.84
N ASP A 18 6.21 6.53 10.61
CA ASP A 18 5.64 5.37 11.30
C ASP A 18 4.34 4.97 10.63
N TYR A 19 4.43 4.48 9.39
CA TYR A 19 3.25 4.05 8.64
C TYR A 19 2.50 2.95 9.40
N THR A 20 3.20 2.26 10.31
CA THR A 20 2.60 1.19 11.11
C THR A 20 1.44 1.71 11.95
N ALA A 21 1.48 3.00 12.31
CA ALA A 21 0.43 3.61 13.12
C ALA A 21 -0.90 3.71 12.36
N TYR A 22 -0.81 3.89 11.05
CA TYR A 22 -2.02 4.00 10.21
C TYR A 22 -2.85 2.71 10.26
N PRO A 23 -4.18 2.82 10.10
CA PRO A 23 -5.09 1.66 10.13
C PRO A 23 -4.96 0.77 8.89
N TRP A 24 -4.33 1.28 7.85
CA TRP A 24 -4.13 0.53 6.61
C TRP A 24 -2.95 -0.42 6.72
N PHE A 25 -1.93 -0.01 7.48
CA PHE A 25 -0.72 -0.81 7.68
C PHE A 25 -1.02 -2.11 8.43
N ALA A 26 -0.31 -3.17 8.07
CA ALA A 26 -0.48 -4.47 8.71
C ALA A 26 0.67 -4.78 9.68
N GLY A 27 1.91 -4.57 9.21
CA GLY A 27 3.07 -4.83 10.05
C GLY A 27 4.07 -5.78 9.39
N ASN A 28 4.86 -6.47 10.22
CA ASN A 28 5.85 -7.42 9.73
C ASN A 28 5.18 -8.76 9.40
N MET A 29 4.40 -8.77 8.31
CA MET A 29 3.69 -9.98 7.90
C MET A 29 4.36 -10.65 6.70
N GLU A 30 3.96 -11.90 6.42
CA GLU A 30 4.52 -12.67 5.30
C GLU A 30 3.54 -12.70 4.11
N ARG A 31 4.09 -12.82 2.90
CA ARG A 31 3.29 -12.88 1.68
C ARG A 31 2.28 -14.02 1.72
N GLN A 32 2.66 -15.13 2.36
CA GLN A 32 1.77 -16.29 2.47
C GLN A 32 0.50 -15.92 3.22
N GLN A 33 0.66 -15.26 4.37
CA GLN A 33 -0.47 -14.84 5.19
C GLN A 33 -1.30 -13.76 4.48
N THR A 34 -0.62 -12.89 3.72
CA THR A 34 -1.29 -11.82 2.99
C THR A 34 -2.39 -12.38 2.09
N ASP A 35 -2.15 -13.56 1.52
CA ASP A 35 -3.13 -14.20 0.65
C ASP A 35 -4.37 -14.63 1.44
N ASN A 36 -4.17 -15.41 2.49
CA ASN A 36 -5.27 -15.88 3.35
C ASN A 36 -5.96 -14.71 4.06
N LEU A 37 -5.25 -13.60 4.20
CA LEU A 37 -5.79 -12.41 4.87
C LEU A 37 -6.99 -11.86 4.11
N LEU A 38 -6.79 -11.55 2.82
CA LEU A 38 -7.87 -11.00 1.99
C LEU A 38 -8.60 -12.11 1.23
N LYS A 39 -8.26 -13.37 1.52
CA LYS A 39 -8.90 -14.52 0.86
C LYS A 39 -10.41 -14.52 1.10
N SER A 40 -10.83 -14.05 2.28
CA SER A 40 -12.24 -13.99 2.63
C SER A 40 -12.81 -12.58 2.46
N HIS A 41 -11.94 -11.57 2.49
CA HIS A 41 -12.36 -10.18 2.33
C HIS A 41 -13.06 -9.95 0.99
N ALA A 42 -13.86 -8.88 0.91
CA ALA A 42 -14.58 -8.54 -0.31
C ALA A 42 -13.80 -7.57 -1.19
N SER A 43 -14.40 -7.13 -2.29
CA SER A 43 -13.76 -6.19 -3.20
C SER A 43 -13.64 -4.80 -2.56
N GLY A 44 -12.42 -4.27 -2.50
CA GLY A 44 -12.21 -2.96 -1.93
C GLY A 44 -11.46 -3.02 -0.59
N THR A 45 -10.69 -4.08 -0.38
CA THR A 45 -9.93 -4.24 0.85
C THR A 45 -8.45 -3.94 0.59
N TYR A 46 -7.88 -3.01 1.37
CA TYR A 46 -6.49 -2.62 1.19
C TYR A 46 -5.69 -2.71 2.50
N LEU A 47 -4.42 -3.12 2.38
CA LEU A 47 -3.53 -3.25 3.53
C LEU A 47 -2.06 -3.22 3.09
N ILE A 48 -1.23 -2.51 3.86
CA ILE A 48 0.19 -2.40 3.56
C ILE A 48 1.02 -3.27 4.52
N ARG A 49 2.10 -3.87 4.00
CA ARG A 49 2.96 -4.72 4.82
C ARG A 49 4.42 -4.26 4.74
N GLU A 50 5.15 -4.46 5.83
CA GLU A 50 6.56 -4.07 5.90
C GLU A 50 7.46 -5.30 5.95
N ARG A 51 8.63 -5.19 5.31
CA ARG A 51 9.58 -6.29 5.27
C ARG A 51 10.96 -5.81 5.77
N PRO A 52 11.62 -6.64 6.60
CA PRO A 52 12.95 -6.32 7.15
C PRO A 52 14.00 -6.15 6.06
N ALA A 53 14.35 -4.89 5.76
CA ALA A 53 15.35 -4.58 4.74
C ALA A 53 15.86 -3.15 4.86
N GLU A 54 16.61 -2.69 3.86
CA GLU A 54 17.17 -1.33 3.86
C GLU A 54 16.09 -0.30 3.58
N ALA A 55 15.48 -0.37 2.39
CA ALA A 55 14.43 0.58 2.01
C ALA A 55 13.48 0.00 0.97
N GLU A 56 14.03 -0.48 -0.14
CA GLU A 56 13.21 -1.05 -1.22
C GLU A 56 12.71 -2.44 -0.85
N ARG A 57 11.70 -2.49 0.02
CA ARG A 57 11.12 -3.75 0.47
C ARG A 57 9.67 -3.56 0.96
N PHE A 58 8.94 -2.64 0.32
CA PHE A 58 7.55 -2.36 0.70
C PHE A 58 6.58 -2.96 -0.31
N ALA A 59 5.41 -3.37 0.17
CA ALA A 59 4.38 -3.96 -0.69
C ALA A 59 2.98 -3.64 -0.16
N ILE A 60 2.10 -3.21 -1.07
CA ILE A 60 0.72 -2.88 -0.70
C ILE A 60 -0.24 -3.93 -1.26
N SER A 61 -0.85 -4.71 -0.36
CA SER A 61 -1.79 -5.74 -0.76
C SER A 61 -3.22 -5.21 -0.83
N ILE A 62 -3.92 -5.51 -1.92
CA ILE A 62 -5.29 -5.06 -2.11
C ILE A 62 -6.17 -6.20 -2.65
N LYS A 63 -7.49 -6.04 -2.50
CA LYS A 63 -8.45 -7.05 -2.95
C LYS A 63 -9.30 -6.51 -4.10
N PHE A 64 -9.08 -7.04 -5.30
CA PHE A 64 -9.83 -6.61 -6.47
C PHE A 64 -9.85 -7.71 -7.54
N ASN A 65 -10.95 -7.80 -8.28
CA ASN A 65 -11.11 -8.81 -9.32
C ASN A 65 -10.99 -10.22 -8.75
N ASP A 66 -11.52 -10.39 -7.53
CA ASP A 66 -11.49 -11.68 -6.83
C ASP A 66 -10.05 -12.20 -6.70
N GLU A 67 -9.09 -11.27 -6.58
CA GLU A 67 -7.68 -11.63 -6.43
C GLU A 67 -6.96 -10.67 -5.49
N VAL A 68 -5.85 -11.12 -4.92
CA VAL A 68 -5.06 -10.31 -4.01
C VAL A 68 -3.85 -9.70 -4.73
N LYS A 69 -3.97 -8.45 -5.15
CA LYS A 69 -2.89 -7.77 -5.84
C LYS A 69 -1.87 -7.21 -4.85
N HIS A 70 -0.60 -7.25 -5.23
CA HIS A 70 0.48 -6.75 -4.37
C HIS A 70 1.25 -5.65 -5.09
N ILE A 71 0.92 -4.39 -4.79
CA ILE A 71 1.57 -3.23 -5.40
C ILE A 71 3.00 -3.08 -4.87
N LYS A 72 3.95 -2.85 -5.77
CA LYS A 72 5.35 -2.68 -5.40
C LYS A 72 5.67 -1.21 -5.07
N VAL A 73 6.33 -1.00 -3.93
CA VAL A 73 6.71 0.35 -3.49
C VAL A 73 8.23 0.47 -3.38
N VAL A 74 8.81 1.44 -4.10
CA VAL A 74 10.26 1.66 -4.10
C VAL A 74 10.64 3.02 -3.50
N GLU A 75 11.71 3.03 -2.70
CA GLU A 75 12.19 4.26 -2.07
C GLU A 75 13.64 4.57 -2.49
N LYS A 76 13.89 5.83 -2.88
CA LYS A 76 15.23 6.25 -3.31
C LYS A 76 15.40 7.76 -3.18
N ASP A 77 16.54 8.18 -2.63
CA ASP A 77 16.84 9.61 -2.46
C ASP A 77 15.72 10.35 -1.73
N ASN A 78 15.22 9.73 -0.65
CA ASN A 78 14.13 10.32 0.15
C ASN A 78 12.85 10.46 -0.68
N TRP A 79 12.70 9.65 -1.72
CA TRP A 79 11.52 9.67 -2.57
C TRP A 79 10.92 8.27 -2.67
N ILE A 80 9.60 8.21 -2.84
CA ILE A 80 8.90 6.94 -2.94
C ILE A 80 7.82 6.97 -4.01
N HIS A 81 7.67 5.86 -4.73
CA HIS A 81 6.66 5.74 -5.79
C HIS A 81 6.40 4.28 -6.15
N ILE A 82 5.18 4.00 -6.62
CA ILE A 82 4.79 2.66 -7.02
C ILE A 82 4.75 2.49 -8.54
N THR A 83 5.34 3.45 -9.26
CA THR A 83 5.38 3.44 -10.72
C THR A 83 6.13 4.66 -11.24
N GLU A 84 6.21 4.80 -12.57
CA GLU A 84 6.89 5.94 -13.18
C GLU A 84 5.88 6.96 -13.70
N ALA A 85 4.79 7.14 -12.96
CA ALA A 85 3.74 8.08 -13.33
C ALA A 85 3.82 9.36 -12.49
N LYS A 86 4.18 9.20 -11.21
CA LYS A 86 4.30 10.34 -10.30
C LYS A 86 5.12 9.96 -9.07
N LYS A 87 6.14 10.76 -8.77
CA LYS A 87 7.00 10.52 -7.63
C LYS A 87 6.45 11.24 -6.38
N PHE A 88 6.68 10.65 -5.21
CA PHE A 88 6.19 11.23 -3.95
C PHE A 88 7.31 11.27 -2.90
N ASP A 89 7.31 12.31 -2.08
CA ASP A 89 8.33 12.45 -1.03
C ASP A 89 8.14 11.42 0.08
N SER A 90 6.90 11.29 0.59
CA SER A 90 6.60 10.33 1.64
C SER A 90 5.61 9.28 1.15
N LEU A 91 5.65 8.08 1.75
CA LEU A 91 4.74 7.00 1.38
C LEU A 91 3.30 7.38 1.66
N LEU A 92 3.08 8.22 2.68
CA LEU A 92 1.74 8.65 3.04
C LEU A 92 1.13 9.53 1.94
N GLU A 93 1.99 10.29 1.23
CA GLU A 93 1.53 11.15 0.15
C GLU A 93 1.00 10.34 -1.03
N LEU A 94 1.80 9.39 -1.52
CA LEU A 94 1.40 8.56 -2.66
C LEU A 94 0.14 7.76 -2.34
N VAL A 95 0.01 7.29 -1.10
CA VAL A 95 -1.15 6.52 -0.68
C VAL A 95 -2.39 7.41 -0.59
N GLU A 96 -2.22 8.63 -0.09
CA GLU A 96 -3.32 9.58 0.03
C GLU A 96 -3.82 10.05 -1.35
N TYR A 97 -2.96 9.98 -2.36
CA TYR A 97 -3.33 10.41 -3.71
C TYR A 97 -4.21 9.37 -4.41
N TYR A 98 -3.77 8.12 -4.41
CA TYR A 98 -4.53 7.03 -5.08
C TYR A 98 -5.65 6.47 -4.20
N GLN A 99 -5.75 6.89 -2.93
CA GLN A 99 -6.82 6.39 -2.06
C GLN A 99 -8.17 6.94 -2.51
N CYS A 100 -8.16 8.15 -3.07
CA CYS A 100 -9.39 8.79 -3.54
C CYS A 100 -9.60 8.56 -5.05
N HIS A 101 -8.50 8.53 -5.81
CA HIS A 101 -8.56 8.33 -7.25
C HIS A 101 -8.21 6.90 -7.63
N SER A 102 -8.97 6.33 -8.58
CA SER A 102 -8.73 4.95 -9.04
C SER A 102 -7.30 4.77 -9.54
N LEU A 103 -6.85 3.51 -9.58
CA LEU A 103 -5.50 3.20 -10.04
C LEU A 103 -5.39 3.19 -11.57
N LYS A 104 -6.42 3.69 -12.27
CA LYS A 104 -6.41 3.74 -13.74
C LYS A 104 -5.30 4.65 -14.27
N GLU A 105 -4.98 5.70 -13.51
CA GLU A 105 -3.93 6.64 -13.91
C GLU A 105 -2.58 5.93 -14.10
N SER A 106 -2.29 4.99 -13.21
CA SER A 106 -1.03 4.24 -13.28
C SER A 106 -1.22 2.90 -13.96
N PHE A 107 -2.34 2.23 -13.66
CA PHE A 107 -2.64 0.93 -14.26
C PHE A 107 -3.96 0.99 -15.03
N LYS A 108 -3.86 1.06 -16.36
CA LYS A 108 -5.05 1.12 -17.21
C LYS A 108 -5.98 -0.07 -16.96
N GLN A 109 -5.39 -1.23 -16.61
CA GLN A 109 -6.17 -2.44 -16.35
C GLN A 109 -6.56 -2.55 -14.86
N LEU A 110 -6.43 -1.46 -14.11
CA LEU A 110 -6.77 -1.46 -12.69
C LEU A 110 -7.60 -0.23 -12.32
N ASP A 111 -8.82 -0.46 -11.82
CA ASP A 111 -9.71 0.62 -11.44
C ASP A 111 -10.32 0.38 -10.05
N THR A 112 -9.50 0.56 -9.01
CA THR A 112 -9.94 0.36 -7.64
C THR A 112 -9.35 1.42 -6.71
N THR A 113 -10.03 1.69 -5.61
CA THR A 113 -9.58 2.67 -4.63
C THR A 113 -9.69 2.12 -3.21
N LEU A 114 -9.01 2.77 -2.26
CA LEU A 114 -9.03 2.33 -0.86
C LEU A 114 -10.41 2.62 -0.24
N LYS A 115 -11.21 1.56 -0.09
CA LYS A 115 -12.56 1.70 0.48
C LYS A 115 -12.62 1.15 1.91
N TYR A 116 -12.42 -0.16 2.05
CA TYR A 116 -12.48 -0.82 3.36
C TYR A 116 -11.11 -1.34 3.78
N PRO A 117 -10.78 -1.27 5.09
CA PRO A 117 -9.51 -1.75 5.61
C PRO A 117 -9.49 -3.27 5.77
N TYR A 118 -8.42 -3.80 6.37
CA TYR A 118 -8.29 -5.24 6.58
C TYR A 118 -8.74 -5.65 7.99
N LYS A 119 -9.48 -4.77 8.67
CA LYS A 119 -9.97 -5.06 10.03
C LYS A 119 -11.38 -5.64 9.99
N SER A 120 -12.36 -4.82 9.64
CA SER A 120 -13.76 -5.25 9.58
C SER A 120 -14.65 -4.15 9.00
N ARG A 121 -15.03 -3.19 9.83
CA ARG A 121 -15.87 -2.07 9.41
C ARG A 121 -15.62 -0.83 10.28
N GLU A 122 -14.34 -0.55 10.55
CA GLU A 122 -13.96 0.61 11.36
C GLU A 122 -14.32 1.91 10.64
N SER A 10 7.08 18.68 22.50
CA SER A 10 6.37 17.67 21.67
C SER A 10 6.40 18.04 20.18
N ARG A 11 6.92 17.13 19.36
CA ARG A 11 7.00 17.37 17.91
C ARG A 11 7.26 16.06 17.16
N PRO A 12 6.32 15.64 16.29
CA PRO A 12 6.46 14.40 15.51
C PRO A 12 7.53 14.51 14.41
N PRO A 13 8.21 13.39 14.10
CA PRO A 13 9.27 13.36 13.08
C PRO A 13 8.72 13.48 11.65
N SER A 14 9.52 14.06 10.77
CA SER A 14 9.13 14.24 9.37
C SER A 14 9.93 13.31 8.45
N ARG A 15 11.21 13.12 8.76
CA ARG A 15 12.08 12.26 7.96
C ARG A 15 11.74 10.76 8.17
N GLU A 16 10.99 10.46 9.24
CA GLU A 16 10.61 9.09 9.53
C GLU A 16 9.18 9.03 10.04
N ILE A 17 8.34 8.30 9.31
CA ILE A 17 6.93 8.16 9.67
C ILE A 17 6.65 6.82 10.33
N ASP A 18 5.62 6.80 11.19
CA ASP A 18 5.23 5.58 11.89
C ASP A 18 3.90 5.05 11.36
N TYR A 19 3.94 4.46 10.16
CA TYR A 19 2.72 3.91 9.55
C TYR A 19 2.18 2.73 10.35
N THR A 20 3.02 2.16 11.22
CA THR A 20 2.62 1.02 12.05
C THR A 20 1.38 1.35 12.88
N ALA A 21 1.27 2.61 13.28
CA ALA A 21 0.13 3.07 14.08
C ALA A 21 -1.17 3.06 13.27
N TYR A 22 -1.07 3.38 11.98
CA TYR A 22 -2.22 3.41 11.10
C TYR A 22 -2.72 1.98 10.79
N PRO A 23 -4.03 1.83 10.48
CA PRO A 23 -4.62 0.53 10.16
C PRO A 23 -4.13 -0.04 8.82
N TRP A 24 -3.49 0.80 8.02
CA TRP A 24 -2.97 0.38 6.72
C TRP A 24 -1.80 -0.59 6.89
N PHE A 25 -0.90 -0.28 7.82
CA PHE A 25 0.26 -1.12 8.08
C PHE A 25 -0.11 -2.36 8.91
N ALA A 26 0.48 -3.50 8.54
CA ALA A 26 0.23 -4.75 9.25
C ALA A 26 1.51 -5.27 9.92
N GLY A 27 2.64 -5.17 9.21
CA GLY A 27 3.90 -5.64 9.75
C GLY A 27 4.55 -6.70 8.89
N ASN A 28 5.55 -7.39 9.43
CA ASN A 28 6.25 -8.44 8.68
C ASN A 28 5.42 -9.73 8.68
N MET A 29 4.36 -9.74 7.87
CA MET A 29 3.47 -10.89 7.78
C MET A 29 3.84 -11.79 6.60
N GLU A 30 3.74 -13.10 6.79
CA GLU A 30 4.07 -14.06 5.74
C GLU A 30 3.16 -13.89 4.52
N ARG A 31 3.70 -14.19 3.34
CA ARG A 31 2.94 -14.07 2.10
C ARG A 31 1.62 -14.85 2.19
N GLN A 32 1.69 -16.05 2.76
CA GLN A 32 0.49 -16.88 2.92
C GLN A 32 -0.58 -16.15 3.74
N GLN A 33 -0.16 -15.50 4.82
CA GLN A 33 -1.08 -14.75 5.69
C GLN A 33 -1.72 -13.61 4.93
N THR A 34 -0.94 -12.90 4.11
CA THR A 34 -1.45 -11.79 3.32
C THR A 34 -2.60 -12.23 2.42
N ASP A 35 -2.42 -13.38 1.78
CA ASP A 35 -3.45 -13.92 0.87
C ASP A 35 -4.71 -14.30 1.65
N ASN A 36 -4.53 -15.11 2.70
CA ASN A 36 -5.67 -15.55 3.53
C ASN A 36 -6.37 -14.37 4.21
N LEU A 37 -5.67 -13.24 4.34
CA LEU A 37 -6.23 -12.05 4.96
C LEU A 37 -7.36 -11.47 4.12
N LEU A 38 -7.08 -11.23 2.83
CA LEU A 38 -8.08 -10.68 1.91
C LEU A 38 -8.64 -11.78 1.00
N LYS A 39 -8.58 -13.03 1.46
CA LYS A 39 -9.08 -14.16 0.69
C LYS A 39 -10.61 -14.20 0.68
N SER A 40 -11.22 -13.69 1.76
CA SER A 40 -12.68 -13.66 1.88
C SER A 40 -13.22 -12.23 1.83
N HIS A 41 -12.34 -11.24 1.97
CA HIS A 41 -12.73 -9.83 1.95
C HIS A 41 -13.41 -9.45 0.61
N ALA A 42 -14.09 -8.32 0.62
CA ALA A 42 -14.80 -7.83 -0.57
C ALA A 42 -13.83 -7.21 -1.58
N SER A 43 -14.37 -6.77 -2.73
CA SER A 43 -13.56 -6.16 -3.78
C SER A 43 -13.24 -4.70 -3.43
N GLY A 44 -12.42 -4.51 -2.41
CA GLY A 44 -12.04 -3.17 -1.97
C GLY A 44 -11.33 -3.19 -0.63
N THR A 45 -10.41 -4.13 -0.47
CA THR A 45 -9.65 -4.26 0.78
C THR A 45 -8.16 -4.02 0.52
N TYR A 46 -7.64 -2.95 1.11
CA TYR A 46 -6.24 -2.58 0.94
C TYR A 46 -5.44 -2.78 2.23
N LEU A 47 -4.13 -3.00 2.08
CA LEU A 47 -3.23 -3.20 3.22
C LEU A 47 -1.77 -2.93 2.84
N ILE A 48 -0.93 -2.77 3.87
CA ILE A 48 0.51 -2.51 3.66
C ILE A 48 1.35 -3.54 4.40
N ARG A 49 2.28 -4.18 3.68
CA ARG A 49 3.17 -5.19 4.25
C ARG A 49 4.64 -4.87 3.97
N GLU A 50 5.53 -5.37 4.82
CA GLU A 50 6.97 -5.14 4.66
C GLU A 50 7.70 -6.46 4.38
N ARG A 51 8.71 -6.39 3.50
CA ARG A 51 9.50 -7.57 3.14
C ARG A 51 10.94 -7.18 2.80
N PRO A 52 11.92 -7.65 3.61
CA PRO A 52 13.34 -7.35 3.40
C PRO A 52 13.81 -7.69 1.98
N ALA A 53 14.40 -6.71 1.30
CA ALA A 53 14.90 -6.91 -0.07
C ALA A 53 16.15 -6.05 -0.35
N GLU A 54 16.70 -6.21 -1.55
CA GLU A 54 17.89 -5.45 -1.94
C GLU A 54 17.60 -3.95 -2.05
N ALA A 55 16.49 -3.60 -2.70
CA ALA A 55 16.10 -2.20 -2.86
C ALA A 55 14.71 -1.95 -2.26
N GLU A 56 13.76 -2.83 -2.60
CA GLU A 56 12.40 -2.71 -2.11
C GLU A 56 12.33 -2.88 -0.59
N ARG A 57 11.77 -1.88 0.09
CA ARG A 57 11.63 -1.93 1.55
C ARG A 57 10.16 -2.04 1.96
N PHE A 58 9.30 -1.29 1.28
CA PHE A 58 7.86 -1.30 1.59
C PHE A 58 7.05 -1.91 0.44
N ALA A 59 5.83 -2.33 0.74
CA ALA A 59 4.93 -2.93 -0.25
C ALA A 59 3.47 -2.55 0.01
N ILE A 60 2.64 -2.67 -1.02
CA ILE A 60 1.22 -2.33 -0.92
C ILE A 60 0.35 -3.37 -1.63
N SER A 61 -0.37 -4.18 -0.85
CA SER A 61 -1.23 -5.21 -1.40
C SER A 61 -2.70 -4.78 -1.33
N ILE A 62 -3.45 -5.08 -2.38
CA ILE A 62 -4.87 -4.73 -2.45
C ILE A 62 -5.71 -5.89 -2.95
N LYS A 63 -6.99 -5.88 -2.58
CA LYS A 63 -7.93 -6.92 -2.98
C LYS A 63 -8.91 -6.39 -4.03
N PHE A 64 -8.90 -7.00 -5.21
CA PHE A 64 -9.79 -6.59 -6.30
C PHE A 64 -9.97 -7.73 -7.30
N ASN A 65 -11.10 -7.70 -8.02
CA ASN A 65 -11.40 -8.74 -9.01
C ASN A 65 -11.44 -10.12 -8.34
N ASP A 66 -11.95 -10.16 -7.11
CA ASP A 66 -12.05 -11.40 -6.33
C ASP A 66 -10.69 -12.09 -6.22
N GLU A 67 -9.62 -11.29 -6.20
CA GLU A 67 -8.26 -11.82 -6.09
C GLU A 67 -7.40 -10.91 -5.20
N VAL A 68 -6.20 -11.37 -4.88
CA VAL A 68 -5.28 -10.61 -4.03
C VAL A 68 -4.03 -10.20 -4.81
N LYS A 69 -3.80 -8.89 -4.96
CA LYS A 69 -2.65 -8.38 -5.67
C LYS A 69 -1.60 -7.83 -4.70
N HIS A 70 -0.33 -7.88 -5.10
CA HIS A 70 0.76 -7.39 -4.26
C HIS A 70 1.68 -6.44 -5.05
N ILE A 71 1.65 -5.16 -4.69
CA ILE A 71 2.47 -4.15 -5.36
C ILE A 71 3.71 -3.80 -4.53
N LYS A 72 4.80 -3.43 -5.20
CA LYS A 72 6.05 -3.07 -4.55
C LYS A 72 6.36 -1.58 -4.72
N VAL A 73 6.86 -0.95 -3.66
CA VAL A 73 7.19 0.47 -3.69
C VAL A 73 8.71 0.68 -3.76
N VAL A 74 9.12 1.77 -4.43
CA VAL A 74 10.54 2.09 -4.58
C VAL A 74 10.87 3.46 -4.00
N GLU A 75 11.77 3.49 -3.01
CA GLU A 75 12.19 4.74 -2.38
C GLU A 75 13.64 5.06 -2.73
N LYS A 76 13.85 6.23 -3.33
CA LYS A 76 15.19 6.67 -3.72
C LYS A 76 15.19 8.14 -4.15
N ASP A 77 16.36 8.78 -4.12
CA ASP A 77 16.49 10.18 -4.50
C ASP A 77 15.58 11.07 -3.65
N ASN A 78 15.41 10.70 -2.38
CA ASN A 78 14.56 11.45 -1.45
C ASN A 78 13.10 11.45 -1.91
N TRP A 79 12.67 10.39 -2.59
CA TRP A 79 11.29 10.27 -3.08
C TRP A 79 10.82 8.82 -3.02
N ILE A 80 9.50 8.61 -3.12
CA ILE A 80 8.94 7.26 -3.07
C ILE A 80 7.74 7.10 -4.02
N HIS A 81 7.69 5.98 -4.73
CA HIS A 81 6.61 5.68 -5.66
C HIS A 81 6.74 4.27 -6.25
N ILE A 82 5.61 3.60 -6.44
CA ILE A 82 5.60 2.24 -6.99
C ILE A 82 5.98 2.24 -8.48
N THR A 83 5.67 3.34 -9.17
CA THR A 83 5.97 3.48 -10.59
C THR A 83 6.68 4.82 -10.85
N GLU A 84 6.59 5.33 -12.09
CA GLU A 84 7.21 6.60 -12.45
C GLU A 84 6.18 7.58 -13.00
N ALA A 85 5.05 7.72 -12.29
CA ALA A 85 3.98 8.62 -12.72
C ALA A 85 3.89 9.84 -11.81
N LYS A 86 4.05 9.64 -10.51
CA LYS A 86 3.99 10.73 -9.54
C LYS A 86 4.74 10.37 -8.26
N LYS A 87 5.91 10.98 -8.05
CA LYS A 87 6.72 10.70 -6.86
C LYS A 87 6.17 11.46 -5.65
N PHE A 88 6.23 10.82 -4.49
CA PHE A 88 5.74 11.43 -3.25
C PHE A 88 6.83 11.45 -2.19
N ASP A 89 6.73 12.42 -1.26
CA ASP A 89 7.71 12.55 -0.19
C ASP A 89 7.62 11.37 0.78
N SER A 90 6.43 11.14 1.31
CA SER A 90 6.20 10.04 2.26
C SER A 90 5.18 9.05 1.71
N LEU A 91 5.17 7.84 2.27
CA LEU A 91 4.24 6.80 1.84
C LEU A 91 2.79 7.22 2.12
N LEU A 92 2.58 7.99 3.19
CA LEU A 92 1.25 8.46 3.55
C LEU A 92 0.68 9.36 2.45
N GLU A 93 1.54 10.21 1.87
CA GLU A 93 1.11 11.12 0.81
C GLU A 93 0.77 10.33 -0.46
N LEU A 94 1.57 9.30 -0.74
CA LEU A 94 1.33 8.46 -1.92
C LEU A 94 -0.07 7.88 -1.90
N VAL A 95 -0.45 7.31 -0.75
CA VAL A 95 -1.77 6.70 -0.59
C VAL A 95 -2.88 7.73 -0.74
N GLU A 96 -2.66 8.93 -0.20
CA GLU A 96 -3.64 10.00 -0.28
C GLU A 96 -4.07 10.27 -1.73
N TYR A 97 -3.10 10.21 -2.65
CA TYR A 97 -3.37 10.43 -4.07
C TYR A 97 -4.29 9.34 -4.61
N TYR A 98 -3.95 8.08 -4.32
CA TYR A 98 -4.74 6.94 -4.78
C TYR A 98 -6.10 6.87 -4.07
N GLN A 99 -6.19 7.48 -2.89
CA GLN A 99 -7.44 7.48 -2.14
C GLN A 99 -8.56 8.09 -2.98
N CYS A 100 -8.22 9.09 -3.79
CA CYS A 100 -9.19 9.76 -4.66
C CYS A 100 -9.02 9.33 -6.13
N HIS A 101 -7.77 9.08 -6.55
CA HIS A 101 -7.49 8.68 -7.93
C HIS A 101 -7.40 7.15 -8.05
N SER A 102 -8.05 6.61 -9.09
CA SER A 102 -8.05 5.17 -9.34
C SER A 102 -6.64 4.66 -9.67
N LEU A 103 -6.46 3.33 -9.64
CA LEU A 103 -5.18 2.72 -9.94
C LEU A 103 -4.93 2.62 -11.46
N LYS A 104 -5.87 3.13 -12.27
CA LYS A 104 -5.74 3.10 -13.72
C LYS A 104 -4.54 3.92 -14.21
N GLU A 105 -4.11 4.90 -13.42
CA GLU A 105 -2.99 5.75 -13.78
C GLU A 105 -1.75 4.92 -14.14
N SER A 106 -1.50 3.88 -13.36
CA SER A 106 -0.36 2.99 -13.60
C SER A 106 -0.83 1.64 -14.14
N PHE A 107 -1.96 1.16 -13.63
CA PHE A 107 -2.52 -0.13 -14.06
C PHE A 107 -3.87 0.06 -14.73
N LYS A 108 -3.88 0.18 -16.07
CA LYS A 108 -5.12 0.35 -16.82
C LYS A 108 -6.13 -0.74 -16.47
N GLN A 109 -5.65 -1.98 -16.34
CA GLN A 109 -6.50 -3.11 -16.01
C GLN A 109 -7.00 -3.05 -14.56
N LEU A 110 -6.24 -2.36 -13.70
CA LEU A 110 -6.62 -2.22 -12.29
C LEU A 110 -7.25 -0.86 -12.02
N ASP A 111 -8.57 -0.77 -12.23
CA ASP A 111 -9.29 0.49 -12.00
C ASP A 111 -10.04 0.46 -10.67
N THR A 112 -9.30 0.68 -9.58
CA THR A 112 -9.89 0.69 -8.24
C THR A 112 -9.15 1.65 -7.31
N THR A 113 -9.78 1.99 -6.19
CA THR A 113 -9.20 2.90 -5.21
C THR A 113 -9.16 2.27 -3.82
N LEU A 114 -8.75 3.06 -2.81
CA LEU A 114 -8.68 2.58 -1.43
C LEU A 114 -10.04 2.74 -0.74
N LYS A 115 -10.75 1.62 -0.60
CA LYS A 115 -12.08 1.64 0.04
C LYS A 115 -11.98 1.33 1.55
N TYR A 116 -11.64 0.09 1.89
CA TYR A 116 -11.53 -0.32 3.28
C TYR A 116 -10.22 -1.07 3.55
N PRO A 117 -9.74 -1.06 4.81
CA PRO A 117 -8.50 -1.74 5.20
C PRO A 117 -8.69 -3.25 5.33
N TYR A 118 -7.62 -3.95 5.71
CA TYR A 118 -7.66 -5.40 5.88
C TYR A 118 -8.31 -5.80 7.21
N LYS A 119 -8.36 -4.88 8.17
CA LYS A 119 -8.95 -5.16 9.49
C LYS A 119 -10.34 -5.78 9.36
N SER A 120 -11.35 -4.93 9.07
CA SER A 120 -12.73 -5.39 8.93
C SER A 120 -13.67 -4.21 8.73
N ARG A 121 -14.17 -4.07 7.52
CA ARG A 121 -15.08 -2.98 7.16
C ARG A 121 -16.07 -3.44 6.09
N GLU A 122 -17.25 -3.88 6.53
CA GLU A 122 -18.28 -4.34 5.62
C GLU A 122 -18.79 -3.21 4.72
N SER A 10 -1.22 11.41 19.35
CA SER A 10 -0.46 12.66 19.59
C SER A 10 0.03 13.28 18.29
N ARG A 11 0.63 14.46 18.38
CA ARG A 11 1.15 15.15 17.20
C ARG A 11 2.31 14.38 16.58
N PRO A 12 2.12 13.82 15.36
CA PRO A 12 3.17 13.05 14.68
C PRO A 12 4.30 13.93 14.13
N PRO A 13 5.56 13.50 14.29
CA PRO A 13 6.73 14.25 13.83
C PRO A 13 6.73 14.46 12.31
N SER A 14 7.76 15.16 11.82
CA SER A 14 7.89 15.45 10.39
C SER A 14 9.13 14.78 9.79
N ARG A 15 10.27 14.91 10.48
CA ARG A 15 11.53 14.33 10.02
C ARG A 15 11.42 12.81 9.85
N GLU A 16 10.50 12.18 10.59
CA GLU A 16 10.32 10.73 10.51
C GLU A 16 8.84 10.36 10.64
N ILE A 17 8.31 9.72 9.59
CA ILE A 17 6.90 9.32 9.57
C ILE A 17 6.70 7.94 10.19
N ASP A 18 5.51 7.73 10.77
CA ASP A 18 5.16 6.45 11.38
C ASP A 18 4.04 5.77 10.59
N TYR A 19 4.38 5.20 9.44
CA TYR A 19 3.40 4.52 8.61
C TYR A 19 2.79 3.33 9.36
N THR A 20 3.52 2.83 10.36
CA THR A 20 3.06 1.69 11.15
C THR A 20 1.83 2.08 11.99
N ALA A 21 1.77 3.34 12.41
CA ALA A 21 0.66 3.84 13.21
C ALA A 21 -0.67 3.72 12.46
N TYR A 22 -0.62 3.85 11.14
CA TYR A 22 -1.82 3.76 10.31
C TYR A 22 -2.41 2.35 10.38
N PRO A 23 -3.72 2.24 10.68
CA PRO A 23 -4.41 0.95 10.76
C PRO A 23 -4.27 0.11 9.50
N TRP A 24 -4.06 0.77 8.35
CA TRP A 24 -3.90 0.08 7.08
C TRP A 24 -2.58 -0.69 7.03
N PHE A 25 -1.57 -0.17 7.74
CA PHE A 25 -0.25 -0.81 7.78
C PHE A 25 -0.29 -2.08 8.64
N ALA A 26 0.46 -3.09 8.20
CA ALA A 26 0.54 -4.36 8.90
C ALA A 26 2.00 -4.76 9.13
N GLY A 27 2.24 -5.54 10.19
CA GLY A 27 3.59 -5.98 10.50
C GLY A 27 4.17 -6.90 9.43
N ASN A 28 5.35 -7.46 9.72
CA ASN A 28 6.00 -8.36 8.78
C ASN A 28 5.24 -9.68 8.66
N MET A 29 4.14 -9.66 7.90
CA MET A 29 3.29 -10.83 7.70
C MET A 29 3.84 -11.72 6.58
N GLU A 30 3.26 -12.90 6.41
CA GLU A 30 3.68 -13.84 5.37
C GLU A 30 2.84 -13.68 4.10
N ARG A 31 3.42 -14.08 2.97
CA ARG A 31 2.72 -14.00 1.67
C ARG A 31 1.42 -14.81 1.72
N GLN A 32 1.51 -16.04 2.25
CA GLN A 32 0.35 -16.92 2.37
C GLN A 32 -0.72 -16.31 3.27
N GLN A 33 -0.28 -15.72 4.39
CA GLN A 33 -1.20 -15.10 5.34
C GLN A 33 -1.96 -13.94 4.68
N THR A 34 -1.24 -13.14 3.89
CA THR A 34 -1.85 -12.01 3.20
C THR A 34 -2.99 -12.48 2.30
N ASP A 35 -2.77 -13.60 1.61
CA ASP A 35 -3.76 -14.16 0.71
C ASP A 35 -4.98 -14.67 1.49
N ASN A 36 -4.74 -15.50 2.52
CA ASN A 36 -5.82 -16.05 3.34
C ASN A 36 -6.64 -14.92 4.00
N LEU A 37 -6.02 -13.76 4.18
CA LEU A 37 -6.68 -12.62 4.79
C LEU A 37 -7.72 -12.02 3.85
N LEU A 38 -7.30 -11.74 2.62
CA LEU A 38 -8.19 -11.16 1.61
C LEU A 38 -8.90 -12.25 0.79
N LYS A 39 -8.65 -13.51 1.13
CA LYS A 39 -9.26 -14.64 0.42
C LYS A 39 -10.79 -14.60 0.50
N SER A 40 -11.31 -13.96 1.56
CA SER A 40 -12.76 -13.86 1.75
C SER A 40 -13.16 -12.41 2.05
N HIS A 41 -12.48 -11.46 1.41
CA HIS A 41 -12.77 -10.04 1.61
C HIS A 41 -13.54 -9.46 0.43
N ALA A 42 -14.07 -8.24 0.61
CA ALA A 42 -14.84 -7.57 -0.44
C ALA A 42 -13.96 -6.64 -1.27
N SER A 43 -14.54 -6.11 -2.34
CA SER A 43 -13.81 -5.19 -3.24
C SER A 43 -13.51 -3.88 -2.52
N GLY A 44 -12.23 -3.57 -2.39
CA GLY A 44 -11.83 -2.34 -1.73
C GLY A 44 -10.94 -2.55 -0.51
N THR A 45 -10.62 -3.82 -0.21
CA THR A 45 -9.77 -4.13 0.94
C THR A 45 -8.31 -3.88 0.61
N TYR A 46 -7.71 -2.91 1.31
CA TYR A 46 -6.31 -2.56 1.09
C TYR A 46 -5.50 -2.61 2.38
N LEU A 47 -4.20 -2.88 2.26
CA LEU A 47 -3.30 -2.94 3.41
C LEU A 47 -1.84 -2.75 3.00
N ILE A 48 -1.06 -2.15 3.90
CA ILE A 48 0.37 -1.90 3.64
C ILE A 48 1.24 -2.77 4.54
N ARG A 49 1.89 -3.78 3.94
CA ARG A 49 2.76 -4.69 4.68
C ARG A 49 4.23 -4.41 4.38
N GLU A 50 5.08 -4.66 5.39
CA GLU A 50 6.51 -4.45 5.24
C GLU A 50 7.18 -5.65 4.57
N ARG A 51 8.05 -5.37 3.60
CA ARG A 51 8.76 -6.42 2.88
C ARG A 51 10.20 -5.99 2.56
N PRO A 52 11.09 -6.04 3.57
CA PRO A 52 12.50 -5.65 3.40
C PRO A 52 13.20 -6.43 2.28
N ALA A 53 14.07 -5.74 1.53
CA ALA A 53 14.79 -6.36 0.43
C ALA A 53 16.00 -5.52 0.01
N GLU A 54 16.78 -6.05 -0.94
CA GLU A 54 17.97 -5.33 -1.43
C GLU A 54 17.58 -4.01 -2.06
N ALA A 55 16.44 -3.98 -2.76
CA ALA A 55 15.95 -2.77 -3.41
C ALA A 55 14.64 -2.31 -2.79
N GLU A 56 13.61 -3.16 -2.85
CA GLU A 56 12.29 -2.84 -2.30
C GLU A 56 12.32 -2.76 -0.77
N ARG A 57 11.37 -2.02 -0.20
CA ARG A 57 11.27 -1.87 1.25
C ARG A 57 9.86 -2.18 1.75
N PHE A 58 8.85 -1.57 1.10
CA PHE A 58 7.45 -1.78 1.48
C PHE A 58 6.63 -2.32 0.32
N ALA A 59 5.45 -2.87 0.62
CA ALA A 59 4.55 -3.43 -0.39
C ALA A 59 3.09 -3.10 -0.08
N ILE A 60 2.33 -2.79 -1.14
CA ILE A 60 0.91 -2.46 -1.00
C ILE A 60 0.03 -3.59 -1.51
N SER A 61 -0.65 -4.28 -0.58
CA SER A 61 -1.53 -5.39 -0.94
C SER A 61 -2.99 -4.93 -0.97
N ILE A 62 -3.71 -5.32 -2.02
CA ILE A 62 -5.12 -4.96 -2.17
C ILE A 62 -5.96 -6.15 -2.64
N LYS A 63 -7.28 -6.05 -2.46
CA LYS A 63 -8.21 -7.10 -2.85
C LYS A 63 -9.22 -6.58 -3.88
N PHE A 64 -8.99 -6.94 -5.15
CA PHE A 64 -9.88 -6.52 -6.23
C PHE A 64 -9.78 -7.49 -7.41
N ASN A 65 -10.84 -7.53 -8.24
CA ASN A 65 -10.89 -8.41 -9.40
C ASN A 65 -10.77 -9.88 -8.97
N ASP A 66 -11.27 -10.18 -7.76
CA ASP A 66 -11.23 -11.54 -7.22
C ASP A 66 -9.82 -12.12 -7.21
N GLU A 67 -8.83 -11.26 -6.91
CA GLU A 67 -7.44 -11.69 -6.85
C GLU A 67 -6.63 -10.80 -5.90
N VAL A 68 -5.68 -11.39 -5.19
CA VAL A 68 -4.85 -10.65 -4.24
C VAL A 68 -3.63 -10.05 -4.95
N LYS A 69 -3.62 -8.72 -5.10
CA LYS A 69 -2.51 -8.03 -5.77
C LYS A 69 -1.45 -7.59 -4.76
N HIS A 70 -0.20 -7.66 -5.19
CA HIS A 70 0.93 -7.25 -4.35
C HIS A 70 1.79 -6.20 -5.06
N ILE A 71 1.41 -4.92 -4.89
CA ILE A 71 2.13 -3.81 -5.52
C ILE A 71 3.47 -3.54 -4.81
N LYS A 72 4.53 -3.40 -5.59
CA LYS A 72 5.86 -3.13 -5.04
C LYS A 72 6.13 -1.63 -4.93
N VAL A 73 6.86 -1.24 -3.88
CA VAL A 73 7.19 0.17 -3.65
C VAL A 73 8.71 0.39 -3.70
N VAL A 74 9.12 1.46 -4.38
CA VAL A 74 10.55 1.78 -4.50
C VAL A 74 10.87 3.14 -3.88
N GLU A 75 11.96 3.18 -3.11
CA GLU A 75 12.40 4.41 -2.45
C GLU A 75 13.85 4.73 -2.80
N LYS A 76 14.06 5.81 -3.55
CA LYS A 76 15.41 6.23 -3.95
C LYS A 76 15.46 7.74 -4.20
N ASP A 77 16.66 8.31 -4.09
CA ASP A 77 16.86 9.75 -4.30
C ASP A 77 15.99 10.57 -3.35
N ASN A 78 15.77 10.04 -2.14
CA ASN A 78 14.95 10.71 -1.14
C ASN A 78 13.49 10.84 -1.60
N TRP A 79 13.06 9.90 -2.44
CA TRP A 79 11.70 9.91 -2.96
C TRP A 79 11.12 8.49 -3.01
N ILE A 80 9.80 8.37 -2.88
CA ILE A 80 9.13 7.08 -2.93
C ILE A 80 8.04 7.07 -4.00
N HIS A 81 8.03 6.03 -4.82
CA HIS A 81 7.05 5.91 -5.90
C HIS A 81 6.99 4.47 -6.44
N ILE A 82 5.76 3.95 -6.58
CA ILE A 82 5.56 2.60 -7.09
C ILE A 82 5.79 2.52 -8.60
N THR A 83 5.51 3.64 -9.30
CA THR A 83 5.68 3.70 -10.74
C THR A 83 6.14 5.09 -11.17
N GLU A 84 6.15 5.35 -12.47
CA GLU A 84 6.57 6.65 -13.00
C GLU A 84 5.36 7.52 -13.33
N ALA A 85 4.32 7.41 -12.52
CA ALA A 85 3.10 8.19 -12.72
C ALA A 85 3.11 9.46 -11.85
N LYS A 86 3.67 9.33 -10.65
CA LYS A 86 3.74 10.46 -9.72
C LYS A 86 4.61 10.12 -8.52
N LYS A 87 5.55 11.00 -8.20
CA LYS A 87 6.46 10.81 -7.06
C LYS A 87 5.87 11.43 -5.80
N PHE A 88 6.20 10.85 -4.64
CA PHE A 88 5.70 11.35 -3.36
C PHE A 88 6.82 11.45 -2.33
N ASP A 89 6.72 12.44 -1.45
CA ASP A 89 7.71 12.64 -0.40
C ASP A 89 7.53 11.61 0.71
N SER A 90 6.28 11.39 1.11
CA SER A 90 5.97 10.42 2.15
C SER A 90 5.08 9.30 1.63
N LEU A 91 5.35 8.08 2.10
CA LEU A 91 4.56 6.90 1.68
C LEU A 91 3.08 7.10 2.00
N LEU A 92 2.79 7.89 3.04
CA LEU A 92 1.41 8.14 3.44
C LEU A 92 0.70 9.02 2.41
N GLU A 93 1.45 9.98 1.85
CA GLU A 93 0.89 10.88 0.84
C GLU A 93 0.45 10.10 -0.39
N LEU A 94 1.28 9.14 -0.82
CA LEU A 94 0.98 8.32 -1.98
C LEU A 94 -0.35 7.58 -1.79
N VAL A 95 -0.58 7.09 -0.56
CA VAL A 95 -1.81 6.38 -0.25
C VAL A 95 -3.03 7.29 -0.37
N GLU A 96 -2.93 8.48 0.22
CA GLU A 96 -4.03 9.45 0.17
C GLU A 96 -4.43 9.78 -1.28
N TYR A 97 -3.44 9.85 -2.17
CA TYR A 97 -3.69 10.15 -3.58
C TYR A 97 -4.55 9.07 -4.21
N TYR A 98 -4.17 7.81 -3.99
CA TYR A 98 -4.91 6.67 -4.55
C TYR A 98 -6.22 6.43 -3.80
N GLN A 99 -6.32 6.94 -2.57
CA GLN A 99 -7.53 6.76 -1.78
C GLN A 99 -8.74 7.30 -2.55
N CYS A 100 -8.54 8.40 -3.29
CA CYS A 100 -9.61 9.01 -4.08
C CYS A 100 -9.44 8.71 -5.57
N HIS A 101 -8.20 8.63 -6.04
CA HIS A 101 -7.92 8.38 -7.46
C HIS A 101 -7.70 6.89 -7.72
N SER A 102 -8.39 6.35 -8.73
CA SER A 102 -8.28 4.94 -9.10
C SER A 102 -6.86 4.58 -9.52
N LEU A 103 -6.54 3.29 -9.49
CA LEU A 103 -5.21 2.80 -9.86
C LEU A 103 -5.11 2.52 -11.37
N LYS A 104 -6.07 3.04 -12.14
CA LYS A 104 -6.09 2.84 -13.59
C LYS A 104 -4.95 3.59 -14.28
N GLU A 105 -4.50 4.69 -13.67
CA GLU A 105 -3.41 5.50 -14.22
C GLU A 105 -2.18 4.63 -14.51
N SER A 106 -1.91 3.69 -13.61
CA SER A 106 -0.77 2.79 -13.76
C SER A 106 -1.23 1.40 -14.22
N PHE A 107 -2.36 0.94 -13.65
CA PHE A 107 -2.90 -0.36 -14.00
C PHE A 107 -4.35 -0.23 -14.47
N LYS A 108 -4.53 -0.11 -15.79
CA LYS A 108 -5.87 0.02 -16.37
C LYS A 108 -6.76 -1.15 -15.95
N GLN A 109 -6.17 -2.35 -15.89
CA GLN A 109 -6.89 -3.56 -15.51
C GLN A 109 -7.34 -3.50 -14.04
N LEU A 110 -6.60 -2.75 -13.22
CA LEU A 110 -6.92 -2.62 -11.80
C LEU A 110 -7.41 -1.21 -11.48
N ASP A 111 -8.65 -0.92 -11.86
CA ASP A 111 -9.24 0.39 -11.62
C ASP A 111 -10.04 0.39 -10.31
N THR A 112 -9.33 0.51 -9.19
CA THR A 112 -9.97 0.52 -7.88
C THR A 112 -9.24 1.47 -6.93
N THR A 113 -9.93 1.89 -5.87
CA THR A 113 -9.36 2.80 -4.88
C THR A 113 -9.40 2.17 -3.48
N LEU A 114 -8.78 2.85 -2.52
CA LEU A 114 -8.76 2.37 -1.14
C LEU A 114 -10.06 2.70 -0.41
N LYS A 115 -10.85 1.67 -0.12
CA LYS A 115 -12.14 1.85 0.55
C LYS A 115 -12.09 1.39 2.01
N TYR A 116 -11.82 0.10 2.22
CA TYR A 116 -11.75 -0.46 3.58
C TYR A 116 -10.42 -1.16 3.82
N PRO A 117 -9.92 -1.14 5.08
CA PRO A 117 -8.65 -1.78 5.44
C PRO A 117 -8.79 -3.30 5.58
N TYR A 118 -7.71 -3.94 6.03
CA TYR A 118 -7.70 -5.39 6.20
C TYR A 118 -8.16 -5.80 7.61
N LYS A 119 -8.26 -4.82 8.52
CA LYS A 119 -8.67 -5.09 9.90
C LYS A 119 -10.01 -5.83 9.94
N SER A 120 -11.11 -5.11 9.64
CA SER A 120 -12.45 -5.70 9.65
C SER A 120 -13.48 -4.66 9.24
N ARG A 121 -13.97 -4.78 8.02
CA ARG A 121 -14.98 -3.87 7.49
C ARG A 121 -15.87 -4.57 6.47
N GLU A 122 -17.08 -4.94 6.89
CA GLU A 122 -18.03 -5.62 6.03
C GLU A 122 -18.65 -4.66 5.02
N SER A 10 23.18 16.02 5.77
CA SER A 10 22.30 14.96 6.33
C SER A 10 20.96 14.90 5.59
N ARG A 11 20.17 13.85 5.85
CA ARG A 11 18.88 13.69 5.21
C ARG A 11 17.73 14.06 6.15
N PRO A 12 16.95 15.10 5.81
CA PRO A 12 15.81 15.54 6.64
C PRO A 12 14.83 14.42 6.96
N PRO A 13 14.36 13.65 5.93
CA PRO A 13 13.42 12.55 6.13
C PRO A 13 14.11 11.29 6.64
N SER A 14 14.11 11.10 7.96
CA SER A 14 14.75 9.94 8.57
C SER A 14 13.73 9.03 9.28
N ARG A 15 13.21 9.48 10.41
CA ARG A 15 12.23 8.71 11.18
C ARG A 15 11.40 9.61 12.09
N GLU A 16 10.30 10.15 11.55
CA GLU A 16 9.41 11.03 12.31
C GLU A 16 7.94 10.73 12.06
N ILE A 17 7.66 9.54 11.54
CA ILE A 17 6.29 9.11 11.24
C ILE A 17 5.98 7.73 11.82
N ASP A 18 4.70 7.49 12.08
CA ASP A 18 4.26 6.20 12.61
C ASP A 18 3.39 5.48 11.58
N TYR A 19 4.00 5.05 10.48
CA TYR A 19 3.28 4.35 9.44
C TYR A 19 2.72 3.02 9.94
N THR A 20 3.28 2.52 11.05
CA THR A 20 2.83 1.26 11.65
C THR A 20 1.62 1.47 12.56
N ALA A 21 1.12 2.70 12.66
CA ALA A 21 -0.04 3.01 13.49
C ALA A 21 -1.33 3.11 12.69
N TYR A 22 -1.22 3.49 11.41
CA TYR A 22 -2.39 3.63 10.54
C TYR A 22 -3.13 2.30 10.38
N PRO A 23 -4.46 2.34 10.22
CA PRO A 23 -5.30 1.14 10.04
C PRO A 23 -4.97 0.36 8.77
N TRP A 24 -4.24 1.00 7.84
CA TRP A 24 -3.88 0.36 6.57
C TRP A 24 -2.66 -0.54 6.76
N PHE A 25 -1.74 -0.13 7.64
CA PHE A 25 -0.53 -0.89 7.91
C PHE A 25 -0.83 -2.13 8.75
N ALA A 26 -0.13 -3.23 8.44
CA ALA A 26 -0.31 -4.49 9.17
C ALA A 26 0.94 -4.85 9.96
N GLY A 27 2.11 -4.69 9.33
CA GLY A 27 3.37 -5.00 9.99
C GLY A 27 4.23 -5.96 9.18
N ASN A 28 5.16 -6.64 9.85
CA ASN A 28 6.03 -7.61 9.18
C ASN A 28 5.30 -8.94 8.99
N MET A 29 4.41 -8.97 8.00
CA MET A 29 3.62 -10.16 7.70
C MET A 29 4.29 -11.03 6.63
N GLU A 30 3.76 -12.24 6.44
CA GLU A 30 4.32 -13.17 5.45
C GLU A 30 3.50 -13.17 4.16
N ARG A 31 4.14 -13.57 3.06
CA ARG A 31 3.49 -13.63 1.75
C ARG A 31 2.25 -14.52 1.79
N GLN A 32 2.40 -15.73 2.37
CA GLN A 32 1.28 -16.66 2.47
C GLN A 32 0.13 -16.05 3.26
N GLN A 33 0.47 -15.33 4.34
CA GLN A 33 -0.54 -14.68 5.17
C GLN A 33 -1.31 -13.62 4.40
N THR A 34 -0.62 -12.91 3.50
CA THR A 34 -1.26 -11.88 2.69
C THR A 34 -2.38 -12.48 1.83
N ASP A 35 -2.15 -13.69 1.34
CA ASP A 35 -3.15 -14.38 0.51
C ASP A 35 -4.39 -14.76 1.33
N ASN A 36 -4.18 -15.48 2.43
CA ASN A 36 -5.27 -15.89 3.31
C ASN A 36 -6.03 -14.69 3.89
N LEU A 37 -5.35 -13.53 3.92
CA LEU A 37 -5.94 -12.30 4.45
C LEU A 37 -7.09 -11.84 3.56
N LEU A 38 -6.80 -11.62 2.28
CA LEU A 38 -7.80 -11.17 1.32
C LEU A 38 -8.34 -12.34 0.49
N LYS A 39 -8.26 -13.56 1.06
CA LYS A 39 -8.75 -14.75 0.38
C LYS A 39 -10.27 -14.76 0.30
N SER A 40 -10.94 -14.18 1.31
CA SER A 40 -12.39 -14.13 1.35
C SER A 40 -12.88 -12.73 1.75
N HIS A 41 -12.16 -11.71 1.30
CA HIS A 41 -12.53 -10.32 1.59
C HIS A 41 -13.46 -9.76 0.52
N ALA A 42 -13.90 -8.51 0.70
CA ALA A 42 -14.80 -7.87 -0.26
C ALA A 42 -14.03 -7.00 -1.25
N SER A 43 -14.66 -6.69 -2.38
CA SER A 43 -14.04 -5.85 -3.41
C SER A 43 -13.72 -4.46 -2.86
N GLY A 44 -12.43 -4.16 -2.77
CA GLY A 44 -12.01 -2.86 -2.26
C GLY A 44 -11.23 -2.94 -0.96
N THR A 45 -10.57 -4.07 -0.72
CA THR A 45 -9.77 -4.24 0.50
C THR A 45 -8.30 -3.96 0.21
N TYR A 46 -7.76 -2.93 0.87
CA TYR A 46 -6.37 -2.54 0.67
C TYR A 46 -5.57 -2.63 1.98
N LEU A 47 -4.28 -2.90 1.87
CA LEU A 47 -3.39 -3.00 3.03
C LEU A 47 -1.93 -2.80 2.63
N ILE A 48 -1.13 -2.35 3.59
CA ILE A 48 0.30 -2.12 3.36
C ILE A 48 1.15 -2.89 4.37
N ARG A 49 2.09 -3.72 3.86
CA ARG A 49 2.97 -4.51 4.71
C ARG A 49 4.40 -3.96 4.67
N GLU A 50 5.27 -4.53 5.53
CA GLU A 50 6.67 -4.11 5.60
C GLU A 50 7.61 -5.31 5.67
N ARG A 51 8.74 -5.24 4.96
CA ARG A 51 9.72 -6.32 4.95
C ARG A 51 11.05 -5.86 4.34
N PRO A 52 12.18 -6.27 4.94
CA PRO A 52 13.53 -5.90 4.47
C PRO A 52 13.77 -6.26 3.01
N ALA A 53 14.46 -5.38 2.28
CA ALA A 53 14.75 -5.60 0.85
C ALA A 53 15.75 -4.56 0.33
N GLU A 54 16.16 -4.72 -0.93
CA GLU A 54 17.11 -3.80 -1.56
C GLU A 54 16.39 -2.54 -2.07
N ALA A 55 15.53 -2.71 -3.08
CA ALA A 55 14.80 -1.59 -3.64
C ALA A 55 13.28 -1.76 -3.51
N GLU A 56 12.84 -2.78 -2.74
CA GLU A 56 11.41 -3.03 -2.55
C GLU A 56 11.12 -3.39 -1.09
N ARG A 57 11.35 -2.46 -0.17
CA ARG A 57 11.10 -2.69 1.25
C ARG A 57 9.60 -2.62 1.59
N PHE A 58 8.86 -1.75 0.88
CA PHE A 58 7.43 -1.59 1.12
C PHE A 58 6.60 -2.28 0.04
N ALA A 59 5.43 -2.81 0.44
CA ALA A 59 4.52 -3.49 -0.49
C ALA A 59 3.06 -3.20 -0.17
N ILE A 60 2.26 -2.92 -1.21
CA ILE A 60 0.84 -2.62 -1.03
C ILE A 60 -0.04 -3.70 -1.66
N SER A 61 -0.78 -4.44 -0.82
CA SER A 61 -1.67 -5.49 -1.30
C SER A 61 -3.12 -5.00 -1.36
N ILE A 62 -3.81 -5.35 -2.44
CA ILE A 62 -5.21 -4.96 -2.64
C ILE A 62 -6.08 -6.16 -3.03
N LYS A 63 -7.39 -6.00 -2.87
CA LYS A 63 -8.35 -7.06 -3.20
C LYS A 63 -9.28 -6.61 -4.33
N PHE A 64 -9.08 -7.19 -5.52
CA PHE A 64 -9.90 -6.86 -6.69
C PHE A 64 -9.87 -7.98 -7.73
N ASN A 65 -10.94 -8.10 -8.51
CA ASN A 65 -11.06 -9.12 -9.55
C ASN A 65 -11.04 -10.53 -8.96
N ASP A 66 -11.73 -10.71 -7.83
CA ASP A 66 -11.80 -12.01 -7.15
C ASP A 66 -10.41 -12.61 -6.94
N GLU A 67 -9.39 -11.75 -6.83
CA GLU A 67 -8.01 -12.19 -6.64
C GLU A 67 -7.28 -11.25 -5.67
N VAL A 68 -6.04 -11.62 -5.32
CA VAL A 68 -5.22 -10.81 -4.43
C VAL A 68 -4.01 -10.23 -5.18
N LYS A 69 -3.95 -8.90 -5.27
CA LYS A 69 -2.86 -8.22 -5.96
C LYS A 69 -1.81 -7.70 -4.97
N HIS A 70 -0.57 -7.60 -5.43
CA HIS A 70 0.53 -7.13 -4.60
C HIS A 70 1.39 -6.09 -5.33
N ILE A 71 1.15 -4.81 -5.04
CA ILE A 71 1.91 -3.72 -5.66
C ILE A 71 3.31 -3.59 -5.07
N LYS A 72 4.26 -3.15 -5.89
CA LYS A 72 5.65 -2.97 -5.45
C LYS A 72 6.01 -1.49 -5.31
N VAL A 73 6.51 -1.12 -4.14
CA VAL A 73 6.90 0.27 -3.86
C VAL A 73 8.42 0.44 -4.01
N VAL A 74 8.82 1.48 -4.75
CA VAL A 74 10.25 1.75 -4.97
C VAL A 74 10.68 3.06 -4.30
N GLU A 75 11.77 2.98 -3.52
CA GLU A 75 12.30 4.16 -2.83
C GLU A 75 13.76 4.38 -3.20
N LYS A 76 14.02 5.32 -4.09
CA LYS A 76 15.38 5.64 -4.53
C LYS A 76 15.55 7.14 -4.75
N ASP A 77 16.81 7.61 -4.70
CA ASP A 77 17.13 9.03 -4.87
C ASP A 77 16.40 9.90 -3.83
N ASN A 78 16.17 9.33 -2.64
CA ASN A 78 15.49 10.03 -1.55
C ASN A 78 14.02 10.30 -1.91
N TRP A 79 13.45 9.46 -2.78
CA TRP A 79 12.06 9.61 -3.20
C TRP A 79 11.38 8.23 -3.30
N ILE A 80 10.07 8.21 -3.05
CA ILE A 80 9.31 6.97 -3.11
C ILE A 80 8.24 7.03 -4.20
N HIS A 81 8.15 5.96 -5.00
CA HIS A 81 7.19 5.90 -6.09
C HIS A 81 6.78 4.46 -6.38
N ILE A 82 5.48 4.21 -6.41
CA ILE A 82 4.94 2.87 -6.70
C ILE A 82 5.02 2.55 -8.19
N THR A 83 4.95 3.59 -9.03
CA THR A 83 5.02 3.42 -10.48
C THR A 83 6.07 4.37 -11.07
N GLU A 84 5.96 4.65 -12.37
CA GLU A 84 6.91 5.54 -13.04
C GLU A 84 6.30 6.94 -13.21
N ALA A 85 5.60 7.41 -12.18
CA ALA A 85 4.97 8.74 -12.22
C ALA A 85 4.69 9.28 -10.81
N LYS A 86 4.06 8.46 -9.96
CA LYS A 86 3.74 8.87 -8.60
C LYS A 86 5.00 9.02 -7.76
N LYS A 87 5.67 10.17 -7.90
CA LYS A 87 6.89 10.45 -7.14
C LYS A 87 6.59 11.33 -5.93
N PHE A 88 6.75 10.76 -4.73
CA PHE A 88 6.51 11.49 -3.49
C PHE A 88 7.65 11.29 -2.49
N ASP A 89 7.66 12.11 -1.43
CA ASP A 89 8.68 12.01 -0.40
C ASP A 89 8.23 11.07 0.74
N SER A 90 6.94 11.15 1.10
CA SER A 90 6.40 10.31 2.15
C SER A 90 5.34 9.37 1.59
N LEU A 91 5.41 8.10 1.98
CA LEU A 91 4.46 7.09 1.52
C LEU A 91 3.01 7.48 1.86
N LEU A 92 2.85 8.27 2.93
CA LEU A 92 1.53 8.71 3.35
C LEU A 92 0.93 9.68 2.33
N GLU A 93 1.80 10.54 1.78
CA GLU A 93 1.37 11.51 0.77
C GLU A 93 0.90 10.81 -0.50
N LEU A 94 1.68 9.83 -0.96
CA LEU A 94 1.34 9.07 -2.15
C LEU A 94 0.01 8.33 -1.96
N VAL A 95 -0.12 7.62 -0.84
CA VAL A 95 -1.35 6.87 -0.56
C VAL A 95 -2.55 7.81 -0.48
N GLU A 96 -2.39 8.92 0.24
CA GLU A 96 -3.47 9.90 0.39
C GLU A 96 -3.80 10.56 -0.96
N TYR A 97 -2.79 10.71 -1.82
CA TYR A 97 -3.00 11.32 -3.13
C TYR A 97 -3.83 10.41 -4.03
N TYR A 98 -3.43 9.14 -4.13
CA TYR A 98 -4.16 8.18 -4.97
C TYR A 98 -5.38 7.58 -4.24
N GLN A 99 -5.56 7.93 -2.96
CA GLN A 99 -6.70 7.42 -2.19
C GLN A 99 -8.02 7.85 -2.85
N CYS A 100 -8.08 9.09 -3.33
CA CYS A 100 -9.27 9.62 -3.99
C CYS A 100 -9.20 9.51 -5.52
N HIS A 101 -8.16 8.85 -6.04
CA HIS A 101 -7.99 8.70 -7.49
C HIS A 101 -7.81 7.23 -7.87
N SER A 102 -8.48 6.80 -8.93
CA SER A 102 -8.41 5.41 -9.40
C SER A 102 -6.95 5.01 -9.68
N LEU A 103 -6.66 3.72 -9.51
CA LEU A 103 -5.32 3.19 -9.75
C LEU A 103 -5.09 2.87 -11.23
N LYS A 104 -5.93 3.41 -12.11
CA LYS A 104 -5.80 3.18 -13.56
C LYS A 104 -4.61 3.93 -14.15
N GLU A 105 -4.25 5.05 -13.52
CA GLU A 105 -3.13 5.87 -13.99
C GLU A 105 -1.85 5.04 -14.10
N SER A 106 -1.67 4.13 -13.14
CA SER A 106 -0.49 3.26 -13.12
C SER A 106 -0.86 1.84 -13.55
N PHE A 107 -2.01 1.36 -13.10
CA PHE A 107 -2.47 0.01 -13.42
C PHE A 107 -3.82 0.04 -14.13
N LYS A 108 -3.79 -0.01 -15.47
CA LYS A 108 -5.02 0.00 -16.27
C LYS A 108 -5.97 -1.13 -15.85
N GLN A 109 -5.39 -2.25 -15.43
CA GLN A 109 -6.18 -3.41 -15.00
C GLN A 109 -6.43 -3.40 -13.49
N LEU A 110 -6.39 -2.20 -12.89
CA LEU A 110 -6.63 -2.05 -11.45
C LEU A 110 -7.43 -0.78 -11.17
N ASP A 111 -8.57 -0.63 -11.86
CA ASP A 111 -9.43 0.54 -11.70
C ASP A 111 -10.21 0.45 -10.39
N THR A 112 -9.52 0.72 -9.28
CA THR A 112 -10.14 0.66 -7.95
C THR A 112 -9.38 1.56 -6.97
N THR A 113 -10.12 2.20 -6.08
CA THR A 113 -9.51 3.09 -5.07
C THR A 113 -9.58 2.48 -3.67
N LEU A 114 -9.12 3.23 -2.67
CA LEU A 114 -9.13 2.77 -1.28
C LEU A 114 -10.55 2.78 -0.73
N LYS A 115 -11.18 1.61 -0.68
CA LYS A 115 -12.55 1.48 -0.18
C LYS A 115 -12.55 1.13 1.31
N TYR A 116 -12.04 -0.06 1.65
CA TYR A 116 -12.00 -0.52 3.03
C TYR A 116 -10.67 -1.19 3.36
N PRO A 117 -10.29 -1.22 4.65
CA PRO A 117 -9.04 -1.85 5.09
C PRO A 117 -9.14 -3.37 5.15
N TYR A 118 -8.03 -4.02 5.49
CA TYR A 118 -7.97 -5.48 5.59
C TYR A 118 -8.63 -5.99 6.89
N LYS A 119 -9.08 -5.08 7.75
CA LYS A 119 -9.71 -5.45 9.01
C LYS A 119 -10.93 -6.36 8.78
N SER A 120 -12.04 -5.77 8.32
CA SER A 120 -13.27 -6.52 8.06
C SER A 120 -14.36 -5.58 7.55
N ARG A 121 -14.64 -5.67 6.26
CA ARG A 121 -15.66 -4.84 5.63
C ARG A 121 -16.30 -5.56 4.44
N GLU A 122 -17.24 -6.47 4.74
CA GLU A 122 -17.93 -7.23 3.71
C GLU A 122 -19.39 -6.79 3.59
N SER A 10 -6.02 29.24 13.53
CA SER A 10 -5.18 28.51 12.55
C SER A 10 -4.83 27.10 13.04
N ARG A 11 -4.36 26.25 12.14
CA ARG A 11 -3.99 24.88 12.48
C ARG A 11 -2.59 24.82 13.08
N PRO A 12 -2.44 24.23 14.28
CA PRO A 12 -1.14 24.12 14.95
C PRO A 12 -0.24 23.06 14.31
N PRO A 13 0.95 23.45 13.83
CA PRO A 13 1.90 22.52 13.20
C PRO A 13 2.60 21.62 14.21
N SER A 14 1.80 20.81 14.92
CA SER A 14 2.33 19.89 15.93
C SER A 14 1.71 18.51 15.76
N ARG A 15 2.45 17.60 15.12
CA ARG A 15 1.97 16.24 14.88
C ARG A 15 3.14 15.25 14.85
N GLU A 16 2.82 13.97 14.63
CA GLU A 16 3.84 12.92 14.58
C GLU A 16 3.39 11.78 13.67
N ILE A 17 4.21 11.48 12.68
CA ILE A 17 3.91 10.41 11.73
C ILE A 17 3.78 9.06 12.43
N ASP A 18 2.73 8.31 12.07
CA ASP A 18 2.49 7.00 12.64
C ASP A 18 2.02 6.01 11.57
N TYR A 19 2.97 5.51 10.79
CA TYR A 19 2.65 4.56 9.73
C TYR A 19 1.92 3.33 10.29
N THR A 20 2.14 3.06 11.58
CA THR A 20 1.50 1.91 12.23
C THR A 20 0.11 2.27 12.75
N ALA A 21 -0.01 3.43 13.38
CA ALA A 21 -1.29 3.89 13.94
C ALA A 21 -2.36 4.00 12.85
N TYR A 22 -1.94 4.30 11.61
CA TYR A 22 -2.87 4.43 10.50
C TYR A 22 -3.75 3.19 10.36
N PRO A 23 -5.03 3.36 9.97
CA PRO A 23 -5.98 2.25 9.81
C PRO A 23 -5.78 1.49 8.49
N TRP A 24 -4.52 1.17 8.17
CA TRP A 24 -4.21 0.43 6.95
C TRP A 24 -2.75 -0.02 6.93
N PHE A 25 -2.22 -0.41 8.09
CA PHE A 25 -0.83 -0.86 8.19
C PHE A 25 -0.75 -2.30 8.69
N ALA A 26 0.16 -3.06 8.08
CA ALA A 26 0.38 -4.46 8.45
C ALA A 26 1.87 -4.72 8.68
N GLY A 27 2.17 -5.57 9.66
CA GLY A 27 3.56 -5.89 9.95
C GLY A 27 4.23 -6.70 8.86
N ASN A 28 5.41 -7.23 9.15
CA ASN A 28 6.16 -8.02 8.19
C ASN A 28 5.52 -9.40 8.02
N MET A 29 4.45 -9.46 7.21
CA MET A 29 3.73 -10.71 6.97
C MET A 29 4.30 -11.45 5.77
N GLU A 30 4.05 -12.76 5.71
CA GLU A 30 4.53 -13.60 4.62
C GLU A 30 3.62 -13.49 3.39
N ARG A 31 4.03 -14.12 2.29
CA ARG A 31 3.25 -14.10 1.05
C ARG A 31 1.92 -14.84 1.24
N GLN A 32 1.97 -16.01 1.88
CA GLN A 32 0.78 -16.81 2.14
C GLN A 32 -0.14 -16.11 3.15
N GLN A 33 0.46 -15.47 4.15
CA GLN A 33 -0.31 -14.77 5.18
C GLN A 33 -1.19 -13.68 4.55
N THR A 34 -0.58 -12.84 3.72
CA THR A 34 -1.30 -11.75 3.06
C THR A 34 -2.43 -12.30 2.19
N ASP A 35 -2.20 -13.46 1.57
CA ASP A 35 -3.20 -14.08 0.71
C ASP A 35 -4.42 -14.55 1.52
N ASN A 36 -4.16 -15.35 2.56
CA ASN A 36 -5.23 -15.85 3.43
C ASN A 36 -6.01 -14.71 4.10
N LEU A 37 -5.37 -13.56 4.23
CA LEU A 37 -5.99 -12.39 4.86
C LEU A 37 -7.16 -11.89 4.03
N LEU A 38 -6.90 -11.56 2.76
CA LEU A 38 -7.94 -11.07 1.85
C LEU A 38 -8.39 -12.16 0.89
N LYS A 39 -8.22 -13.43 1.29
CA LYS A 39 -8.60 -14.56 0.46
C LYS A 39 -10.11 -14.59 0.21
N SER A 40 -10.89 -14.11 1.18
CA SER A 40 -12.35 -14.08 1.05
C SER A 40 -12.90 -12.67 1.32
N HIS A 41 -12.05 -11.66 1.10
CA HIS A 41 -12.45 -10.27 1.32
C HIS A 41 -13.15 -9.70 0.08
N ALA A 42 -13.85 -8.59 0.27
CA ALA A 42 -14.58 -7.94 -0.83
C ALA A 42 -13.68 -6.95 -1.59
N SER A 43 -14.15 -6.53 -2.76
CA SER A 43 -13.39 -5.59 -3.60
C SER A 43 -13.29 -4.23 -2.90
N GLY A 44 -12.06 -3.81 -2.64
CA GLY A 44 -11.83 -2.53 -1.97
C GLY A 44 -10.94 -2.65 -0.74
N THR A 45 -10.74 -3.88 -0.27
CA THR A 45 -9.91 -4.13 0.90
C THR A 45 -8.43 -3.90 0.59
N TYR A 46 -7.83 -2.91 1.26
CA TYR A 46 -6.42 -2.58 1.05
C TYR A 46 -5.61 -2.67 2.35
N LEU A 47 -4.31 -2.93 2.20
CA LEU A 47 -3.40 -3.03 3.35
C LEU A 47 -1.95 -2.81 2.93
N ILE A 48 -1.10 -2.43 3.89
CA ILE A 48 0.32 -2.19 3.63
C ILE A 48 1.18 -3.22 4.37
N ARG A 49 2.04 -3.93 3.63
CA ARG A 49 2.92 -4.94 4.22
C ARG A 49 4.39 -4.62 3.95
N GLU A 50 5.26 -5.06 4.86
CA GLU A 50 6.70 -4.82 4.72
C GLU A 50 7.43 -6.13 4.44
N ARG A 51 8.12 -6.18 3.30
CA ARG A 51 8.89 -7.36 2.90
C ARG A 51 10.39 -7.08 2.93
N PRO A 52 11.10 -7.61 3.94
CA PRO A 52 12.55 -7.41 4.09
C PRO A 52 13.33 -7.75 2.82
N ALA A 53 13.69 -6.72 2.05
CA ALA A 53 14.43 -6.92 0.80
C ALA A 53 15.63 -5.97 0.71
N GLU A 54 16.27 -5.93 -0.46
CA GLU A 54 17.43 -5.06 -0.67
C GLU A 54 17.04 -3.74 -1.33
N ALA A 55 16.50 -3.81 -2.55
CA ALA A 55 16.09 -2.61 -3.28
C ALA A 55 14.88 -1.94 -2.63
N GLU A 56 13.76 -2.66 -2.57
CA GLU A 56 12.54 -2.12 -1.99
C GLU A 56 12.17 -2.87 -0.69
N ARG A 57 11.63 -2.13 0.27
CA ARG A 57 11.24 -2.71 1.56
C ARG A 57 9.72 -2.67 1.76
N PHE A 58 9.10 -1.56 1.38
CA PHE A 58 7.65 -1.39 1.53
C PHE A 58 6.89 -2.06 0.38
N ALA A 59 5.65 -2.46 0.66
CA ALA A 59 4.79 -3.11 -0.34
C ALA A 59 3.31 -2.92 0.01
N ILE A 60 2.50 -2.71 -1.02
CA ILE A 60 1.06 -2.53 -0.83
C ILE A 60 0.27 -3.74 -1.32
N SER A 61 -0.80 -4.08 -0.61
CA SER A 61 -1.64 -5.22 -0.97
C SER A 61 -3.12 -4.81 -1.01
N ILE A 62 -3.82 -5.26 -2.04
CA ILE A 62 -5.24 -4.95 -2.19
C ILE A 62 -6.02 -6.15 -2.75
N LYS A 63 -7.35 -6.11 -2.61
CA LYS A 63 -8.21 -7.18 -3.11
C LYS A 63 -9.20 -6.64 -4.14
N PHE A 64 -8.98 -6.99 -5.40
CA PHE A 64 -9.84 -6.55 -6.49
C PHE A 64 -9.92 -7.63 -7.59
N ASN A 65 -11.05 -7.67 -8.29
CA ASN A 65 -11.26 -8.65 -9.36
C ASN A 65 -11.15 -10.07 -8.81
N ASP A 66 -11.60 -10.27 -7.57
CA ASP A 66 -11.57 -11.57 -6.91
C ASP A 66 -10.14 -12.13 -6.84
N GLU A 67 -9.16 -11.24 -6.66
CA GLU A 67 -7.76 -11.64 -6.57
C GLU A 67 -6.97 -10.68 -5.67
N VAL A 68 -6.06 -11.23 -4.86
CA VAL A 68 -5.25 -10.41 -3.96
C VAL A 68 -3.98 -9.92 -4.66
N LYS A 69 -3.86 -8.59 -4.79
CA LYS A 69 -2.70 -8.00 -5.45
C LYS A 69 -1.62 -7.62 -4.43
N HIS A 70 -0.37 -7.67 -4.87
CA HIS A 70 0.77 -7.33 -4.01
C HIS A 70 1.78 -6.46 -4.76
N ILE A 71 1.51 -5.15 -4.82
CA ILE A 71 2.39 -4.21 -5.51
C ILE A 71 3.63 -3.89 -4.67
N LYS A 72 4.79 -3.84 -5.33
CA LYS A 72 6.05 -3.54 -4.65
C LYS A 72 6.40 -2.05 -4.76
N VAL A 73 6.61 -1.41 -3.61
CA VAL A 73 6.94 0.02 -3.58
C VAL A 73 8.45 0.23 -3.44
N VAL A 74 9.02 0.96 -4.40
CA VAL A 74 10.47 1.23 -4.41
C VAL A 74 10.77 2.62 -3.87
N GLU A 75 11.87 2.73 -3.10
CA GLU A 75 12.29 4.01 -2.53
C GLU A 75 13.77 4.28 -2.83
N LYS A 76 14.06 5.49 -3.31
CA LYS A 76 15.43 5.87 -3.64
C LYS A 76 15.53 7.39 -3.84
N ASP A 77 16.72 7.94 -3.61
CA ASP A 77 16.96 9.38 -3.77
C ASP A 77 15.98 10.20 -2.92
N ASN A 78 15.58 9.64 -1.77
CA ASN A 78 14.64 10.31 -0.86
C ASN A 78 13.25 10.45 -1.49
N TRP A 79 12.91 9.52 -2.39
CA TRP A 79 11.61 9.54 -3.06
C TRP A 79 11.05 8.12 -3.16
N ILE A 80 9.73 8.01 -3.18
CA ILE A 80 9.06 6.71 -3.26
C ILE A 80 7.97 6.72 -4.33
N HIS A 81 7.85 5.58 -5.04
CA HIS A 81 6.83 5.44 -6.09
C HIS A 81 6.72 4.00 -6.57
N ILE A 82 5.50 3.60 -6.95
CA ILE A 82 5.25 2.26 -7.45
C ILE A 82 5.54 2.15 -8.94
N THR A 83 5.45 3.29 -9.65
CA THR A 83 5.71 3.34 -11.08
C THR A 83 6.33 4.68 -11.47
N GLU A 84 6.57 4.88 -12.75
CA GLU A 84 7.15 6.12 -13.25
C GLU A 84 6.08 7.08 -13.75
N ALA A 85 4.91 7.05 -13.09
CA ALA A 85 3.80 7.92 -13.47
C ALA A 85 3.68 9.11 -12.50
N LYS A 86 3.86 8.83 -11.20
CA LYS A 86 3.77 9.86 -10.17
C LYS A 86 4.72 9.59 -9.02
N LYS A 87 5.70 10.48 -8.84
CA LYS A 87 6.68 10.34 -7.77
C LYS A 87 6.26 11.12 -6.53
N PHE A 88 6.53 10.57 -5.35
CA PHE A 88 6.19 11.23 -4.09
C PHE A 88 7.36 11.25 -3.12
N ASP A 89 7.36 12.25 -2.21
CA ASP A 89 8.41 12.39 -1.22
C ASP A 89 8.41 11.22 -0.24
N SER A 90 7.24 10.90 0.32
CA SER A 90 7.11 9.80 1.28
C SER A 90 5.99 8.85 0.88
N LEU A 91 6.00 7.64 1.44
CA LEU A 91 4.97 6.64 1.12
C LEU A 91 3.60 7.08 1.62
N LEU A 92 3.56 7.80 2.74
CA LEU A 92 2.31 8.27 3.32
C LEU A 92 1.57 9.18 2.33
N GLU A 93 2.33 10.04 1.64
CA GLU A 93 1.75 10.96 0.66
C GLU A 93 1.29 10.20 -0.58
N LEU A 94 2.07 9.20 -0.99
CA LEU A 94 1.73 8.38 -2.16
C LEU A 94 0.39 7.68 -1.95
N VAL A 95 0.25 6.99 -0.80
CA VAL A 95 -0.98 6.27 -0.49
C VAL A 95 -2.15 7.22 -0.30
N GLU A 96 -1.92 8.35 0.36
CA GLU A 96 -2.97 9.33 0.60
C GLU A 96 -3.41 10.03 -0.69
N TYR A 97 -2.52 10.10 -1.68
CA TYR A 97 -2.83 10.75 -2.94
C TYR A 97 -3.72 9.87 -3.83
N TYR A 98 -3.33 8.61 -4.02
CA TYR A 98 -4.08 7.69 -4.88
C TYR A 98 -5.27 7.04 -4.15
N GLN A 99 -5.38 7.22 -2.83
CA GLN A 99 -6.49 6.63 -2.08
C GLN A 99 -7.83 7.23 -2.53
N CYS A 100 -7.79 8.50 -2.95
CA CYS A 100 -8.98 9.19 -3.42
C CYS A 100 -9.22 8.92 -4.91
N HIS A 101 -8.14 8.73 -5.66
CA HIS A 101 -8.24 8.47 -7.09
C HIS A 101 -8.14 6.97 -7.38
N SER A 102 -8.15 6.60 -8.66
CA SER A 102 -8.08 5.20 -9.07
C SER A 102 -6.64 4.76 -9.30
N LEU A 103 -6.41 3.44 -9.32
CA LEU A 103 -5.07 2.90 -9.54
C LEU A 103 -4.78 2.70 -11.04
N LYS A 104 -5.60 3.32 -11.90
CA LYS A 104 -5.41 3.22 -13.34
C LYS A 104 -4.11 3.88 -13.80
N GLU A 105 -3.57 4.78 -12.99
CA GLU A 105 -2.33 5.47 -13.33
C GLU A 105 -1.21 4.49 -13.63
N SER A 106 -1.16 3.40 -12.87
CA SER A 106 -0.14 2.38 -13.05
C SER A 106 -0.74 1.10 -13.65
N PHE A 107 -1.96 0.76 -13.23
CA PHE A 107 -2.63 -0.44 -13.73
C PHE A 107 -3.95 -0.07 -14.42
N LYS A 108 -3.92 -0.03 -15.76
CA LYS A 108 -5.11 0.30 -16.54
C LYS A 108 -6.29 -0.63 -16.21
N GLN A 109 -5.98 -1.87 -15.82
CA GLN A 109 -7.01 -2.84 -15.47
C GLN A 109 -7.52 -2.64 -14.03
N LEU A 110 -6.65 -2.09 -13.18
CA LEU A 110 -6.99 -1.84 -11.79
C LEU A 110 -7.54 -0.42 -11.59
N ASP A 111 -8.86 -0.30 -11.50
CA ASP A 111 -9.50 1.00 -11.30
C ASP A 111 -10.31 1.02 -10.00
N THR A 112 -9.59 0.92 -8.87
CA THR A 112 -10.23 0.92 -7.55
C THR A 112 -9.53 1.89 -6.60
N THR A 113 -10.25 2.31 -5.56
CA THR A 113 -9.71 3.24 -4.57
C THR A 113 -9.74 2.63 -3.16
N LEU A 114 -9.10 3.31 -2.21
CA LEU A 114 -9.06 2.85 -0.82
C LEU A 114 -10.45 2.91 -0.21
N LYS A 115 -11.07 1.75 -0.02
CA LYS A 115 -12.41 1.67 0.56
C LYS A 115 -12.39 1.26 2.03
N TYR A 116 -12.11 -0.01 2.29
CA TYR A 116 -12.06 -0.52 3.65
C TYR A 116 -10.72 -1.18 3.96
N PRO A 117 -10.24 -1.04 5.21
CA PRO A 117 -8.97 -1.64 5.63
C PRO A 117 -9.04 -3.17 5.67
N TYR A 118 -7.99 -3.79 6.21
CA TYR A 118 -7.94 -5.25 6.30
C TYR A 118 -8.12 -5.72 7.75
N LYS A 119 -7.52 -4.99 8.70
CA LYS A 119 -7.63 -5.35 10.12
C LYS A 119 -8.78 -4.61 10.80
N SER A 120 -8.98 -3.35 10.44
CA SER A 120 -10.05 -2.54 11.01
C SER A 120 -11.43 -3.16 10.78
N ARG A 121 -11.56 -3.97 9.72
CA ARG A 121 -12.83 -4.62 9.42
C ARG A 121 -13.07 -5.79 10.37
N GLU A 122 -13.44 -5.47 11.61
CA GLU A 122 -13.70 -6.48 12.63
C GLU A 122 -15.20 -6.59 12.93
N SER A 10 21.31 24.80 10.19
CA SER A 10 20.27 25.11 9.15
C SER A 10 20.14 23.97 8.14
N ARG A 11 20.62 22.80 8.50
CA ARG A 11 20.55 21.62 7.62
C ARG A 11 19.11 21.13 7.49
N PRO A 12 18.74 20.61 6.32
CA PRO A 12 17.38 20.09 6.06
C PRO A 12 17.10 18.80 6.82
N PRO A 13 16.21 18.84 7.83
CA PRO A 13 15.86 17.67 8.63
C PRO A 13 15.12 16.60 7.82
N SER A 14 15.39 15.34 8.12
CA SER A 14 14.75 14.22 7.43
C SER A 14 13.60 13.65 8.26
N ARG A 15 12.40 14.19 8.06
CA ARG A 15 11.21 13.75 8.79
C ARG A 15 10.82 12.33 8.40
N GLU A 16 9.82 11.78 9.10
CA GLU A 16 9.34 10.43 8.83
C GLU A 16 8.06 10.13 9.62
N ILE A 17 7.06 9.61 8.93
CA ILE A 17 5.78 9.28 9.55
C ILE A 17 5.70 7.80 9.91
N ASP A 18 5.10 7.49 11.06
CA ASP A 18 4.95 6.12 11.50
C ASP A 18 3.73 5.48 10.82
N TYR A 19 3.94 4.99 9.59
CA TYR A 19 2.87 4.35 8.84
C TYR A 19 2.30 3.16 9.59
N THR A 20 3.13 2.54 10.43
CA THR A 20 2.70 1.39 11.23
C THR A 20 1.53 1.76 12.15
N ALA A 21 1.50 3.01 12.60
CA ALA A 21 0.45 3.49 13.48
C ALA A 21 -0.91 3.54 12.76
N TYR A 22 -0.88 3.70 11.44
CA TYR A 22 -2.11 3.75 10.64
C TYR A 22 -2.89 2.44 10.75
N PRO A 23 -4.23 2.50 10.58
CA PRO A 23 -5.10 1.32 10.66
C PRO A 23 -4.97 0.40 9.44
N TRP A 24 -4.46 0.93 8.33
CA TRP A 24 -4.30 0.14 7.11
C TRP A 24 -2.86 -0.33 6.93
N PHE A 25 -2.17 -0.57 8.05
CA PHE A 25 -0.79 -1.02 8.01
C PHE A 25 -0.63 -2.39 8.67
N ALA A 26 0.21 -3.23 8.06
CA ALA A 26 0.48 -4.58 8.56
C ALA A 26 1.98 -4.78 8.75
N GLY A 27 2.34 -5.61 9.73
CA GLY A 27 3.74 -5.87 9.99
C GLY A 27 4.39 -6.71 8.91
N ASN A 28 5.43 -7.46 9.29
CA ASN A 28 6.14 -8.32 8.34
C ASN A 28 5.31 -9.59 8.06
N MET A 29 4.30 -9.43 7.20
CA MET A 29 3.43 -10.55 6.85
C MET A 29 3.95 -11.28 5.61
N GLU A 30 3.73 -12.60 5.57
CA GLU A 30 4.18 -13.42 4.44
C GLU A 30 3.20 -13.35 3.29
N ARG A 31 3.56 -13.98 2.16
CA ARG A 31 2.71 -13.99 0.98
C ARG A 31 1.46 -14.83 1.21
N GLN A 32 1.64 -16.00 1.83
CA GLN A 32 0.54 -16.91 2.12
C GLN A 32 -0.47 -16.25 3.07
N GLN A 33 0.04 -15.56 4.09
CA GLN A 33 -0.80 -14.88 5.06
C GLN A 33 -1.65 -13.80 4.39
N THR A 34 -1.00 -12.97 3.57
CA THR A 34 -1.69 -11.89 2.86
C THR A 34 -2.87 -12.44 2.05
N ASP A 35 -2.68 -13.59 1.42
CA ASP A 35 -3.72 -14.21 0.62
C ASP A 35 -4.86 -14.72 1.50
N ASN A 36 -4.53 -15.54 2.50
CA ASN A 36 -5.54 -16.09 3.42
C ASN A 36 -6.26 -14.97 4.18
N LEU A 37 -5.63 -13.81 4.28
CA LEU A 37 -6.22 -12.67 4.98
C LEU A 37 -7.36 -12.06 4.18
N LEU A 38 -7.09 -11.73 2.92
CA LEU A 38 -8.09 -11.14 2.04
C LEU A 38 -8.64 -12.18 1.07
N LYS A 39 -8.58 -13.45 1.47
CA LYS A 39 -9.06 -14.55 0.63
C LYS A 39 -10.58 -14.46 0.42
N SER A 40 -11.28 -13.85 1.38
CA SER A 40 -12.74 -13.70 1.29
C SER A 40 -13.16 -12.29 1.72
N HIS A 41 -12.31 -11.31 1.45
CA HIS A 41 -12.61 -9.93 1.81
C HIS A 41 -13.40 -9.24 0.70
N ALA A 42 -14.02 -8.11 1.04
CA ALA A 42 -14.82 -7.36 0.08
C ALA A 42 -13.92 -6.62 -0.92
N SER A 43 -14.49 -6.28 -2.08
CA SER A 43 -13.74 -5.56 -3.12
C SER A 43 -13.36 -4.17 -2.65
N GLY A 44 -12.07 -3.94 -2.46
CA GLY A 44 -11.59 -2.64 -2.01
C GLY A 44 -10.74 -2.71 -0.75
N THR A 45 -10.55 -3.91 -0.21
CA THR A 45 -9.76 -4.10 1.00
C THR A 45 -8.27 -3.87 0.69
N TYR A 46 -7.66 -2.92 1.39
CA TYR A 46 -6.25 -2.60 1.18
C TYR A 46 -5.44 -2.69 2.46
N LEU A 47 -4.17 -3.05 2.33
CA LEU A 47 -3.26 -3.18 3.47
C LEU A 47 -1.80 -3.03 3.05
N ILE A 48 -0.95 -2.62 3.98
CA ILE A 48 0.48 -2.45 3.71
C ILE A 48 1.31 -3.47 4.47
N ARG A 49 2.29 -4.08 3.79
CA ARG A 49 3.16 -5.07 4.42
C ARG A 49 4.63 -4.77 4.16
N GLU A 50 5.48 -5.00 5.16
CA GLU A 50 6.91 -4.75 5.04
C GLU A 50 7.67 -6.04 4.75
N ARG A 51 8.87 -5.91 4.16
CA ARG A 51 9.70 -7.06 3.84
C ARG A 51 11.18 -6.69 3.84
N PRO A 52 12.07 -7.69 4.04
CA PRO A 52 13.52 -7.47 4.07
C PRO A 52 14.07 -7.02 2.70
N ALA A 53 14.40 -5.74 2.59
CA ALA A 53 14.93 -5.19 1.35
C ALA A 53 15.72 -3.90 1.60
N GLU A 54 16.43 -3.45 0.58
CA GLU A 54 17.24 -2.23 0.68
C GLU A 54 16.35 -0.99 0.49
N ALA A 55 15.73 -0.89 -0.68
CA ALA A 55 14.86 0.25 -0.98
C ALA A 55 13.38 -0.16 -1.04
N GLU A 56 13.12 -1.35 -1.56
CA GLU A 56 11.76 -1.86 -1.67
C GLU A 56 11.39 -2.71 -0.46
N ARG A 57 11.23 -2.06 0.69
CA ARG A 57 10.88 -2.77 1.92
C ARG A 57 9.45 -2.47 2.35
N PHE A 58 8.61 -2.04 1.41
CA PHE A 58 7.21 -1.73 1.70
C PHE A 58 6.31 -2.13 0.53
N ALA A 59 5.32 -2.98 0.81
CA ALA A 59 4.39 -3.44 -0.22
C ALA A 59 2.96 -3.05 0.12
N ILE A 60 2.09 -3.06 -0.89
CA ILE A 60 0.69 -2.71 -0.71
C ILE A 60 -0.22 -3.78 -1.30
N SER A 61 -0.63 -4.74 -0.45
CA SER A 61 -1.51 -5.82 -0.88
C SER A 61 -2.97 -5.36 -0.85
N ILE A 62 -3.61 -5.41 -2.02
CA ILE A 62 -5.01 -5.00 -2.12
C ILE A 62 -5.90 -6.12 -2.64
N LYS A 63 -7.18 -6.07 -2.27
CA LYS A 63 -8.16 -7.06 -2.66
C LYS A 63 -9.13 -6.49 -3.70
N PHE A 64 -9.07 -7.05 -4.91
CA PHE A 64 -9.96 -6.59 -6.00
C PHE A 64 -10.23 -7.72 -6.99
N ASN A 65 -11.40 -7.66 -7.63
CA ASN A 65 -11.80 -8.67 -8.61
C ASN A 65 -11.80 -10.06 -7.98
N ASP A 66 -12.21 -10.14 -6.72
CA ASP A 66 -12.26 -11.41 -5.98
C ASP A 66 -10.88 -12.09 -5.96
N GLU A 67 -9.83 -11.27 -6.01
CA GLU A 67 -8.46 -11.77 -5.99
C GLU A 67 -7.58 -10.97 -5.03
N VAL A 68 -6.30 -11.33 -4.95
CA VAL A 68 -5.37 -10.64 -4.06
C VAL A 68 -4.11 -10.22 -4.82
N LYS A 69 -3.93 -8.90 -4.98
CA LYS A 69 -2.77 -8.37 -5.69
C LYS A 69 -1.65 -8.03 -4.71
N HIS A 70 -0.41 -7.94 -5.22
CA HIS A 70 0.75 -7.63 -4.40
C HIS A 70 1.60 -6.52 -5.02
N ILE A 71 1.38 -5.29 -4.56
CA ILE A 71 2.13 -4.13 -5.07
C ILE A 71 3.43 -3.92 -4.31
N LYS A 72 4.41 -3.31 -4.98
CA LYS A 72 5.72 -3.05 -4.38
C LYS A 72 6.04 -1.54 -4.37
N VAL A 73 6.38 -1.03 -3.19
CA VAL A 73 6.72 0.39 -3.03
C VAL A 73 8.23 0.58 -2.83
N VAL A 74 8.85 1.37 -3.70
CA VAL A 74 10.29 1.61 -3.62
C VAL A 74 10.60 3.04 -3.15
N GLU A 75 11.67 3.18 -2.36
CA GLU A 75 12.10 4.48 -1.84
C GLU A 75 13.51 4.82 -2.33
N LYS A 76 13.67 6.02 -2.88
CA LYS A 76 14.97 6.48 -3.38
C LYS A 76 15.04 8.00 -3.38
N ASP A 77 16.22 8.53 -3.05
CA ASP A 77 16.44 9.98 -3.02
C ASP A 77 15.42 10.69 -2.12
N ASN A 78 15.05 10.03 -1.02
CA ASN A 78 14.07 10.58 -0.08
C ASN A 78 12.68 10.70 -0.71
N TRP A 79 12.42 9.86 -1.71
CA TRP A 79 11.13 9.85 -2.40
C TRP A 79 10.60 8.43 -2.50
N ILE A 80 9.27 8.30 -2.59
CA ILE A 80 8.65 6.98 -2.68
C ILE A 80 7.64 6.91 -3.83
N HIS A 81 7.64 5.78 -4.54
CA HIS A 81 6.73 5.57 -5.66
C HIS A 81 6.77 4.12 -6.15
N ILE A 82 5.58 3.55 -6.40
CA ILE A 82 5.48 2.18 -6.88
C ILE A 82 5.92 2.05 -8.33
N THR A 83 5.73 3.13 -9.10
CA THR A 83 6.11 3.15 -10.51
C THR A 83 6.69 4.51 -10.89
N GLU A 84 7.00 4.69 -12.17
CA GLU A 84 7.56 5.95 -12.65
C GLU A 84 6.47 6.84 -13.26
N ALA A 85 5.24 6.71 -12.76
CA ALA A 85 4.13 7.52 -13.24
C ALA A 85 3.94 8.76 -12.38
N LYS A 86 4.15 8.62 -11.07
CA LYS A 86 3.99 9.74 -10.13
C LYS A 86 4.84 9.52 -8.88
N LYS A 87 5.76 10.45 -8.63
CA LYS A 87 6.65 10.37 -7.48
C LYS A 87 6.06 11.13 -6.28
N PHE A 88 6.31 10.64 -5.07
CA PHE A 88 5.80 11.28 -3.86
C PHE A 88 6.90 11.48 -2.82
N ASP A 89 6.72 12.49 -1.97
CA ASP A 89 7.69 12.79 -0.92
C ASP A 89 7.63 11.74 0.19
N SER A 90 6.43 11.50 0.71
CA SER A 90 6.23 10.52 1.78
C SER A 90 5.27 9.41 1.34
N LEU A 91 5.38 8.25 1.99
CA LEU A 91 4.52 7.12 1.69
C LEU A 91 3.06 7.44 2.00
N LEU A 92 2.84 8.28 3.01
CA LEU A 92 1.49 8.66 3.40
C LEU A 92 0.83 9.52 2.32
N GLU A 93 1.62 10.39 1.70
CA GLU A 93 1.11 11.26 0.63
C GLU A 93 0.60 10.43 -0.53
N LEU A 94 1.33 9.37 -0.88
CA LEU A 94 0.94 8.49 -1.98
C LEU A 94 -0.41 7.85 -1.69
N VAL A 95 -0.57 7.31 -0.48
CA VAL A 95 -1.83 6.66 -0.09
C VAL A 95 -2.99 7.65 -0.14
N GLU A 96 -2.80 8.83 0.46
CA GLU A 96 -3.84 9.85 0.47
C GLU A 96 -4.18 10.31 -0.95
N TYR A 97 -3.16 10.47 -1.78
CA TYR A 97 -3.35 10.89 -3.16
C TYR A 97 -4.14 9.84 -3.94
N TYR A 98 -3.83 8.58 -3.70
CA TYR A 98 -4.52 7.48 -4.39
C TYR A 98 -5.86 7.16 -3.73
N GLN A 99 -6.04 7.59 -2.49
CA GLN A 99 -7.30 7.35 -1.77
C GLN A 99 -8.49 7.86 -2.59
N CYS A 100 -8.28 8.97 -3.30
CA CYS A 100 -9.32 9.56 -4.13
C CYS A 100 -8.92 9.55 -5.61
N HIS A 101 -8.05 8.62 -5.99
CA HIS A 101 -7.60 8.51 -7.38
C HIS A 101 -7.43 7.04 -7.79
N SER A 102 -8.16 6.63 -8.82
CA SER A 102 -8.10 5.25 -9.31
C SER A 102 -6.70 4.87 -9.76
N LEU A 103 -6.40 3.56 -9.74
CA LEU A 103 -5.09 3.07 -10.15
C LEU A 103 -5.02 2.78 -11.65
N LYS A 104 -5.97 3.34 -12.42
CA LYS A 104 -5.99 3.14 -13.87
C LYS A 104 -4.82 3.87 -14.56
N GLU A 105 -4.47 5.04 -14.02
CA GLU A 105 -3.37 5.82 -14.59
C GLU A 105 -2.06 5.06 -14.57
N SER A 106 -1.84 4.30 -13.49
CA SER A 106 -0.62 3.50 -13.36
C SER A 106 -0.83 2.08 -13.87
N PHE A 107 -2.03 1.53 -13.63
CA PHE A 107 -2.36 0.18 -14.06
C PHE A 107 -3.66 0.18 -14.86
N LYS A 108 -3.54 0.15 -16.18
CA LYS A 108 -4.72 0.13 -17.07
C LYS A 108 -5.65 -1.04 -16.74
N GLN A 109 -5.07 -2.13 -16.25
CA GLN A 109 -5.85 -3.32 -15.89
C GLN A 109 -6.31 -3.29 -14.43
N LEU A 110 -6.21 -2.12 -13.79
CA LEU A 110 -6.63 -2.00 -12.39
C LEU A 110 -7.29 -0.64 -12.14
N ASP A 111 -8.61 -0.65 -11.94
CA ASP A 111 -9.35 0.58 -11.68
C ASP A 111 -9.98 0.55 -10.30
N THR A 112 -9.12 0.66 -9.28
CA THR A 112 -9.59 0.64 -7.90
C THR A 112 -8.73 1.55 -7.02
N THR A 113 -9.18 1.76 -5.78
CA THR A 113 -8.48 2.63 -4.83
C THR A 113 -8.49 2.01 -3.42
N LEU A 114 -8.12 2.80 -2.43
CA LEU A 114 -8.10 2.34 -1.03
C LEU A 114 -9.49 2.52 -0.42
N LYS A 115 -10.36 1.52 -0.61
CA LYS A 115 -11.72 1.57 -0.08
C LYS A 115 -11.76 1.42 1.44
N TYR A 116 -11.43 0.22 1.92
CA TYR A 116 -11.44 -0.05 3.37
C TYR A 116 -10.20 -0.83 3.80
N PRO A 117 -9.70 -0.55 5.02
CA PRO A 117 -8.51 -1.24 5.56
C PRO A 117 -8.78 -2.72 5.85
N TYR A 118 -7.85 -3.37 6.54
CA TYR A 118 -7.98 -4.77 6.87
C TYR A 118 -8.15 -4.98 8.38
N LYS A 119 -8.62 -3.96 9.08
CA LYS A 119 -8.83 -4.05 10.52
C LYS A 119 -10.27 -4.46 10.86
N SER A 120 -11.17 -3.48 10.87
CA SER A 120 -12.58 -3.75 11.18
C SER A 120 -13.49 -3.44 9.98
N ARG A 121 -13.15 -2.38 9.25
CA ARG A 121 -13.92 -1.97 8.09
C ARG A 121 -13.98 -3.08 7.05
N GLU A 122 -15.16 -3.68 6.89
CA GLU A 122 -15.35 -4.77 5.92
C GLU A 122 -16.03 -4.26 4.65
N SER A 10 19.81 -1.53 25.83
CA SER A 10 18.91 -1.30 24.66
C SER A 10 19.40 -0.15 23.80
N ARG A 11 18.93 -0.11 22.55
CA ARG A 11 19.32 0.95 21.62
C ARG A 11 18.31 1.05 20.47
N PRO A 12 17.13 1.66 20.73
CA PRO A 12 16.08 1.82 19.71
C PRO A 12 16.62 2.47 18.44
N PRO A 13 16.74 1.68 17.34
CA PRO A 13 17.24 2.17 16.05
C PRO A 13 16.44 3.35 15.53
N SER A 14 17.02 4.09 14.58
CA SER A 14 16.36 5.25 13.98
C SER A 14 15.09 4.83 13.23
N ARG A 15 13.96 4.87 13.93
CA ARG A 15 12.67 4.48 13.34
C ARG A 15 12.20 5.53 12.31
N GLU A 16 11.07 5.23 11.66
CA GLU A 16 10.50 6.12 10.66
C GLU A 16 9.13 6.64 11.12
N ILE A 17 8.24 6.86 10.17
CA ILE A 17 6.89 7.35 10.48
C ILE A 17 6.07 6.26 11.16
N ASP A 18 5.15 6.66 12.04
CA ASP A 18 4.31 5.71 12.76
C ASP A 18 3.25 5.10 11.84
N TYR A 19 3.69 4.38 10.83
CA TYR A 19 2.78 3.75 9.88
C TYR A 19 1.95 2.66 10.56
N THR A 20 2.48 2.09 11.65
CA THR A 20 1.78 1.04 12.40
C THR A 20 0.48 1.57 13.01
N ALA A 21 0.49 2.85 13.39
CA ALA A 21 -0.70 3.48 13.98
C ALA A 21 -1.90 3.41 13.05
N TYR A 22 -1.63 3.40 11.73
CA TYR A 22 -2.69 3.33 10.72
C TYR A 22 -3.29 1.92 10.65
N PRO A 23 -4.55 1.82 10.19
CA PRO A 23 -5.24 0.53 10.07
C PRO A 23 -4.85 -0.26 8.80
N TRP A 24 -3.94 0.30 7.98
CA TRP A 24 -3.52 -0.37 6.76
C TRP A 24 -2.07 -0.89 6.86
N PHE A 25 -1.57 -1.04 8.09
CA PHE A 25 -0.21 -1.52 8.29
C PHE A 25 -0.19 -2.96 8.81
N ALA A 26 0.77 -3.74 8.33
CA ALA A 26 0.93 -5.13 8.74
C ALA A 26 2.33 -5.40 9.30
N GLY A 27 3.35 -4.93 8.60
CA GLY A 27 4.72 -5.14 9.03
C GLY A 27 5.47 -6.09 8.12
N ASN A 28 6.30 -6.95 8.72
CA ASN A 28 7.07 -7.92 7.94
C ASN A 28 6.35 -9.27 7.90
N MET A 29 5.08 -9.25 7.48
CA MET A 29 4.28 -10.47 7.39
C MET A 29 4.60 -11.27 6.13
N GLU A 30 4.00 -12.46 6.01
CA GLU A 30 4.23 -13.33 4.85
C GLU A 30 3.14 -13.12 3.79
N ARG A 31 3.49 -13.39 2.53
CA ARG A 31 2.56 -13.24 1.40
C ARG A 31 1.36 -14.19 1.57
N GLN A 32 1.63 -15.41 2.01
CA GLN A 32 0.58 -16.41 2.20
C GLN A 32 -0.49 -15.90 3.17
N GLN A 33 -0.06 -15.32 4.29
CA GLN A 33 -0.98 -14.79 5.29
C GLN A 33 -1.80 -13.64 4.73
N THR A 34 -1.15 -12.77 3.95
CA THR A 34 -1.84 -11.62 3.36
C THR A 34 -2.93 -12.09 2.40
N ASP A 35 -2.58 -13.01 1.49
CA ASP A 35 -3.53 -13.54 0.52
C ASP A 35 -4.68 -14.25 1.22
N ASN A 36 -4.36 -14.93 2.33
CA ASN A 36 -5.34 -15.67 3.11
C ASN A 36 -6.16 -14.73 4.00
N LEU A 37 -5.60 -13.56 4.32
CA LEU A 37 -6.28 -12.57 5.16
C LEU A 37 -7.42 -11.92 4.40
N LEU A 38 -7.12 -11.41 3.21
CA LEU A 38 -8.12 -10.75 2.37
C LEU A 38 -8.69 -11.72 1.34
N LYS A 39 -8.58 -13.03 1.62
CA LYS A 39 -9.09 -14.05 0.72
C LYS A 39 -10.62 -14.00 0.62
N SER A 40 -11.27 -13.52 1.69
CA SER A 40 -12.73 -13.43 1.72
C SER A 40 -13.20 -11.96 1.71
N HIS A 41 -12.28 -11.03 1.92
CA HIS A 41 -12.61 -9.61 1.93
C HIS A 41 -13.22 -9.17 0.60
N ALA A 42 -13.86 -7.99 0.60
CA ALA A 42 -14.49 -7.46 -0.60
C ALA A 42 -13.45 -6.85 -1.55
N SER A 43 -13.89 -6.45 -2.75
CA SER A 43 -13.00 -5.86 -3.73
C SER A 43 -12.75 -4.38 -3.40
N GLY A 44 -12.16 -4.12 -2.24
CA GLY A 44 -11.88 -2.75 -1.83
C GLY A 44 -11.11 -2.69 -0.52
N THR A 45 -10.22 -3.66 -0.32
CA THR A 45 -9.40 -3.71 0.89
C THR A 45 -7.92 -3.54 0.52
N TYR A 46 -7.27 -2.55 1.14
CA TYR A 46 -5.87 -2.26 0.86
C TYR A 46 -5.00 -2.35 2.11
N LEU A 47 -3.70 -2.58 1.91
CA LEU A 47 -2.74 -2.68 3.01
C LEU A 47 -1.31 -2.43 2.53
N ILE A 48 -0.40 -2.21 3.48
CA ILE A 48 1.01 -1.96 3.17
C ILE A 48 1.93 -2.72 4.13
N ARG A 49 2.87 -3.46 3.56
CA ARG A 49 3.83 -4.25 4.37
C ARG A 49 5.26 -3.88 4.01
N GLU A 50 6.21 -4.44 4.75
CA GLU A 50 7.64 -4.19 4.52
C GLU A 50 8.31 -5.40 3.87
N ARG A 51 9.42 -5.14 3.16
CA ARG A 51 10.17 -6.20 2.50
C ARG A 51 11.67 -5.98 2.67
N PRO A 52 12.33 -6.78 3.53
CA PRO A 52 13.77 -6.66 3.77
C PRO A 52 14.60 -7.12 2.56
N ALA A 53 14.66 -6.27 1.54
CA ALA A 53 15.39 -6.58 0.32
C ALA A 53 16.23 -5.39 -0.13
N GLU A 54 17.14 -5.64 -1.08
CA GLU A 54 18.01 -4.59 -1.60
C GLU A 54 17.34 -3.84 -2.75
N ALA A 55 16.62 -4.56 -3.60
CA ALA A 55 15.92 -3.96 -4.74
C ALA A 55 14.75 -3.08 -4.27
N GLU A 56 13.74 -3.71 -3.67
CA GLU A 56 12.56 -2.99 -3.18
C GLU A 56 12.62 -2.81 -1.67
N ARG A 57 11.79 -1.90 -1.16
CA ARG A 57 11.73 -1.64 0.28
C ARG A 57 10.31 -1.84 0.82
N PHE A 58 9.33 -1.24 0.15
CA PHE A 58 7.94 -1.35 0.55
C PHE A 58 7.06 -1.91 -0.58
N ALA A 59 5.87 -2.40 -0.23
CA ALA A 59 4.94 -2.95 -1.20
C ALA A 59 3.49 -2.74 -0.77
N ILE A 60 2.60 -2.58 -1.75
CA ILE A 60 1.18 -2.37 -1.47
C ILE A 60 0.35 -3.57 -1.91
N SER A 61 -0.64 -3.93 -1.09
CA SER A 61 -1.50 -5.08 -1.38
C SER A 61 -2.98 -4.69 -1.32
N ILE A 62 -3.71 -4.95 -2.40
CA ILE A 62 -5.14 -4.63 -2.47
C ILE A 62 -5.96 -5.84 -2.90
N LYS A 63 -7.26 -5.80 -2.62
CA LYS A 63 -8.17 -6.89 -2.97
C LYS A 63 -9.02 -6.52 -4.19
N PHE A 64 -8.90 -7.32 -5.25
CA PHE A 64 -9.66 -7.10 -6.48
C PHE A 64 -9.67 -8.35 -7.34
N ASN A 65 -10.74 -8.53 -8.12
CA ASN A 65 -10.89 -9.69 -8.98
C ASN A 65 -10.86 -10.99 -8.16
N ASP A 66 -11.47 -10.94 -6.97
CA ASP A 66 -11.54 -12.10 -6.08
C ASP A 66 -10.13 -12.65 -5.76
N GLU A 67 -9.17 -11.75 -5.57
CA GLU A 67 -7.80 -12.15 -5.25
C GLU A 67 -7.01 -10.97 -4.66
N VAL A 68 -6.00 -11.28 -3.86
CA VAL A 68 -5.17 -10.25 -3.23
C VAL A 68 -3.98 -9.89 -4.13
N LYS A 69 -4.00 -8.68 -4.68
CA LYS A 69 -2.93 -8.21 -5.56
C LYS A 69 -1.72 -7.72 -4.75
N HIS A 70 -0.55 -7.76 -5.38
CA HIS A 70 0.69 -7.31 -4.73
C HIS A 70 1.45 -6.33 -5.62
N ILE A 71 1.25 -5.04 -5.36
CA ILE A 71 1.92 -3.98 -6.14
C ILE A 71 3.33 -3.71 -5.60
N LYS A 72 4.25 -3.36 -6.51
CA LYS A 72 5.63 -3.06 -6.13
C LYS A 72 5.85 -1.56 -5.94
N VAL A 73 6.60 -1.20 -4.88
CA VAL A 73 6.89 0.20 -4.58
C VAL A 73 8.39 0.41 -4.32
N VAL A 74 8.93 1.51 -4.84
CA VAL A 74 10.35 1.83 -4.68
C VAL A 74 10.54 3.03 -3.73
N GLU A 75 11.56 2.93 -2.86
CA GLU A 75 11.85 4.01 -1.91
C GLU A 75 13.34 4.37 -1.92
N LYS A 76 13.64 5.59 -2.38
CA LYS A 76 15.03 6.07 -2.45
C LYS A 76 15.07 7.60 -2.53
N ASP A 77 16.22 8.18 -2.13
CA ASP A 77 16.40 9.64 -2.16
C ASP A 77 15.31 10.36 -1.37
N ASN A 78 14.81 9.72 -0.32
CA ASN A 78 13.76 10.31 0.51
C ASN A 78 12.44 10.45 -0.28
N TRP A 79 12.27 9.59 -1.29
CA TRP A 79 11.07 9.61 -2.12
C TRP A 79 10.44 8.22 -2.19
N ILE A 80 9.24 8.14 -2.77
CA ILE A 80 8.54 6.86 -2.89
C ILE A 80 7.46 6.92 -3.97
N HIS A 81 7.38 5.87 -4.79
CA HIS A 81 6.40 5.79 -5.87
C HIS A 81 6.45 4.44 -6.58
N ILE A 82 5.29 3.98 -7.05
CA ILE A 82 5.20 2.71 -7.77
C ILE A 82 5.70 2.86 -9.21
N THR A 83 5.55 4.06 -9.77
CA THR A 83 5.98 4.35 -11.13
C THR A 83 6.34 5.83 -11.29
N GLU A 84 6.59 6.25 -12.52
CA GLU A 84 6.95 7.64 -12.81
C GLU A 84 5.73 8.46 -13.19
N ALA A 85 4.57 8.09 -12.65
CA ALA A 85 3.33 8.81 -12.92
C ALA A 85 3.13 9.92 -11.89
N LYS A 86 3.42 9.61 -10.63
CA LYS A 86 3.30 10.58 -9.53
C LYS A 86 4.30 10.28 -8.43
N LYS A 87 5.23 11.21 -8.21
CA LYS A 87 6.26 11.05 -7.17
C LYS A 87 5.75 11.56 -5.83
N PHE A 88 6.06 10.84 -4.75
CA PHE A 88 5.62 11.23 -3.41
C PHE A 88 6.78 11.22 -2.42
N ASP A 89 6.82 12.23 -1.55
CA ASP A 89 7.88 12.34 -0.56
C ASP A 89 7.77 11.22 0.48
N SER A 90 6.56 11.00 0.98
CA SER A 90 6.32 9.96 1.99
C SER A 90 5.30 8.95 1.48
N LEU A 91 5.34 7.74 2.05
CA LEU A 91 4.41 6.68 1.66
C LEU A 91 2.97 7.07 1.97
N LEU A 92 2.77 7.83 3.04
CA LEU A 92 1.43 8.26 3.42
C LEU A 92 0.85 9.24 2.39
N GLU A 93 1.70 10.10 1.84
CA GLU A 93 1.28 11.06 0.83
C GLU A 93 0.71 10.34 -0.39
N LEU A 94 1.38 9.28 -0.82
CA LEU A 94 0.94 8.49 -1.96
C LEU A 94 -0.41 7.84 -1.68
N VAL A 95 -0.55 7.27 -0.48
CA VAL A 95 -1.80 6.62 -0.07
C VAL A 95 -2.99 7.58 -0.17
N GLU A 96 -2.83 8.77 0.39
CA GLU A 96 -3.89 9.78 0.35
C GLU A 96 -4.29 10.13 -1.09
N TYR A 97 -3.29 10.25 -1.97
CA TYR A 97 -3.54 10.56 -3.38
C TYR A 97 -4.33 9.45 -4.06
N TYR A 98 -3.86 8.21 -3.90
CA TYR A 98 -4.52 7.05 -4.51
C TYR A 98 -5.82 6.70 -3.78
N GLN A 99 -5.97 7.15 -2.53
CA GLN A 99 -7.18 6.86 -1.76
C GLN A 99 -8.42 7.32 -2.52
N CYS A 100 -8.27 8.42 -3.27
CA CYS A 100 -9.38 8.98 -4.05
C CYS A 100 -9.15 8.78 -5.55
N HIS A 101 -7.91 8.92 -6.00
CA HIS A 101 -7.59 8.76 -7.42
C HIS A 101 -7.28 7.30 -7.78
N SER A 102 -7.85 6.83 -8.88
CA SER A 102 -7.64 5.45 -9.34
C SER A 102 -6.24 5.26 -9.90
N LEU A 103 -5.73 4.02 -9.83
CA LEU A 103 -4.40 3.70 -10.34
C LEU A 103 -4.48 2.99 -11.69
N LYS A 104 -5.57 3.20 -12.42
CA LYS A 104 -5.76 2.57 -13.74
C LYS A 104 -4.67 3.02 -14.72
N GLU A 105 -4.17 4.25 -14.55
CA GLU A 105 -3.13 4.78 -15.42
C GLU A 105 -1.92 3.85 -15.46
N SER A 106 -1.58 3.30 -14.30
CA SER A 106 -0.45 2.37 -14.20
C SER A 106 -0.94 0.92 -14.33
N PHE A 107 -2.10 0.62 -13.75
CA PHE A 107 -2.68 -0.71 -13.81
C PHE A 107 -4.05 -0.68 -14.49
N LYS A 108 -4.05 -0.81 -15.82
CA LYS A 108 -5.30 -0.80 -16.59
C LYS A 108 -6.27 -1.86 -16.11
N GLN A 109 -5.74 -2.98 -15.59
CA GLN A 109 -6.56 -4.08 -15.09
C GLN A 109 -6.81 -3.94 -13.59
N LEU A 110 -6.59 -2.75 -13.03
CA LEU A 110 -6.79 -2.51 -11.61
C LEU A 110 -7.40 -1.14 -11.37
N ASP A 111 -8.58 -0.90 -11.96
CA ASP A 111 -9.27 0.38 -11.81
C ASP A 111 -10.01 0.42 -10.46
N THR A 112 -9.23 0.45 -9.38
CA THR A 112 -9.79 0.46 -8.03
C THR A 112 -9.01 1.42 -7.13
N THR A 113 -9.67 1.92 -6.10
CA THR A 113 -9.04 2.85 -5.15
C THR A 113 -9.13 2.32 -3.72
N LEU A 114 -8.32 2.90 -2.83
CA LEU A 114 -8.30 2.50 -1.43
C LEU A 114 -9.62 2.84 -0.75
N LYS A 115 -10.20 1.88 -0.05
CA LYS A 115 -11.48 2.08 0.64
C LYS A 115 -11.43 1.65 2.10
N TYR A 116 -11.39 0.33 2.33
CA TYR A 116 -11.38 -0.20 3.70
C TYR A 116 -10.04 -0.90 4.00
N PRO A 117 -9.20 -0.29 4.86
CA PRO A 117 -7.91 -0.88 5.23
C PRO A 117 -8.08 -2.09 6.15
N TYR A 118 -7.61 -3.25 5.67
CA TYR A 118 -7.70 -4.50 6.42
C TYR A 118 -9.11 -4.75 6.98
N LYS A 119 -9.34 -4.32 8.22
CA LYS A 119 -10.64 -4.52 8.87
C LYS A 119 -11.77 -3.83 8.10
N SER A 120 -11.96 -2.53 8.33
CA SER A 120 -13.00 -1.77 7.66
C SER A 120 -12.64 -0.28 7.62
N ARG A 121 -12.62 0.35 8.80
CA ARG A 121 -12.28 1.76 8.92
C ARG A 121 -12.25 2.21 10.39
N GLU A 122 -11.69 1.37 11.26
CA GLU A 122 -11.60 1.68 12.68
C GLU A 122 -10.19 2.13 13.04
N SER A 10 1.12 19.12 9.49
CA SER A 10 2.05 18.61 8.44
C SER A 10 3.38 19.36 8.46
N ARG A 11 4.47 18.61 8.51
CA ARG A 11 5.82 19.20 8.54
C ARG A 11 6.54 18.95 7.23
N PRO A 12 7.25 19.97 6.69
CA PRO A 12 7.99 19.85 5.43
C PRO A 12 8.79 18.54 5.33
N PRO A 13 9.68 18.25 6.30
CA PRO A 13 10.49 17.02 6.28
C PRO A 13 9.67 15.76 6.61
N SER A 14 10.26 14.59 6.33
CA SER A 14 9.58 13.32 6.60
C SER A 14 10.58 12.21 6.92
N ARG A 15 11.11 12.22 8.15
CA ARG A 15 12.08 11.22 8.59
C ARG A 15 11.58 10.47 9.84
N GLU A 16 10.29 10.57 10.13
CA GLU A 16 9.70 9.90 11.29
C GLU A 16 8.18 10.04 11.28
N ILE A 17 7.49 8.91 11.11
CA ILE A 17 6.03 8.91 11.07
C ILE A 17 5.44 7.67 11.75
N ASP A 18 4.20 7.80 12.23
CA ASP A 18 3.51 6.70 12.88
C ASP A 18 2.60 5.99 11.88
N TYR A 19 3.21 5.36 10.87
CA TYR A 19 2.46 4.65 9.84
C TYR A 19 1.62 3.52 10.48
N THR A 20 2.01 3.08 11.68
CA THR A 20 1.30 2.03 12.40
C THR A 20 -0.04 2.55 12.94
N ALA A 21 -0.09 3.84 13.25
CA ALA A 21 -1.31 4.46 13.78
C ALA A 21 -2.47 4.33 12.79
N TYR A 22 -2.17 4.35 11.50
CA TYR A 22 -3.19 4.23 10.46
C TYR A 22 -3.91 2.88 10.55
N PRO A 23 -5.18 2.83 10.11
CA PRO A 23 -5.99 1.60 10.15
C PRO A 23 -5.74 0.66 8.95
N TRP A 24 -4.68 0.92 8.18
CA TRP A 24 -4.35 0.09 7.02
C TRP A 24 -2.90 -0.39 7.05
N PHE A 25 -2.32 -0.47 8.25
CA PHE A 25 -0.94 -0.92 8.41
C PHE A 25 -0.88 -2.35 8.91
N ALA A 26 -0.08 -3.18 8.24
CA ALA A 26 0.08 -4.59 8.62
C ALA A 26 1.43 -4.84 9.28
N GLY A 27 2.51 -4.50 8.58
CA GLY A 27 3.85 -4.69 9.11
C GLY A 27 4.58 -5.84 8.44
N ASN A 28 5.39 -6.56 9.22
CA ASN A 28 6.15 -7.69 8.70
C ASN A 28 5.31 -8.97 8.71
N MET A 29 4.53 -9.17 7.65
CA MET A 29 3.67 -10.34 7.52
C MET A 29 4.09 -11.20 6.32
N GLU A 30 3.95 -12.52 6.47
CA GLU A 30 4.30 -13.46 5.40
C GLU A 30 3.29 -13.40 4.25
N ARG A 31 3.72 -13.81 3.06
CA ARG A 31 2.85 -13.83 1.88
C ARG A 31 1.65 -14.75 2.10
N GLN A 32 1.90 -15.91 2.70
CA GLN A 32 0.83 -16.88 2.97
C GLN A 32 -0.30 -16.25 3.78
N GLN A 33 0.07 -15.36 4.71
CA GLN A 33 -0.91 -14.68 5.55
C GLN A 33 -1.65 -13.60 4.76
N THR A 34 -0.90 -12.74 4.06
CA THR A 34 -1.48 -11.67 3.27
C THR A 34 -2.55 -12.20 2.32
N ASP A 35 -2.28 -13.36 1.72
CA ASP A 35 -3.23 -13.98 0.79
C ASP A 35 -4.48 -14.45 1.51
N ASN A 36 -4.31 -15.27 2.55
CA ASN A 36 -5.44 -15.80 3.33
C ASN A 36 -6.24 -14.66 3.99
N LEU A 37 -5.58 -13.52 4.20
CA LEU A 37 -6.23 -12.37 4.83
C LEU A 37 -7.25 -11.75 3.87
N LEU A 38 -6.84 -11.55 2.62
CA LEU A 38 -7.71 -10.97 1.59
C LEU A 38 -8.36 -12.07 0.74
N LYS A 39 -8.31 -13.32 1.21
CA LYS A 39 -8.89 -14.44 0.49
C LYS A 39 -10.41 -14.47 0.64
N SER A 40 -10.92 -13.90 1.72
CA SER A 40 -12.36 -13.87 1.97
C SER A 40 -12.93 -12.45 1.82
N HIS A 41 -12.07 -11.44 2.01
CA HIS A 41 -12.48 -10.04 1.90
C HIS A 41 -13.14 -9.76 0.54
N ALA A 42 -13.91 -8.67 0.48
CA ALA A 42 -14.60 -8.28 -0.75
C ALA A 42 -13.68 -7.47 -1.66
N SER A 43 -14.22 -7.02 -2.80
CA SER A 43 -13.45 -6.23 -3.76
C SER A 43 -13.30 -4.78 -3.28
N GLY A 44 -12.49 -4.59 -2.23
CA GLY A 44 -12.27 -3.25 -1.69
C GLY A 44 -11.54 -3.28 -0.36
N THR A 45 -10.53 -4.14 -0.26
CA THR A 45 -9.75 -4.27 0.96
C THR A 45 -8.26 -4.06 0.68
N TYR A 46 -7.67 -3.08 1.35
CA TYR A 46 -6.24 -2.78 1.15
C TYR A 46 -5.45 -2.89 2.45
N LEU A 47 -4.16 -3.20 2.33
CA LEU A 47 -3.27 -3.33 3.49
C LEU A 47 -1.81 -3.12 3.08
N ILE A 48 -1.08 -2.38 3.91
CA ILE A 48 0.33 -2.09 3.65
C ILE A 48 1.24 -3.01 4.46
N ARG A 49 2.24 -3.58 3.79
CA ARG A 49 3.19 -4.50 4.44
C ARG A 49 4.62 -3.98 4.33
N GLU A 50 5.43 -4.29 5.34
CA GLU A 50 6.84 -3.86 5.37
C GLU A 50 7.78 -5.05 5.52
N ARG A 51 9.05 -4.86 5.15
CA ARG A 51 10.06 -5.90 5.24
C ARG A 51 11.41 -5.32 5.68
N PRO A 52 12.30 -6.16 6.25
CA PRO A 52 13.62 -5.73 6.72
C PRO A 52 14.54 -5.34 5.58
N ALA A 53 14.80 -4.03 5.45
CA ALA A 53 15.67 -3.51 4.40
C ALA A 53 15.96 -2.02 4.59
N GLU A 54 16.72 -1.43 3.66
CA GLU A 54 17.06 -0.02 3.73
C GLU A 54 15.85 0.85 3.35
N ALA A 55 15.27 0.58 2.18
CA ALA A 55 14.12 1.33 1.70
C ALA A 55 13.34 0.56 0.64
N GLU A 56 14.06 -0.01 -0.32
CA GLU A 56 13.44 -0.77 -1.40
C GLU A 56 12.96 -2.15 -0.93
N ARG A 57 11.88 -2.15 -0.12
CA ARG A 57 11.31 -3.39 0.40
C ARG A 57 9.89 -3.17 0.90
N PHE A 58 9.13 -2.33 0.19
CA PHE A 58 7.74 -2.03 0.57
C PHE A 58 6.77 -2.63 -0.45
N ALA A 59 5.64 -3.14 0.03
CA ALA A 59 4.62 -3.74 -0.84
C ALA A 59 3.22 -3.35 -0.39
N ILE A 60 2.28 -3.37 -1.35
CA ILE A 60 0.88 -3.04 -1.09
C ILE A 60 -0.05 -4.14 -1.57
N SER A 61 -0.75 -4.78 -0.63
CA SER A 61 -1.68 -5.85 -0.97
C SER A 61 -3.12 -5.36 -0.92
N ILE A 62 -3.87 -5.62 -1.99
CA ILE A 62 -5.26 -5.20 -2.09
C ILE A 62 -6.14 -6.34 -2.62
N LYS A 63 -7.45 -6.20 -2.42
CA LYS A 63 -8.41 -7.20 -2.86
C LYS A 63 -9.33 -6.62 -3.96
N PHE A 64 -9.07 -7.02 -5.20
CA PHE A 64 -9.87 -6.54 -6.34
C PHE A 64 -9.81 -7.53 -7.49
N ASN A 65 -10.84 -7.50 -8.34
CA ASN A 65 -10.92 -8.41 -9.49
C ASN A 65 -10.89 -9.87 -9.03
N ASP A 66 -11.47 -10.12 -7.85
CA ASP A 66 -11.52 -11.47 -7.27
C ASP A 66 -10.13 -12.10 -7.18
N GLU A 67 -9.10 -11.26 -6.96
CA GLU A 67 -7.73 -11.74 -6.85
C GLU A 67 -6.93 -10.85 -5.89
N VAL A 68 -5.93 -11.45 -5.23
CA VAL A 68 -5.09 -10.71 -4.29
C VAL A 68 -3.78 -10.27 -4.95
N LYS A 69 -3.70 -8.99 -5.30
CA LYS A 69 -2.51 -8.44 -5.95
C LYS A 69 -1.49 -7.96 -4.91
N HIS A 70 -0.21 -7.92 -5.31
CA HIS A 70 0.86 -7.48 -4.44
C HIS A 70 1.74 -6.44 -5.14
N ILE A 71 1.34 -5.16 -5.04
CA ILE A 71 2.10 -4.07 -5.66
C ILE A 71 3.42 -3.84 -4.93
N LYS A 72 4.50 -3.66 -5.71
CA LYS A 72 5.82 -3.43 -5.13
C LYS A 72 6.22 -1.97 -5.24
N VAL A 73 6.58 -1.38 -4.10
CA VAL A 73 7.00 0.03 -4.05
C VAL A 73 8.52 0.16 -4.02
N VAL A 74 9.04 1.27 -4.56
CA VAL A 74 10.47 1.52 -4.60
C VAL A 74 10.81 2.89 -4.00
N GLU A 75 11.82 2.91 -3.13
CA GLU A 75 12.27 4.15 -2.48
C GLU A 75 13.74 4.43 -2.80
N LYS A 76 13.99 5.32 -3.75
CA LYS A 76 15.35 5.68 -4.15
C LYS A 76 15.47 7.18 -4.41
N ASP A 77 16.68 7.71 -4.23
CA ASP A 77 16.94 9.14 -4.44
C ASP A 77 16.02 10.00 -3.56
N ASN A 78 15.77 9.53 -2.34
CA ASN A 78 14.91 10.25 -1.39
C ASN A 78 13.49 10.41 -1.95
N TRP A 79 13.08 9.50 -2.81
CA TRP A 79 11.75 9.55 -3.42
C TRP A 79 11.11 8.16 -3.43
N ILE A 80 9.78 8.13 -3.36
CA ILE A 80 9.05 6.86 -3.37
C ILE A 80 7.94 6.85 -4.43
N HIS A 81 7.83 5.74 -5.15
CA HIS A 81 6.82 5.59 -6.20
C HIS A 81 6.84 4.19 -6.80
N ILE A 82 5.69 3.76 -7.33
CA ILE A 82 5.57 2.44 -7.95
C ILE A 82 5.53 2.54 -9.49
N THR A 83 5.84 3.74 -10.01
CA THR A 83 5.87 3.98 -11.46
C THR A 83 6.26 5.42 -11.75
N GLU A 84 6.40 5.75 -13.04
CA GLU A 84 6.76 7.11 -13.44
C GLU A 84 5.51 7.96 -13.71
N ALA A 85 4.43 7.69 -12.96
CA ALA A 85 3.18 8.42 -13.12
C ALA A 85 2.99 9.44 -12.00
N LYS A 86 3.44 9.10 -10.78
CA LYS A 86 3.31 9.98 -9.63
C LYS A 86 4.39 9.71 -8.59
N LYS A 87 5.21 10.72 -8.30
CA LYS A 87 6.29 10.58 -7.32
C LYS A 87 5.95 11.32 -6.03
N PHE A 88 6.39 10.77 -4.90
CA PHE A 88 6.13 11.37 -3.59
C PHE A 88 7.34 11.26 -2.66
N ASP A 89 7.48 12.24 -1.76
CA ASP A 89 8.59 12.26 -0.81
C ASP A 89 8.43 11.16 0.24
N SER A 90 7.18 10.91 0.66
CA SER A 90 6.91 9.88 1.66
C SER A 90 5.81 8.94 1.17
N LEU A 91 5.80 7.72 1.71
CA LEU A 91 4.80 6.72 1.34
C LEU A 91 3.40 7.17 1.74
N LEU A 92 3.30 7.92 2.84
CA LEU A 92 2.01 8.40 3.32
C LEU A 92 1.38 9.36 2.30
N GLU A 93 2.21 10.20 1.68
CA GLU A 93 1.75 11.14 0.68
C GLU A 93 1.29 10.40 -0.58
N LEU A 94 2.01 9.35 -0.94
CA LEU A 94 1.69 8.55 -2.13
C LEU A 94 0.39 7.77 -1.91
N VAL A 95 0.30 7.07 -0.78
CA VAL A 95 -0.89 6.27 -0.46
C VAL A 95 -2.13 7.16 -0.33
N GLU A 96 -1.96 8.34 0.27
CA GLU A 96 -3.06 9.28 0.43
C GLU A 96 -3.52 9.88 -0.90
N TYR A 97 -2.62 9.91 -1.88
CA TYR A 97 -2.94 10.47 -3.19
C TYR A 97 -3.78 9.51 -4.05
N TYR A 98 -3.34 8.26 -4.16
CA TYR A 98 -4.05 7.26 -4.97
C TYR A 98 -5.22 6.61 -4.21
N GLN A 99 -5.45 7.00 -2.95
CA GLN A 99 -6.55 6.43 -2.18
C GLN A 99 -7.88 7.08 -2.57
N CYS A 100 -7.81 8.34 -3.01
CA CYS A 100 -9.00 9.08 -3.42
C CYS A 100 -9.23 8.94 -4.94
N HIS A 101 -8.14 8.78 -5.70
CA HIS A 101 -8.25 8.64 -7.14
C HIS A 101 -7.84 7.23 -7.59
N SER A 102 -8.47 6.74 -8.66
CA SER A 102 -8.18 5.41 -9.20
C SER A 102 -6.70 5.24 -9.55
N LEU A 103 -6.17 4.02 -9.35
CA LEU A 103 -4.78 3.75 -9.65
C LEU A 103 -4.61 3.20 -11.08
N LYS A 104 -5.52 3.59 -11.98
CA LYS A 104 -5.46 3.15 -13.37
C LYS A 104 -4.23 3.70 -14.10
N GLU A 105 -3.59 4.72 -13.52
CA GLU A 105 -2.41 5.33 -14.12
C GLU A 105 -1.37 4.27 -14.49
N SER A 106 -1.22 3.26 -13.64
CA SER A 106 -0.28 2.17 -13.88
C SER A 106 -1.02 0.90 -14.28
N PHE A 107 -2.16 0.65 -13.65
CA PHE A 107 -2.95 -0.55 -13.94
C PHE A 107 -4.40 -0.18 -14.27
N LYS A 108 -4.67 0.01 -15.56
CA LYS A 108 -6.02 0.37 -16.02
C LYS A 108 -7.04 -0.67 -15.57
N GLN A 109 -6.67 -1.94 -15.69
CA GLN A 109 -7.56 -3.04 -15.29
C GLN A 109 -7.81 -3.03 -13.78
N LEU A 110 -6.82 -2.57 -13.02
CA LEU A 110 -6.93 -2.51 -11.56
C LEU A 110 -7.36 -1.11 -11.10
N ASP A 111 -8.44 -0.61 -11.69
CA ASP A 111 -8.97 0.70 -11.34
C ASP A 111 -9.79 0.65 -10.06
N THR A 112 -9.11 0.70 -8.92
CA THR A 112 -9.76 0.64 -7.62
C THR A 112 -9.08 1.57 -6.63
N THR A 113 -9.86 2.11 -5.69
CA THR A 113 -9.34 3.03 -4.68
C THR A 113 -9.49 2.41 -3.28
N LEU A 114 -8.70 2.92 -2.33
CA LEU A 114 -8.73 2.42 -0.96
C LEU A 114 -10.08 2.74 -0.31
N LYS A 115 -10.89 1.69 -0.07
CA LYS A 115 -12.21 1.87 0.53
C LYS A 115 -12.25 1.33 1.97
N TYR A 116 -12.01 0.02 2.12
CA TYR A 116 -12.04 -0.61 3.44
C TYR A 116 -10.69 -1.23 3.79
N PRO A 117 -10.31 -1.20 5.08
CA PRO A 117 -9.04 -1.77 5.55
C PRO A 117 -9.11 -3.28 5.71
N TYR A 118 -8.03 -3.88 6.20
CA TYR A 118 -7.97 -5.32 6.41
C TYR A 118 -8.37 -5.73 7.83
N LYS A 119 -8.99 -4.81 8.58
CA LYS A 119 -9.40 -5.09 9.94
C LYS A 119 -10.79 -5.73 9.96
N SER A 120 -11.81 -4.96 9.59
CA SER A 120 -13.19 -5.46 9.56
C SER A 120 -14.13 -4.43 8.92
N ARG A 121 -13.98 -3.18 9.32
CA ARG A 121 -14.81 -2.09 8.81
C ARG A 121 -16.29 -2.32 9.14
N GLU A 122 -16.55 -2.66 10.40
CA GLU A 122 -17.92 -2.90 10.87
C GLU A 122 -18.63 -1.57 11.12
N SER A 10 -6.73 19.09 11.38
CA SER A 10 -5.92 18.67 12.56
C SER A 10 -5.18 17.36 12.30
N ARG A 11 -3.88 17.35 12.60
CA ARG A 11 -3.06 16.15 12.40
C ARG A 11 -2.21 15.88 13.64
N PRO A 12 -1.92 14.60 13.94
CA PRO A 12 -1.12 14.21 15.10
C PRO A 12 0.22 14.96 15.17
N PRO A 13 0.36 15.90 16.13
CA PRO A 13 1.59 16.68 16.30
C PRO A 13 2.74 15.86 16.89
N SER A 14 3.50 15.20 16.02
CA SER A 14 4.64 14.37 16.44
C SER A 14 5.81 14.48 15.47
N ARG A 15 6.94 13.83 15.81
CA ARG A 15 8.11 13.84 14.96
C ARG A 15 8.34 12.47 14.33
N GLU A 16 8.81 12.46 13.09
CA GLU A 16 9.08 11.21 12.35
C GLU A 16 7.78 10.52 11.96
N ILE A 17 7.67 10.13 10.67
CA ILE A 17 6.46 9.47 10.17
C ILE A 17 6.29 8.08 10.78
N ASP A 18 5.04 7.72 11.05
CA ASP A 18 4.73 6.41 11.61
C ASP A 18 3.69 5.69 10.76
N TYR A 19 4.15 5.11 9.65
CA TYR A 19 3.26 4.38 8.75
C TYR A 19 2.55 3.24 9.48
N THR A 20 3.16 2.75 10.56
CA THR A 20 2.58 1.66 11.34
C THR A 20 1.33 2.12 12.09
N ALA A 21 1.34 3.37 12.54
CA ALA A 21 0.21 3.94 13.27
C ALA A 21 -1.08 3.91 12.43
N TYR A 22 -0.93 3.90 11.11
CA TYR A 22 -2.08 3.89 10.21
C TYR A 22 -2.74 2.52 10.19
N PRO A 23 -4.09 2.48 10.15
CA PRO A 23 -4.85 1.21 10.12
C PRO A 23 -4.57 0.35 8.89
N TRP A 24 -3.99 0.95 7.85
CA TRP A 24 -3.69 0.20 6.62
C TRP A 24 -2.24 -0.32 6.62
N PHE A 25 -1.68 -0.51 7.81
CA PHE A 25 -0.31 -1.02 7.93
C PHE A 25 -0.26 -2.35 8.67
N ALA A 26 0.53 -3.28 8.15
CA ALA A 26 0.69 -4.60 8.76
C ALA A 26 2.13 -4.84 9.24
N GLY A 27 3.10 -4.43 8.42
CA GLY A 27 4.50 -4.62 8.78
C GLY A 27 5.06 -5.94 8.25
N ASN A 28 6.01 -6.51 8.98
CA ASN A 28 6.63 -7.78 8.58
C ASN A 28 5.67 -8.94 8.82
N MET A 29 4.74 -9.14 7.87
CA MET A 29 3.75 -10.22 7.97
C MET A 29 4.16 -11.41 7.10
N GLU A 30 3.31 -12.45 7.08
CA GLU A 30 3.60 -13.65 6.31
C GLU A 30 2.82 -13.67 4.99
N ARG A 31 3.40 -14.29 3.96
CA ARG A 31 2.77 -14.38 2.65
C ARG A 31 1.40 -15.07 2.75
N GLN A 32 1.34 -16.17 3.49
CA GLN A 32 0.10 -16.92 3.68
C GLN A 32 -0.94 -16.05 4.38
N GLN A 33 -0.51 -15.30 5.40
CA GLN A 33 -1.40 -14.42 6.14
C GLN A 33 -2.03 -13.38 5.21
N THR A 34 -1.20 -12.74 4.38
CA THR A 34 -1.68 -11.74 3.44
C THR A 34 -2.72 -12.33 2.49
N ASP A 35 -2.44 -13.55 2.00
CA ASP A 35 -3.36 -14.22 1.07
C ASP A 35 -4.68 -14.53 1.76
N ASN A 36 -4.63 -15.21 2.91
CA ASN A 36 -5.84 -15.56 3.67
C ASN A 36 -6.62 -14.32 4.09
N LEU A 37 -5.93 -13.18 4.17
CA LEU A 37 -6.56 -11.91 4.55
C LEU A 37 -7.46 -11.42 3.43
N LEU A 38 -6.92 -11.39 2.21
CA LEU A 38 -7.68 -10.95 1.04
C LEU A 38 -8.16 -12.14 0.20
N LYS A 39 -8.30 -13.31 0.84
CA LYS A 39 -8.75 -14.51 0.16
C LYS A 39 -10.26 -14.51 -0.09
N SER A 40 -11.02 -13.88 0.82
CA SER A 40 -12.46 -13.82 0.68
C SER A 40 -13.00 -12.43 1.06
N HIS A 41 -12.14 -11.42 0.98
CA HIS A 41 -12.51 -10.06 1.31
C HIS A 41 -13.24 -9.40 0.15
N ALA A 42 -13.78 -8.20 0.39
CA ALA A 42 -14.51 -7.47 -0.65
C ALA A 42 -13.56 -6.73 -1.57
N SER A 43 -14.00 -6.45 -2.80
CA SER A 43 -13.19 -5.74 -3.77
C SER A 43 -12.91 -4.32 -3.30
N GLY A 44 -11.66 -4.06 -2.92
CA GLY A 44 -11.28 -2.74 -2.44
C GLY A 44 -10.46 -2.78 -1.16
N THR A 45 -10.35 -3.97 -0.55
CA THR A 45 -9.59 -4.14 0.69
C THR A 45 -8.11 -3.80 0.47
N TYR A 46 -7.59 -2.84 1.23
CA TYR A 46 -6.19 -2.43 1.11
C TYR A 46 -5.38 -2.77 2.36
N LEU A 47 -4.10 -3.09 2.16
CA LEU A 47 -3.20 -3.42 3.27
C LEU A 47 -1.73 -3.25 2.84
N ILE A 48 -0.93 -2.66 3.74
CA ILE A 48 0.49 -2.43 3.47
C ILE A 48 1.37 -3.28 4.38
N ARG A 49 2.43 -3.85 3.82
CA ARG A 49 3.36 -4.69 4.58
C ARG A 49 4.79 -4.17 4.48
N GLU A 50 5.71 -4.82 5.19
CA GLU A 50 7.12 -4.43 5.19
C GLU A 50 7.99 -5.57 4.65
N ARG A 51 9.01 -5.20 3.86
CA ARG A 51 9.92 -6.19 3.29
C ARG A 51 11.31 -5.58 3.08
N PRO A 52 12.29 -5.96 3.93
CA PRO A 52 13.66 -5.44 3.83
C PRO A 52 14.39 -5.93 2.58
N ALA A 53 14.65 -5.02 1.64
CA ALA A 53 15.32 -5.35 0.40
C ALA A 53 16.30 -4.25 -0.02
N GLU A 54 17.13 -4.55 -1.01
CA GLU A 54 18.11 -3.59 -1.53
C GLU A 54 17.49 -2.69 -2.58
N ALA A 55 16.62 -3.26 -3.42
CA ALA A 55 15.95 -2.49 -4.46
C ALA A 55 14.61 -1.93 -3.99
N GLU A 56 13.87 -2.74 -3.21
CA GLU A 56 12.56 -2.32 -2.70
C GLU A 56 12.62 -2.03 -1.19
N ARG A 57 11.75 -1.15 -0.73
CA ARG A 57 11.69 -0.78 0.69
C ARG A 57 10.37 -1.25 1.32
N PHE A 58 9.26 -1.05 0.61
CA PHE A 58 7.94 -1.45 1.11
C PHE A 58 7.09 -2.09 0.00
N ALA A 59 5.96 -2.69 0.38
CA ALA A 59 5.05 -3.34 -0.58
C ALA A 59 3.58 -3.06 -0.24
N ILE A 60 2.69 -3.37 -1.18
CA ILE A 60 1.26 -3.15 -0.99
C ILE A 60 0.43 -4.34 -1.48
N SER A 61 -0.68 -4.63 -0.80
CA SER A 61 -1.56 -5.74 -1.17
C SER A 61 -3.03 -5.32 -1.14
N ILE A 62 -3.65 -5.30 -2.31
CA ILE A 62 -5.07 -4.92 -2.43
C ILE A 62 -5.92 -6.10 -2.90
N LYS A 63 -7.23 -6.00 -2.68
CA LYS A 63 -8.16 -7.06 -3.08
C LYS A 63 -9.06 -6.58 -4.21
N PHE A 64 -8.88 -7.17 -5.40
CA PHE A 64 -9.69 -6.80 -6.56
C PHE A 64 -9.70 -7.95 -7.59
N ASN A 65 -10.79 -8.03 -8.36
CA ASN A 65 -10.92 -9.08 -9.38
C ASN A 65 -10.84 -10.46 -8.72
N ASP A 66 -11.38 -10.57 -7.50
CA ASP A 66 -11.38 -11.83 -6.75
C ASP A 66 -9.96 -12.39 -6.62
N GLU A 67 -8.97 -11.51 -6.57
CA GLU A 67 -7.57 -11.92 -6.44
C GLU A 67 -6.80 -10.95 -5.55
N VAL A 68 -5.64 -11.38 -5.08
CA VAL A 68 -4.79 -10.55 -4.22
C VAL A 68 -3.63 -9.96 -5.02
N LYS A 69 -3.74 -8.67 -5.37
CA LYS A 69 -2.70 -7.99 -6.14
C LYS A 69 -1.58 -7.50 -5.22
N HIS A 70 -0.33 -7.75 -5.63
CA HIS A 70 0.83 -7.32 -4.84
C HIS A 70 1.62 -6.23 -5.58
N ILE A 71 1.43 -4.99 -5.14
CA ILE A 71 2.12 -3.84 -5.75
C ILE A 71 3.49 -3.62 -5.11
N LYS A 72 4.43 -3.07 -5.89
CA LYS A 72 5.78 -2.80 -5.40
C LYS A 72 5.96 -1.32 -5.06
N VAL A 73 6.68 -1.04 -3.97
CA VAL A 73 6.95 0.33 -3.53
C VAL A 73 8.45 0.56 -3.31
N VAL A 74 9.05 1.38 -4.17
CA VAL A 74 10.48 1.68 -4.06
C VAL A 74 10.73 3.13 -3.67
N GLU A 75 11.48 3.32 -2.59
CA GLU A 75 11.81 4.66 -2.10
C GLU A 75 13.26 5.00 -2.43
N LYS A 76 13.46 5.97 -3.32
CA LYS A 76 14.80 6.40 -3.70
C LYS A 76 14.83 7.88 -4.03
N ASP A 77 16.02 8.49 -3.97
CA ASP A 77 16.19 9.92 -4.23
C ASP A 77 15.32 10.75 -3.29
N ASN A 78 15.13 10.24 -2.07
CA ASN A 78 14.32 10.92 -1.05
C ASN A 78 12.86 11.02 -1.49
N TRP A 79 12.40 10.05 -2.28
CA TRP A 79 11.02 10.03 -2.78
C TRP A 79 10.48 8.59 -2.83
N ILE A 80 9.16 8.44 -2.73
CA ILE A 80 8.53 7.13 -2.78
C ILE A 80 7.51 7.04 -3.92
N HIS A 81 7.53 5.92 -4.64
CA HIS A 81 6.60 5.74 -5.76
C HIS A 81 6.58 4.29 -6.22
N ILE A 82 5.41 3.83 -6.67
CA ILE A 82 5.24 2.46 -7.17
C ILE A 82 5.58 2.35 -8.65
N THR A 83 5.38 3.45 -9.39
CA THR A 83 5.68 3.50 -10.81
C THR A 83 6.32 4.83 -11.18
N GLU A 84 6.54 5.04 -12.47
CA GLU A 84 7.14 6.28 -12.96
C GLU A 84 6.07 7.21 -13.54
N ALA A 85 4.91 7.28 -12.88
CA ALA A 85 3.81 8.13 -13.32
C ALA A 85 3.58 9.29 -12.36
N LYS A 86 3.77 9.05 -11.05
CA LYS A 86 3.57 10.08 -10.03
C LYS A 86 4.40 9.78 -8.79
N LYS A 87 5.28 10.72 -8.43
CA LYS A 87 6.14 10.57 -7.26
C LYS A 87 5.45 11.11 -6.00
N PHE A 88 5.80 10.54 -4.85
CA PHE A 88 5.21 10.96 -3.58
C PHE A 88 6.29 11.21 -2.53
N ASP A 89 6.10 12.26 -1.73
CA ASP A 89 7.07 12.60 -0.68
C ASP A 89 7.25 11.45 0.31
N SER A 90 6.12 10.92 0.80
CA SER A 90 6.15 9.82 1.74
C SER A 90 5.03 8.82 1.46
N LEU A 91 5.11 7.63 2.04
CA LEU A 91 4.10 6.59 1.84
C LEU A 91 2.71 7.09 2.26
N LEU A 92 2.68 7.97 3.27
CA LEU A 92 1.41 8.53 3.74
C LEU A 92 0.71 9.33 2.63
N GLU A 93 1.50 10.05 1.84
CA GLU A 93 0.96 10.84 0.74
C GLU A 93 0.46 9.94 -0.38
N LEU A 94 1.24 8.91 -0.73
CA LEU A 94 0.86 7.97 -1.78
C LEU A 94 -0.48 7.32 -1.47
N VAL A 95 -0.60 6.75 -0.28
CA VAL A 95 -1.84 6.09 0.13
C VAL A 95 -3.01 7.07 0.13
N GLU A 96 -2.81 8.23 0.76
CA GLU A 96 -3.85 9.26 0.82
C GLU A 96 -4.29 9.68 -0.58
N TYR A 97 -3.33 9.80 -1.50
CA TYR A 97 -3.63 10.19 -2.88
C TYR A 97 -4.48 9.12 -3.56
N TYR A 98 -4.07 7.86 -3.46
CA TYR A 98 -4.81 6.76 -4.08
C TYR A 98 -6.18 6.57 -3.45
N GLN A 99 -6.34 7.01 -2.20
CA GLN A 99 -7.62 6.89 -1.52
C GLN A 99 -8.70 7.68 -2.26
N CYS A 100 -8.29 8.80 -2.87
CA CYS A 100 -9.21 9.65 -3.63
C CYS A 100 -9.01 9.50 -5.14
N HIS A 101 -7.77 9.25 -5.57
CA HIS A 101 -7.46 9.10 -6.99
C HIS A 101 -7.52 7.64 -7.43
N SER A 102 -8.05 7.41 -8.64
CA SER A 102 -8.16 6.06 -9.19
C SER A 102 -6.79 5.44 -9.45
N LEU A 103 -6.75 4.11 -9.54
CA LEU A 103 -5.51 3.39 -9.79
C LEU A 103 -5.24 3.22 -11.30
N LYS A 104 -6.15 3.73 -12.14
CA LYS A 104 -5.99 3.64 -13.59
C LYS A 104 -4.75 4.40 -14.09
N GLU A 105 -4.41 5.49 -13.40
CA GLU A 105 -3.25 6.31 -13.77
C GLU A 105 -1.99 5.46 -13.86
N SER A 106 -1.86 4.50 -12.93
CA SER A 106 -0.71 3.61 -12.91
C SER A 106 -1.00 2.31 -13.65
N PHE A 107 -2.22 1.80 -13.49
CA PHE A 107 -2.64 0.57 -14.15
C PHE A 107 -4.05 0.71 -14.71
N LYS A 108 -4.15 0.96 -16.02
CA LYS A 108 -5.46 1.12 -16.67
C LYS A 108 -6.33 -0.12 -16.47
N GLN A 109 -5.69 -1.29 -16.50
CA GLN A 109 -6.40 -2.56 -16.32
C GLN A 109 -6.95 -2.70 -14.90
N LEU A 110 -6.35 -1.99 -13.93
CA LEU A 110 -6.79 -2.06 -12.55
C LEU A 110 -7.27 -0.69 -12.05
N ASP A 111 -8.58 -0.47 -12.10
CA ASP A 111 -9.17 0.80 -11.66
C ASP A 111 -9.92 0.62 -10.33
N THR A 112 -9.22 0.86 -9.22
CA THR A 112 -9.82 0.72 -7.90
C THR A 112 -9.05 1.54 -6.85
N THR A 113 -9.79 2.27 -6.01
CA THR A 113 -9.18 3.08 -4.96
C THR A 113 -9.21 2.35 -3.62
N LEU A 114 -8.76 3.05 -2.56
CA LEU A 114 -8.73 2.47 -1.22
C LEU A 114 -10.12 2.52 -0.57
N LYS A 115 -10.79 1.37 -0.52
CA LYS A 115 -12.13 1.29 0.08
C LYS A 115 -12.05 1.07 1.59
N TYR A 116 -11.54 -0.10 2.01
CA TYR A 116 -11.42 -0.41 3.42
C TYR A 116 -10.14 -1.21 3.71
N PRO A 117 -9.62 -1.15 4.95
CA PRO A 117 -8.41 -1.87 5.34
C PRO A 117 -8.62 -3.37 5.46
N TYR A 118 -7.61 -4.08 5.96
CA TYR A 118 -7.69 -5.53 6.13
C TYR A 118 -8.23 -5.91 7.52
N LYS A 119 -8.99 -5.00 8.14
CA LYS A 119 -9.56 -5.25 9.46
C LYS A 119 -10.96 -5.85 9.35
N SER A 120 -11.91 -5.05 8.88
CA SER A 120 -13.30 -5.51 8.72
C SER A 120 -14.13 -4.47 7.96
N ARG A 121 -14.39 -3.34 8.62
CA ARG A 121 -15.16 -2.25 8.02
C ARG A 121 -16.53 -2.73 7.52
N GLU A 122 -17.53 -2.67 8.41
CA GLU A 122 -18.89 -3.09 8.08
C GLU A 122 -19.61 -2.03 7.24
N SER A 10 16.95 23.27 6.41
CA SER A 10 16.11 22.10 6.01
C SER A 10 15.69 21.28 7.23
N ARG A 11 14.39 21.08 7.39
CA ARG A 11 13.86 20.31 8.52
C ARG A 11 12.72 19.39 8.08
N PRO A 12 13.01 18.40 7.22
CA PRO A 12 12.00 17.45 6.73
C PRO A 12 11.59 16.43 7.78
N PRO A 13 10.32 15.98 7.75
CA PRO A 13 9.80 14.99 8.72
C PRO A 13 10.64 13.72 8.76
N SER A 14 11.05 13.32 9.97
CA SER A 14 11.86 12.12 10.14
C SER A 14 11.31 11.26 11.27
N ARG A 15 10.60 10.19 10.91
CA ARG A 15 10.01 9.27 11.89
C ARG A 15 9.06 10.00 12.84
N GLU A 16 8.30 10.97 12.30
CA GLU A 16 7.36 11.73 13.11
C GLU A 16 5.93 11.22 12.93
N ILE A 17 5.80 10.03 12.37
CA ILE A 17 4.51 9.40 12.13
C ILE A 17 4.46 7.98 12.71
N ASP A 18 3.26 7.41 12.76
CA ASP A 18 3.08 6.05 13.26
C ASP A 18 2.43 5.19 12.18
N TYR A 19 3.24 4.73 11.22
CA TYR A 19 2.73 3.89 10.14
C TYR A 19 2.05 2.64 10.69
N THR A 20 2.48 2.20 11.87
CA THR A 20 1.91 1.02 12.51
C THR A 20 0.57 1.33 13.17
N ALA A 21 0.43 2.55 13.69
CA ALA A 21 -0.81 2.96 14.36
C ALA A 21 -1.99 2.96 13.40
N TYR A 22 -1.74 3.30 12.13
CA TYR A 22 -2.80 3.35 11.13
C TYR A 22 -3.48 1.99 10.96
N PRO A 23 -4.76 1.98 10.54
CA PRO A 23 -5.53 0.74 10.35
C PRO A 23 -5.26 0.04 9.01
N TRP A 24 -4.20 0.45 8.32
CA TRP A 24 -3.86 -0.16 7.03
C TRP A 24 -2.41 -0.67 7.02
N PHE A 25 -1.89 -1.00 8.21
CA PHE A 25 -0.52 -1.48 8.33
C PHE A 25 -0.49 -2.96 8.72
N ALA A 26 0.45 -3.70 8.12
CA ALA A 26 0.61 -5.13 8.41
C ALA A 26 1.99 -5.42 8.99
N GLY A 27 3.03 -4.80 8.42
CA GLY A 27 4.38 -4.99 8.90
C GLY A 27 5.03 -6.24 8.31
N ASN A 28 6.01 -6.79 9.02
CA ASN A 28 6.71 -8.00 8.58
C ASN A 28 5.85 -9.23 8.81
N MET A 29 4.85 -9.42 7.94
CA MET A 29 3.93 -10.55 8.04
C MET A 29 4.25 -11.63 7.01
N GLU A 30 3.44 -12.69 6.99
CA GLU A 30 3.63 -13.80 6.06
C GLU A 30 2.78 -13.63 4.80
N ARG A 31 3.18 -14.29 3.72
CA ARG A 31 2.46 -14.23 2.46
C ARG A 31 1.17 -15.05 2.53
N GLN A 32 1.21 -16.16 3.27
CA GLN A 32 0.04 -17.03 3.41
C GLN A 32 -1.10 -16.28 4.12
N GLN A 33 -0.76 -15.57 5.20
CA GLN A 33 -1.75 -14.82 5.96
C GLN A 33 -2.33 -13.68 5.13
N THR A 34 -1.45 -12.94 4.45
CA THR A 34 -1.88 -11.82 3.62
C THR A 34 -2.92 -12.27 2.58
N ASP A 35 -2.71 -13.46 2.02
CA ASP A 35 -3.63 -14.02 1.02
C ASP A 35 -4.99 -14.30 1.63
N ASN A 36 -4.99 -14.97 2.80
CA ASN A 36 -6.23 -15.30 3.49
C ASN A 36 -6.92 -14.06 4.05
N LEU A 37 -6.12 -13.10 4.52
CA LEU A 37 -6.66 -11.85 5.08
C LEU A 37 -7.49 -11.11 4.04
N LEU A 38 -6.87 -10.78 2.91
CA LEU A 38 -7.56 -10.07 1.83
C LEU A 38 -8.64 -10.94 1.20
N LYS A 39 -8.43 -12.27 1.22
CA LYS A 39 -9.37 -13.21 0.65
C LYS A 39 -10.77 -13.05 1.25
N SER A 40 -10.91 -13.44 2.51
CA SER A 40 -12.18 -13.34 3.22
C SER A 40 -12.72 -11.91 3.21
N HIS A 41 -11.81 -10.93 3.18
CA HIS A 41 -12.19 -9.52 3.16
C HIS A 41 -13.03 -9.19 1.92
N ALA A 42 -13.79 -8.10 2.01
CA ALA A 42 -14.65 -7.68 0.90
C ALA A 42 -13.83 -7.28 -0.32
N SER A 43 -14.46 -7.29 -1.49
CA SER A 43 -13.79 -6.92 -2.74
C SER A 43 -13.49 -5.42 -2.78
N GLY A 44 -12.45 -5.02 -2.05
CA GLY A 44 -12.08 -3.61 -2.00
C GLY A 44 -11.33 -3.25 -0.73
N THR A 45 -10.40 -4.12 -0.32
CA THR A 45 -9.59 -3.89 0.87
C THR A 45 -8.13 -3.67 0.50
N TYR A 46 -7.51 -2.68 1.14
CA TYR A 46 -6.11 -2.35 0.86
C TYR A 46 -5.26 -2.42 2.12
N LEU A 47 -3.97 -2.71 1.93
CA LEU A 47 -3.02 -2.81 3.03
C LEU A 47 -1.58 -2.62 2.55
N ILE A 48 -0.68 -2.27 3.47
CA ILE A 48 0.72 -2.07 3.15
C ILE A 48 1.62 -2.86 4.10
N ARG A 49 2.42 -3.77 3.53
CA ARG A 49 3.33 -4.59 4.31
C ARG A 49 4.75 -4.02 4.30
N GLU A 50 5.66 -4.67 5.02
CA GLU A 50 7.04 -4.23 5.10
C GLU A 50 8.00 -5.36 4.71
N ARG A 51 8.77 -5.15 3.65
CA ARG A 51 9.73 -6.14 3.16
C ARG A 51 11.00 -5.46 2.64
N PRO A 52 12.04 -5.36 3.48
CA PRO A 52 13.31 -4.74 3.10
C PRO A 52 14.09 -5.58 2.09
N ALA A 53 15.25 -5.07 1.66
CA ALA A 53 16.11 -5.77 0.70
C ALA A 53 15.42 -5.89 -0.66
N GLU A 54 16.09 -6.53 -1.62
CA GLU A 54 15.55 -6.70 -2.97
C GLU A 54 15.23 -5.35 -3.61
N ALA A 55 15.95 -4.30 -3.21
CA ALA A 55 15.74 -2.96 -3.74
C ALA A 55 14.34 -2.41 -3.40
N GLU A 56 13.70 -3.02 -2.41
CA GLU A 56 12.37 -2.60 -1.98
C GLU A 56 12.30 -2.44 -0.47
N ARG A 57 11.60 -1.40 -0.02
CA ARG A 57 11.46 -1.14 1.42
C ARG A 57 10.02 -1.39 1.88
N PHE A 58 9.05 -1.12 1.01
CA PHE A 58 7.64 -1.32 1.33
C PHE A 58 6.89 -2.00 0.18
N ALA A 59 5.72 -2.56 0.49
CA ALA A 59 4.90 -3.24 -0.52
C ALA A 59 3.41 -3.00 -0.27
N ILE A 60 2.65 -2.83 -1.36
CA ILE A 60 1.21 -2.59 -1.25
C ILE A 60 0.42 -3.80 -1.76
N SER A 61 -0.62 -4.17 -1.02
CA SER A 61 -1.47 -5.30 -1.38
C SER A 61 -2.94 -4.93 -1.28
N ILE A 62 -3.71 -5.28 -2.32
CA ILE A 62 -5.15 -4.98 -2.35
C ILE A 62 -5.95 -6.18 -2.85
N LYS A 63 -7.25 -6.20 -2.51
CA LYS A 63 -8.15 -7.28 -2.93
C LYS A 63 -9.14 -6.77 -3.99
N PHE A 64 -8.87 -7.13 -5.25
CA PHE A 64 -9.74 -6.72 -6.34
C PHE A 64 -9.88 -7.83 -7.38
N ASN A 65 -11.08 -7.96 -7.94
CA ASN A 65 -11.36 -8.99 -8.94
C ASN A 65 -11.14 -10.40 -8.36
N ASP A 66 -11.47 -10.55 -7.06
CA ASP A 66 -11.30 -11.83 -6.38
C ASP A 66 -9.84 -12.29 -6.43
N GLU A 67 -8.91 -11.34 -6.44
CA GLU A 67 -7.49 -11.65 -6.47
C GLU A 67 -6.72 -10.77 -5.50
N VAL A 68 -5.54 -11.24 -5.08
CA VAL A 68 -4.70 -10.49 -4.15
C VAL A 68 -3.45 -9.97 -4.87
N LYS A 69 -3.50 -8.72 -5.31
CA LYS A 69 -2.38 -8.10 -6.03
C LYS A 69 -1.29 -7.66 -5.05
N HIS A 70 -0.03 -7.72 -5.50
CA HIS A 70 1.10 -7.31 -4.67
C HIS A 70 2.03 -6.35 -5.42
N ILE A 71 1.75 -5.05 -5.30
CA ILE A 71 2.55 -4.03 -5.96
C ILE A 71 3.86 -3.77 -5.21
N LYS A 72 4.93 -3.51 -5.95
CA LYS A 72 6.24 -3.24 -5.37
C LYS A 72 6.56 -1.75 -5.38
N VAL A 73 6.99 -1.23 -4.22
CA VAL A 73 7.33 0.18 -4.10
C VAL A 73 8.85 0.38 -4.06
N VAL A 74 9.35 1.30 -4.89
CA VAL A 74 10.79 1.58 -4.94
C VAL A 74 11.10 3.02 -4.51
N GLU A 75 12.16 3.16 -3.72
CA GLU A 75 12.59 4.46 -3.22
C GLU A 75 13.95 4.85 -3.80
N LYS A 76 14.01 6.03 -4.42
CA LYS A 76 15.25 6.52 -5.03
C LYS A 76 15.26 8.05 -5.10
N ASP A 77 16.46 8.63 -5.11
CA ASP A 77 16.62 10.08 -5.17
C ASP A 77 15.90 10.77 -4.00
N ASN A 78 15.81 10.06 -2.87
CA ASN A 78 15.13 10.60 -1.69
C ASN A 78 13.61 10.71 -1.90
N TRP A 79 13.08 9.86 -2.79
CA TRP A 79 11.65 9.87 -3.09
C TRP A 79 11.12 8.44 -3.23
N ILE A 80 9.81 8.27 -3.05
CA ILE A 80 9.19 6.94 -3.14
C ILE A 80 8.02 6.95 -4.14
N HIS A 81 7.93 5.88 -4.94
CA HIS A 81 6.86 5.74 -5.93
C HIS A 81 6.85 4.36 -6.56
N ILE A 82 5.65 3.87 -6.91
CA ILE A 82 5.50 2.55 -7.54
C ILE A 82 5.69 2.65 -9.06
N THR A 83 5.36 3.81 -9.62
CA THR A 83 5.49 4.03 -11.07
C THR A 83 5.97 5.46 -11.34
N GLU A 84 6.07 5.82 -12.61
CA GLU A 84 6.51 7.15 -13.01
C GLU A 84 5.31 8.05 -13.31
N ALA A 85 4.22 7.87 -12.57
CA ALA A 85 3.02 8.67 -12.75
C ALA A 85 2.95 9.80 -11.73
N LYS A 86 3.41 9.52 -10.51
CA LYS A 86 3.40 10.52 -9.45
C LYS A 86 4.30 10.11 -8.29
N LYS A 87 5.26 10.98 -7.94
CA LYS A 87 6.20 10.69 -6.86
C LYS A 87 5.85 11.51 -5.61
N PHE A 88 6.17 10.96 -4.43
CA PHE A 88 5.88 11.64 -3.16
C PHE A 88 7.07 11.57 -2.20
N ASP A 89 7.11 12.51 -1.26
CA ASP A 89 8.19 12.56 -0.27
C ASP A 89 8.13 11.33 0.65
N SER A 90 6.93 10.96 1.07
CA SER A 90 6.75 9.81 1.96
C SER A 90 5.68 8.86 1.40
N LEU A 91 5.73 7.60 1.83
CA LEU A 91 4.76 6.60 1.39
C LEU A 91 3.35 6.94 1.87
N LEU A 92 3.26 7.59 3.04
CA LEU A 92 1.98 7.98 3.60
C LEU A 92 1.24 8.94 2.67
N GLU A 93 2.01 9.84 2.03
CA GLU A 93 1.44 10.81 1.10
C GLU A 93 0.87 10.12 -0.14
N LEU A 94 1.61 9.13 -0.64
CA LEU A 94 1.17 8.37 -1.82
C LEU A 94 -0.18 7.73 -1.57
N VAL A 95 -0.38 7.19 -0.37
CA VAL A 95 -1.63 6.55 0.01
C VAL A 95 -2.80 7.54 -0.03
N GLU A 96 -2.53 8.78 0.38
CA GLU A 96 -3.55 9.83 0.38
C GLU A 96 -4.03 10.13 -1.03
N TYR A 97 -3.09 10.34 -1.96
CA TYR A 97 -3.43 10.63 -3.35
C TYR A 97 -4.19 9.47 -3.98
N TYR A 98 -3.68 8.25 -3.77
CA TYR A 98 -4.31 7.06 -4.33
C TYR A 98 -5.62 6.73 -3.61
N GLN A 99 -5.75 7.19 -2.35
CA GLN A 99 -6.96 6.94 -1.57
C GLN A 99 -8.20 7.39 -2.34
N CYS A 100 -8.06 8.50 -3.08
CA CYS A 100 -9.17 9.03 -3.87
C CYS A 100 -8.84 9.04 -5.37
N HIS A 101 -7.94 8.14 -5.79
CA HIS A 101 -7.55 8.05 -7.20
C HIS A 101 -7.16 6.61 -7.55
N SER A 102 -7.81 6.05 -8.58
CA SER A 102 -7.54 4.68 -9.01
C SER A 102 -6.11 4.53 -9.53
N LEU A 103 -5.62 3.28 -9.53
CA LEU A 103 -4.26 2.99 -10.00
C LEU A 103 -4.24 2.66 -11.50
N LYS A 104 -5.27 3.11 -12.23
CA LYS A 104 -5.36 2.86 -13.67
C LYS A 104 -4.20 3.52 -14.42
N GLU A 105 -3.65 4.59 -13.84
CA GLU A 105 -2.53 5.32 -14.45
C GLU A 105 -1.38 4.36 -14.78
N SER A 106 -1.17 3.36 -13.92
CA SER A 106 -0.12 2.38 -14.12
C SER A 106 -0.70 1.04 -14.55
N PHE A 107 -1.83 0.65 -13.95
CA PHE A 107 -2.48 -0.61 -14.27
C PHE A 107 -3.75 -0.38 -15.09
N LYS A 108 -3.64 -0.54 -16.40
CA LYS A 108 -4.78 -0.34 -17.30
C LYS A 108 -5.96 -1.24 -16.91
N GLN A 109 -5.65 -2.40 -16.31
CA GLN A 109 -6.68 -3.35 -15.88
C GLN A 109 -7.14 -3.07 -14.44
N LEU A 110 -6.26 -2.48 -13.63
CA LEU A 110 -6.59 -2.19 -12.24
C LEU A 110 -7.07 -0.75 -12.07
N ASP A 111 -8.39 -0.58 -11.88
CA ASP A 111 -8.96 0.75 -11.70
C ASP A 111 -9.80 0.80 -10.42
N THR A 112 -9.11 0.81 -9.27
CA THR A 112 -9.79 0.85 -7.98
C THR A 112 -9.02 1.72 -6.98
N THR A 113 -9.76 2.44 -6.14
CA THR A 113 -9.15 3.30 -5.13
C THR A 113 -9.24 2.64 -3.75
N LEU A 114 -8.55 3.23 -2.76
CA LEU A 114 -8.57 2.70 -1.40
C LEU A 114 -9.96 2.85 -0.79
N LYS A 115 -10.81 1.85 -1.01
CA LYS A 115 -12.19 1.86 -0.51
C LYS A 115 -12.23 1.66 1.01
N TYR A 116 -11.91 0.44 1.45
CA TYR A 116 -11.94 0.12 2.87
C TYR A 116 -10.67 -0.59 3.31
N PRO A 117 -9.91 -0.01 4.27
CA PRO A 117 -8.67 -0.62 4.77
C PRO A 117 -8.92 -1.97 5.43
N TYR A 118 -7.87 -2.52 6.06
CA TYR A 118 -7.96 -3.82 6.75
C TYR A 118 -9.29 -4.02 7.47
N LYS A 119 -9.54 -3.21 8.50
CA LYS A 119 -10.78 -3.31 9.27
C LYS A 119 -11.96 -2.78 8.47
N SER A 120 -12.06 -1.45 8.36
CA SER A 120 -13.16 -0.81 7.63
C SER A 120 -13.00 0.71 7.66
N ARG A 121 -13.12 1.28 8.85
CA ARG A 121 -13.01 2.73 9.04
C ARG A 121 -12.80 3.07 10.51
N GLU A 122 -11.56 3.01 10.96
CA GLU A 122 -11.22 3.31 12.35
C GLU A 122 -11.55 4.76 12.70
N SER A 10 17.59 0.36 20.50
CA SER A 10 18.14 1.49 19.69
C SER A 10 17.47 2.81 20.05
N ARG A 11 18.02 3.92 19.54
CA ARG A 11 17.47 5.25 19.79
C ARG A 11 16.14 5.45 19.06
N PRO A 12 15.04 5.65 19.81
CA PRO A 12 13.70 5.86 19.21
C PRO A 12 13.69 6.99 18.19
N PRO A 13 12.93 6.83 17.08
CA PRO A 13 12.83 7.84 16.02
C PRO A 13 12.02 9.06 16.45
N SER A 14 12.56 10.24 16.18
CA SER A 14 11.89 11.49 16.52
C SER A 14 11.18 12.11 15.31
N ARG A 15 11.81 12.03 14.14
CA ARG A 15 11.24 12.58 12.91
C ARG A 15 11.11 11.50 11.84
N GLU A 16 10.28 10.48 12.12
CA GLU A 16 10.06 9.37 11.19
C GLU A 16 8.63 8.84 11.33
N ILE A 17 7.92 8.85 10.21
CA ILE A 17 6.53 8.37 10.18
C ILE A 17 6.41 6.90 10.60
N ASP A 18 5.32 6.58 11.31
CA ASP A 18 5.07 5.22 11.76
C ASP A 18 3.89 4.63 11.00
N TYR A 19 4.10 4.34 9.72
CA TYR A 19 3.05 3.76 8.88
C TYR A 19 2.62 2.40 9.43
N THR A 20 3.50 1.77 10.22
CA THR A 20 3.21 0.48 10.82
C THR A 20 2.00 0.57 11.78
N ALA A 21 1.86 1.73 12.42
CA ALA A 21 0.76 1.95 13.36
C ALA A 21 -0.57 2.21 12.65
N TYR A 22 -0.49 2.59 11.38
CA TYR A 22 -1.71 2.88 10.59
C TYR A 22 -2.58 1.63 10.47
N PRO A 23 -3.92 1.80 10.55
CA PRO A 23 -4.88 0.68 10.45
C PRO A 23 -4.75 -0.10 9.15
N TRP A 24 -4.26 0.55 8.10
CA TRP A 24 -4.10 -0.10 6.79
C TRP A 24 -2.88 -1.01 6.79
N PHE A 25 -1.82 -0.58 7.48
CA PHE A 25 -0.58 -1.35 7.56
C PHE A 25 -0.77 -2.62 8.41
N ALA A 26 -0.26 -3.74 7.90
CA ALA A 26 -0.37 -5.03 8.61
C ALA A 26 0.94 -5.39 9.30
N GLY A 27 2.07 -5.10 8.64
CA GLY A 27 3.38 -5.42 9.19
C GLY A 27 4.14 -6.43 8.37
N ASN A 28 5.09 -7.12 8.99
CA ASN A 28 5.89 -8.12 8.29
C ASN A 28 5.24 -9.50 8.42
N MET A 29 4.13 -9.69 7.71
CA MET A 29 3.40 -10.96 7.75
C MET A 29 3.68 -11.80 6.50
N GLU A 30 3.64 -13.12 6.68
CA GLU A 30 3.89 -14.06 5.57
C GLU A 30 2.78 -13.97 4.52
N ARG A 31 3.12 -14.35 3.29
CA ARG A 31 2.15 -14.32 2.19
C ARG A 31 0.94 -15.20 2.50
N GLN A 32 1.19 -16.34 3.17
CA GLN A 32 0.13 -17.27 3.54
C GLN A 32 -0.95 -16.57 4.34
N GLN A 33 -0.54 -15.82 5.36
CA GLN A 33 -1.48 -15.10 6.22
C GLN A 33 -2.10 -13.92 5.46
N THR A 34 -1.28 -13.20 4.70
CA THR A 34 -1.75 -12.05 3.93
C THR A 34 -2.82 -12.46 2.93
N ASP A 35 -2.57 -13.54 2.18
CA ASP A 35 -3.52 -14.03 1.18
C ASP A 35 -4.82 -14.49 1.85
N ASN A 36 -4.71 -15.33 2.88
CA ASN A 36 -5.87 -15.85 3.61
C ASN A 36 -6.66 -14.71 4.27
N LEU A 37 -6.00 -13.57 4.50
CA LEU A 37 -6.64 -12.41 5.12
C LEU A 37 -7.71 -11.84 4.21
N LEU A 38 -7.33 -11.53 2.97
CA LEU A 38 -8.25 -10.97 1.99
C LEU A 38 -8.80 -12.05 1.04
N LYS A 39 -8.59 -13.33 1.38
CA LYS A 39 -9.07 -14.44 0.56
C LYS A 39 -10.60 -14.48 0.51
N SER A 40 -11.25 -13.96 1.55
CA SER A 40 -12.71 -13.93 1.62
C SER A 40 -13.22 -12.50 1.86
N HIS A 41 -12.46 -11.50 1.42
CA HIS A 41 -12.83 -10.10 1.59
C HIS A 41 -13.54 -9.57 0.35
N ALA A 42 -14.12 -8.37 0.48
CA ALA A 42 -14.83 -7.73 -0.64
C ALA A 42 -13.89 -6.90 -1.49
N SER A 43 -14.30 -6.64 -2.74
CA SER A 43 -13.49 -5.85 -3.67
C SER A 43 -13.30 -4.43 -3.14
N GLY A 44 -12.04 -4.07 -2.87
CA GLY A 44 -11.73 -2.75 -2.36
C GLY A 44 -10.90 -2.78 -1.09
N THR A 45 -10.69 -3.97 -0.53
CA THR A 45 -9.89 -4.12 0.68
C THR A 45 -8.40 -3.96 0.38
N TYR A 46 -7.76 -3.01 1.06
CA TYR A 46 -6.35 -2.74 0.86
C TYR A 46 -5.55 -2.88 2.16
N LEU A 47 -4.26 -3.19 2.03
CA LEU A 47 -3.37 -3.34 3.19
C LEU A 47 -1.91 -3.13 2.79
N ILE A 48 -1.11 -2.60 3.72
CA ILE A 48 0.31 -2.36 3.45
C ILE A 48 1.19 -3.23 4.34
N ARG A 49 2.35 -3.65 3.81
CA ARG A 49 3.27 -4.50 4.56
C ARG A 49 4.70 -3.91 4.57
N GLU A 50 5.56 -4.47 5.43
CA GLU A 50 6.94 -4.02 5.56
C GLU A 50 7.93 -5.10 5.12
N ARG A 51 9.07 -4.68 4.58
CA ARG A 51 10.11 -5.62 4.14
C ARG A 51 11.50 -5.09 4.48
N PRO A 52 12.40 -5.97 4.98
CA PRO A 52 13.78 -5.58 5.35
C PRO A 52 14.65 -5.26 4.13
N ALA A 53 15.91 -4.97 4.37
CA ALA A 53 16.85 -4.65 3.30
C ALA A 53 17.12 -5.86 2.41
N GLU A 54 16.96 -5.66 1.11
CA GLU A 54 17.18 -6.73 0.13
C GLU A 54 17.00 -6.20 -1.29
N ALA A 55 15.85 -5.60 -1.55
CA ALA A 55 15.55 -5.03 -2.86
C ALA A 55 14.47 -3.95 -2.76
N GLU A 56 13.31 -4.30 -2.19
CA GLU A 56 12.21 -3.35 -2.03
C GLU A 56 12.08 -2.93 -0.56
N ARG A 57 11.86 -1.63 -0.35
CA ARG A 57 11.73 -1.08 1.00
C ARG A 57 10.32 -1.36 1.57
N PHE A 58 9.29 -0.86 0.87
CA PHE A 58 7.91 -1.06 1.30
C PHE A 58 7.11 -1.85 0.26
N ALA A 59 6.03 -2.50 0.70
CA ALA A 59 5.18 -3.29 -0.20
C ALA A 59 3.70 -3.07 0.08
N ILE A 60 2.88 -3.17 -0.98
CA ILE A 60 1.42 -2.98 -0.85
C ILE A 60 0.66 -4.21 -1.32
N SER A 61 -0.51 -4.44 -0.72
CA SER A 61 -1.36 -5.58 -1.08
C SER A 61 -2.84 -5.18 -1.08
N ILE A 62 -3.53 -5.45 -2.20
CA ILE A 62 -4.96 -5.12 -2.32
C ILE A 62 -5.75 -6.31 -2.86
N LYS A 63 -7.07 -6.26 -2.68
CA LYS A 63 -7.97 -7.33 -3.15
C LYS A 63 -8.86 -6.83 -4.28
N PHE A 64 -8.77 -7.49 -5.44
CA PHE A 64 -9.57 -7.13 -6.60
C PHE A 64 -9.77 -8.31 -7.53
N ASN A 65 -10.98 -8.48 -8.04
CA ASN A 65 -11.31 -9.59 -8.94
C ASN A 65 -11.07 -10.93 -8.25
N ASP A 66 -11.47 -11.02 -6.98
CA ASP A 66 -11.31 -12.23 -6.19
C ASP A 66 -9.85 -12.71 -6.18
N GLU A 67 -8.91 -11.75 -6.21
CA GLU A 67 -7.48 -12.07 -6.20
C GLU A 67 -6.71 -11.04 -5.40
N VAL A 68 -5.75 -11.50 -4.59
CA VAL A 68 -4.93 -10.61 -3.79
C VAL A 68 -3.69 -10.15 -4.57
N LYS A 69 -3.71 -8.89 -4.99
CA LYS A 69 -2.59 -8.31 -5.76
C LYS A 69 -1.52 -7.76 -4.83
N HIS A 70 -0.27 -7.78 -5.30
CA HIS A 70 0.86 -7.28 -4.51
C HIS A 70 1.68 -6.27 -5.30
N ILE A 71 1.54 -4.98 -4.95
CA ILE A 71 2.27 -3.90 -5.62
C ILE A 71 3.64 -3.67 -4.99
N LYS A 72 4.63 -3.33 -5.83
CA LYS A 72 5.99 -3.07 -5.37
C LYS A 72 6.26 -1.57 -5.23
N VAL A 73 6.90 -1.18 -4.13
CA VAL A 73 7.22 0.23 -3.88
C VAL A 73 8.73 0.43 -3.77
N VAL A 74 9.26 1.39 -4.54
CA VAL A 74 10.69 1.69 -4.53
C VAL A 74 10.96 3.11 -4.05
N GLU A 75 11.63 3.22 -2.90
CA GLU A 75 11.96 4.52 -2.32
C GLU A 75 13.44 4.85 -2.57
N LYS A 76 13.68 5.90 -3.34
CA LYS A 76 15.03 6.33 -3.66
C LYS A 76 15.06 7.79 -4.13
N ASP A 77 16.25 8.39 -4.12
CA ASP A 77 16.41 9.79 -4.55
C ASP A 77 15.57 10.73 -3.67
N ASN A 78 15.31 10.32 -2.43
CA ASN A 78 14.52 11.12 -1.49
C ASN A 78 13.05 11.19 -1.91
N TRP A 79 12.58 10.17 -2.65
CA TRP A 79 11.19 10.13 -3.10
C TRP A 79 10.67 8.69 -3.12
N ILE A 80 9.36 8.52 -2.87
CA ILE A 80 8.74 7.20 -2.87
C ILE A 80 7.64 7.10 -3.93
N HIS A 81 7.63 5.98 -4.66
CA HIS A 81 6.64 5.75 -5.71
C HIS A 81 6.68 4.31 -6.23
N ILE A 82 5.52 3.82 -6.66
CA ILE A 82 5.43 2.46 -7.20
C ILE A 82 5.84 2.41 -8.67
N THR A 83 5.65 3.53 -9.37
CA THR A 83 6.00 3.63 -10.78
C THR A 83 6.74 4.94 -11.06
N GLU A 84 6.98 5.23 -12.34
CA GLU A 84 7.67 6.46 -12.73
C GLU A 84 6.68 7.46 -13.34
N ALA A 85 5.50 7.56 -12.74
CA ALA A 85 4.47 8.48 -13.21
C ALA A 85 4.23 9.61 -12.21
N LYS A 86 4.26 9.30 -10.92
CA LYS A 86 4.06 10.30 -9.87
C LYS A 86 4.94 10.01 -8.65
N LYS A 87 5.87 10.92 -8.37
CA LYS A 87 6.77 10.77 -7.23
C LYS A 87 6.22 11.52 -6.02
N PHE A 88 6.29 10.87 -4.85
CA PHE A 88 5.80 11.47 -3.60
C PHE A 88 6.91 11.56 -2.56
N ASP A 89 6.90 12.63 -1.77
CA ASP A 89 7.92 12.83 -0.74
C ASP A 89 7.74 11.83 0.40
N SER A 90 6.52 11.70 0.90
CA SER A 90 6.23 10.78 2.00
C SER A 90 5.26 9.69 1.54
N LEU A 91 5.35 8.52 2.18
CA LEU A 91 4.48 7.38 1.84
C LEU A 91 3.01 7.78 1.95
N LEU A 92 2.70 8.73 2.83
CA LEU A 92 1.33 9.20 3.01
C LEU A 92 0.82 9.78 1.70
N GLU A 93 1.57 10.74 1.14
CA GLU A 93 1.20 11.39 -0.12
C GLU A 93 0.86 10.34 -1.20
N LEU A 94 1.60 9.23 -1.20
CA LEU A 94 1.38 8.16 -2.18
C LEU A 94 0.01 7.52 -1.97
N VAL A 95 -0.27 7.06 -0.74
CA VAL A 95 -1.54 6.42 -0.42
C VAL A 95 -2.69 7.43 -0.39
N GLU A 96 -2.42 8.60 0.20
CA GLU A 96 -3.42 9.66 0.31
C GLU A 96 -3.96 10.05 -1.08
N TYR A 97 -3.07 10.09 -2.08
CA TYR A 97 -3.47 10.44 -3.45
C TYR A 97 -4.35 9.34 -4.03
N TYR A 98 -3.89 8.09 -3.92
CA TYR A 98 -4.65 6.95 -4.45
C TYR A 98 -5.95 6.72 -3.66
N GLN A 99 -6.03 7.26 -2.45
CA GLN A 99 -7.24 7.12 -1.64
C GLN A 99 -8.44 7.71 -2.36
N CYS A 100 -8.22 8.83 -3.04
CA CYS A 100 -9.27 9.51 -3.79
C CYS A 100 -9.11 9.33 -5.30
N HIS A 101 -7.86 9.17 -5.76
CA HIS A 101 -7.58 8.99 -7.19
C HIS A 101 -7.50 7.50 -7.55
N SER A 102 -8.08 7.13 -8.69
CA SER A 102 -8.07 5.76 -9.16
C SER A 102 -6.65 5.29 -9.48
N LEU A 103 -6.45 3.98 -9.50
CA LEU A 103 -5.14 3.40 -9.81
C LEU A 103 -4.96 3.17 -11.31
N LYS A 104 -5.90 3.69 -12.12
CA LYS A 104 -5.83 3.53 -13.58
C LYS A 104 -4.68 4.33 -14.19
N GLU A 105 -4.28 5.43 -13.54
CA GLU A 105 -3.20 6.26 -14.04
C GLU A 105 -1.94 5.44 -14.32
N SER A 106 -1.68 4.47 -13.44
CA SER A 106 -0.51 3.61 -13.58
C SER A 106 -0.92 2.26 -14.17
N PHE A 107 -2.03 1.71 -13.69
CA PHE A 107 -2.52 0.42 -14.17
C PHE A 107 -3.96 0.53 -14.67
N LYS A 108 -4.12 0.61 -16.00
CA LYS A 108 -5.45 0.72 -16.61
C LYS A 108 -6.37 -0.42 -16.15
N GLN A 109 -5.79 -1.60 -15.95
CA GLN A 109 -6.56 -2.77 -15.51
C GLN A 109 -6.87 -2.70 -14.01
N LEU A 110 -6.04 -1.97 -13.26
CA LEU A 110 -6.23 -1.83 -11.82
C LEU A 110 -6.90 -0.50 -11.48
N ASP A 111 -8.22 -0.45 -11.64
CA ASP A 111 -8.99 0.77 -11.35
C ASP A 111 -9.75 0.64 -10.03
N THR A 112 -9.01 0.68 -8.91
CA THR A 112 -9.62 0.57 -7.59
C THR A 112 -8.94 1.51 -6.60
N THR A 113 -9.73 2.17 -5.77
CA THR A 113 -9.22 3.11 -4.77
C THR A 113 -9.33 2.51 -3.36
N LEU A 114 -8.78 3.21 -2.37
CA LEU A 114 -8.81 2.75 -0.99
C LEU A 114 -10.24 2.82 -0.43
N LYS A 115 -10.94 1.68 -0.44
CA LYS A 115 -12.30 1.61 0.07
C LYS A 115 -12.33 1.28 1.57
N TYR A 116 -11.85 0.09 1.92
CA TYR A 116 -11.82 -0.33 3.32
C TYR A 116 -10.52 -1.07 3.65
N PRO A 117 -10.09 -1.03 4.93
CA PRO A 117 -8.86 -1.70 5.38
C PRO A 117 -9.05 -3.22 5.49
N TYR A 118 -8.05 -3.90 6.04
CA TYR A 118 -8.11 -5.36 6.21
C TYR A 118 -8.72 -5.76 7.55
N LYS A 119 -9.47 -4.85 8.18
CA LYS A 119 -10.10 -5.14 9.47
C LYS A 119 -11.59 -5.48 9.29
N SER A 120 -12.38 -4.47 8.92
CA SER A 120 -13.81 -4.66 8.72
C SER A 120 -14.38 -3.62 7.75
N ARG A 121 -14.69 -2.43 8.28
CA ARG A 121 -15.25 -1.35 7.48
C ARG A 121 -15.02 -0.01 8.18
N GLU A 122 -13.94 0.68 7.79
CA GLU A 122 -13.62 1.99 8.38
C GLU A 122 -14.63 3.05 7.94
N SER A 10 3.78 22.74 19.04
CA SER A 10 3.98 21.33 18.59
C SER A 10 5.42 21.09 18.13
N ARG A 11 6.08 20.12 18.75
CA ARG A 11 7.46 19.78 18.42
C ARG A 11 7.51 18.77 17.27
N PRO A 12 8.10 19.15 16.12
CA PRO A 12 8.21 18.28 14.94
C PRO A 12 9.20 17.13 15.16
N PRO A 13 8.92 15.94 14.59
CA PRO A 13 9.78 14.77 14.72
C PRO A 13 11.07 14.89 13.88
N SER A 14 11.87 13.83 13.87
CA SER A 14 13.12 13.82 13.12
C SER A 14 13.36 12.47 12.46
N ARG A 15 13.00 12.37 11.17
CA ARG A 15 13.15 11.13 10.40
C ARG A 15 12.26 10.01 10.97
N GLU A 16 12.12 8.93 10.19
CA GLU A 16 11.30 7.79 10.60
C GLU A 16 9.82 8.17 10.66
N ILE A 17 8.97 7.40 9.96
CA ILE A 17 7.54 7.67 9.94
C ILE A 17 6.77 6.57 10.65
N ASP A 18 5.75 6.97 11.42
CA ASP A 18 4.92 6.02 12.15
C ASP A 18 3.87 5.42 11.21
N TYR A 19 4.34 4.66 10.22
CA TYR A 19 3.44 4.02 9.27
C TYR A 19 2.53 3.01 9.97
N THR A 20 2.97 2.54 11.15
CA THR A 20 2.20 1.57 11.93
C THR A 20 0.96 2.23 12.55
N ALA A 21 1.06 3.52 12.87
CA ALA A 21 -0.07 4.25 13.46
C ALA A 21 -1.31 4.21 12.56
N TYR A 22 -1.08 4.08 11.25
CA TYR A 22 -2.18 4.03 10.29
C TYR A 22 -2.86 2.66 10.30
N PRO A 23 -4.16 2.60 9.96
CA PRO A 23 -4.92 1.35 9.93
C PRO A 23 -4.62 0.48 8.71
N TRP A 24 -4.08 1.10 7.65
CA TRP A 24 -3.74 0.36 6.42
C TRP A 24 -2.41 -0.38 6.53
N PHE A 25 -1.70 -0.19 7.66
CA PHE A 25 -0.42 -0.86 7.85
C PHE A 25 -0.60 -2.27 8.38
N ALA A 26 0.12 -3.22 7.79
CA ALA A 26 0.04 -4.63 8.20
C ALA A 26 1.21 -5.00 9.10
N GLY A 27 2.42 -4.54 8.75
CA GLY A 27 3.60 -4.84 9.53
C GLY A 27 4.51 -5.84 8.84
N ASN A 28 5.15 -6.70 9.63
CA ASN A 28 6.05 -7.72 9.08
C ASN A 28 5.30 -9.05 8.85
N MET A 29 4.15 -8.97 8.18
CA MET A 29 3.33 -10.15 7.91
C MET A 29 3.95 -11.00 6.79
N GLU A 30 3.62 -12.29 6.79
CA GLU A 30 4.13 -13.22 5.79
C GLU A 30 3.34 -13.13 4.48
N ARG A 31 3.89 -13.72 3.42
CA ARG A 31 3.24 -13.72 2.10
C ARG A 31 1.99 -14.60 2.12
N GLN A 32 2.05 -15.74 2.81
CA GLN A 32 0.92 -16.66 2.90
C GLN A 32 -0.23 -16.05 3.72
N GLN A 33 0.12 -15.43 4.86
CA GLN A 33 -0.89 -14.81 5.72
C GLN A 33 -1.64 -13.70 4.99
N THR A 34 -0.93 -12.96 4.13
CA THR A 34 -1.52 -11.88 3.36
C THR A 34 -2.62 -12.40 2.43
N ASP A 35 -2.38 -13.60 1.86
CA ASP A 35 -3.34 -14.22 0.95
C ASP A 35 -4.65 -14.50 1.68
N ASN A 36 -4.55 -15.24 2.80
CA ASN A 36 -5.72 -15.59 3.61
C ASN A 36 -6.43 -14.33 4.13
N LEU A 37 -5.70 -13.22 4.21
CA LEU A 37 -6.27 -11.96 4.68
C LEU A 37 -7.31 -11.44 3.69
N LEU A 38 -6.90 -11.23 2.45
CA LEU A 38 -7.81 -10.74 1.40
C LEU A 38 -8.30 -11.90 0.53
N LYS A 39 -8.35 -13.11 1.09
CA LYS A 39 -8.81 -14.28 0.35
C LYS A 39 -10.30 -14.21 0.05
N SER A 40 -11.06 -13.59 0.96
CA SER A 40 -12.51 -13.45 0.77
C SER A 40 -12.98 -12.07 1.22
N HIS A 41 -12.13 -11.06 1.03
CA HIS A 41 -12.46 -9.68 1.40
C HIS A 41 -13.32 -9.02 0.33
N ALA A 42 -14.01 -7.95 0.71
CA ALA A 42 -14.89 -7.22 -0.22
C ALA A 42 -14.07 -6.56 -1.34
N SER A 43 -14.76 -6.20 -2.42
CA SER A 43 -14.10 -5.56 -3.57
C SER A 43 -13.74 -4.11 -3.24
N GLY A 44 -12.58 -3.93 -2.62
CA GLY A 44 -12.10 -2.61 -2.26
C GLY A 44 -11.36 -2.59 -0.95
N THR A 45 -10.47 -3.57 -0.77
CA THR A 45 -9.67 -3.67 0.46
C THR A 45 -8.20 -3.44 0.14
N TYR A 46 -7.52 -2.66 0.98
CA TYR A 46 -6.10 -2.35 0.76
C TYR A 46 -5.27 -2.55 2.02
N LEU A 47 -4.00 -2.91 1.83
CA LEU A 47 -3.08 -3.11 2.94
C LEU A 47 -1.62 -2.96 2.48
N ILE A 48 -0.74 -2.52 3.40
CA ILE A 48 0.66 -2.32 3.09
C ILE A 48 1.56 -3.00 4.13
N ARG A 49 2.48 -3.84 3.66
CA ARG A 49 3.39 -4.56 4.55
C ARG A 49 4.77 -3.89 4.58
N GLU A 50 5.59 -4.29 5.55
CA GLU A 50 6.93 -3.73 5.71
C GLU A 50 7.96 -4.84 5.94
N ARG A 51 9.21 -4.60 5.54
CA ARG A 51 10.29 -5.56 5.71
C ARG A 51 11.49 -4.90 6.38
N PRO A 52 11.93 -5.44 7.54
CA PRO A 52 13.07 -4.89 8.29
C PRO A 52 14.41 -5.09 7.55
N ALA A 53 14.52 -4.46 6.38
CA ALA A 53 15.73 -4.55 5.55
C ALA A 53 15.49 -3.90 4.19
N GLU A 54 16.46 -3.12 3.72
CA GLU A 54 16.36 -2.44 2.42
C GLU A 54 15.31 -1.32 2.44
N ALA A 55 15.72 -0.12 2.02
CA ALA A 55 14.83 1.03 1.97
C ALA A 55 13.69 0.81 0.97
N GLU A 56 14.00 0.14 -0.14
CA GLU A 56 13.01 -0.15 -1.19
C GLU A 56 12.49 -1.59 -1.08
N ARG A 57 11.91 -1.94 0.07
CA ARG A 57 11.38 -3.28 0.28
C ARG A 57 9.93 -3.23 0.80
N PHE A 58 9.17 -2.23 0.35
CA PHE A 58 7.77 -2.08 0.77
C PHE A 58 6.82 -2.72 -0.25
N ALA A 59 5.66 -3.18 0.23
CA ALA A 59 4.66 -3.80 -0.63
C ALA A 59 3.25 -3.36 -0.29
N ILE A 60 2.45 -3.07 -1.32
CA ILE A 60 1.07 -2.63 -1.15
C ILE A 60 0.11 -3.61 -1.85
N SER A 61 -0.51 -4.47 -1.06
CA SER A 61 -1.45 -5.46 -1.58
C SER A 61 -2.89 -4.95 -1.52
N ILE A 62 -3.65 -5.19 -2.58
CA ILE A 62 -5.05 -4.77 -2.66
C ILE A 62 -5.98 -5.92 -3.04
N LYS A 63 -7.27 -5.74 -2.77
CA LYS A 63 -8.28 -6.76 -3.07
C LYS A 63 -9.18 -6.31 -4.22
N PHE A 64 -9.10 -7.01 -5.35
CA PHE A 64 -9.91 -6.69 -6.52
C PHE A 64 -10.00 -7.90 -7.46
N ASN A 65 -11.12 -8.01 -8.17
CA ASN A 65 -11.34 -9.12 -9.11
C ASN A 65 -11.26 -10.47 -8.38
N ASP A 66 -11.72 -10.49 -7.13
CA ASP A 66 -11.69 -11.71 -6.31
C ASP A 66 -10.29 -12.30 -6.21
N GLU A 67 -9.27 -11.43 -6.22
CA GLU A 67 -7.89 -11.85 -6.13
C GLU A 67 -7.06 -10.87 -5.30
N VAL A 68 -5.97 -11.37 -4.72
CA VAL A 68 -5.08 -10.54 -3.90
C VAL A 68 -3.83 -10.15 -4.69
N LYS A 69 -3.81 -8.90 -5.17
CA LYS A 69 -2.67 -8.40 -5.95
C LYS A 69 -1.56 -7.89 -5.02
N HIS A 70 -0.31 -8.13 -5.42
CA HIS A 70 0.85 -7.71 -4.63
C HIS A 70 1.67 -6.66 -5.38
N ILE A 71 1.50 -5.39 -5.01
CA ILE A 71 2.22 -4.28 -5.64
C ILE A 71 3.50 -3.95 -4.87
N LYS A 72 4.58 -3.69 -5.60
CA LYS A 72 5.87 -3.35 -4.97
C LYS A 72 6.14 -1.84 -5.03
N VAL A 73 6.85 -1.33 -4.02
CA VAL A 73 7.17 0.09 -3.95
C VAL A 73 8.68 0.31 -3.84
N VAL A 74 9.15 1.47 -4.34
CA VAL A 74 10.57 1.82 -4.31
C VAL A 74 10.79 3.21 -3.71
N GLU A 75 11.63 3.28 -2.68
CA GLU A 75 11.95 4.54 -2.01
C GLU A 75 13.39 4.97 -2.28
N LYS A 76 13.55 6.12 -2.95
CA LYS A 76 14.89 6.64 -3.28
C LYS A 76 14.92 8.17 -3.19
N ASP A 77 16.08 8.71 -2.78
CA ASP A 77 16.27 10.16 -2.66
C ASP A 77 15.20 10.78 -1.74
N ASN A 78 14.87 10.07 -0.65
CA ASN A 78 13.86 10.54 0.30
C ASN A 78 12.49 10.67 -0.38
N TRP A 79 12.26 9.87 -1.42
CA TRP A 79 11.00 9.88 -2.16
C TRP A 79 10.48 8.47 -2.34
N ILE A 80 9.20 8.34 -2.74
CA ILE A 80 8.59 7.03 -2.94
C ILE A 80 7.74 7.00 -4.21
N HIS A 81 7.81 5.88 -4.95
CA HIS A 81 7.04 5.74 -6.19
C HIS A 81 7.13 4.31 -6.73
N ILE A 82 5.97 3.77 -7.12
CA ILE A 82 5.89 2.41 -7.68
C ILE A 82 6.11 2.40 -9.19
N THR A 83 5.71 3.49 -9.86
CA THR A 83 5.85 3.62 -11.31
C THR A 83 6.49 4.98 -11.65
N GLU A 84 6.14 5.55 -12.81
CA GLU A 84 6.68 6.83 -13.24
C GLU A 84 5.58 7.82 -13.62
N ALA A 85 4.44 7.73 -12.94
CA ALA A 85 3.31 8.63 -13.21
C ALA A 85 3.30 9.82 -12.26
N LYS A 86 3.28 9.54 -10.95
CA LYS A 86 3.26 10.60 -9.94
C LYS A 86 4.12 10.21 -8.73
N LYS A 87 5.22 10.95 -8.51
CA LYS A 87 6.12 10.68 -7.40
C LYS A 87 5.56 11.26 -6.09
N PHE A 88 6.00 10.69 -4.96
CA PHE A 88 5.54 11.15 -3.65
C PHE A 88 6.70 11.22 -2.65
N ASP A 89 6.58 12.14 -1.68
CA ASP A 89 7.61 12.32 -0.66
C ASP A 89 7.63 11.14 0.31
N SER A 90 6.47 10.80 0.87
CA SER A 90 6.36 9.70 1.81
C SER A 90 5.27 8.71 1.39
N LEU A 91 5.25 7.54 2.04
CA LEU A 91 4.26 6.50 1.73
C LEU A 91 2.85 6.92 2.15
N LEU A 92 2.75 7.69 3.23
CA LEU A 92 1.44 8.16 3.73
C LEU A 92 0.76 9.04 2.67
N GLU A 93 1.55 9.85 1.98
CA GLU A 93 1.02 10.74 0.93
C GLU A 93 0.60 9.94 -0.30
N LEU A 94 1.38 8.89 -0.62
CA LEU A 94 1.09 8.04 -1.77
C LEU A 94 -0.24 7.31 -1.57
N VAL A 95 -0.43 6.71 -0.40
CA VAL A 95 -1.65 5.98 -0.09
C VAL A 95 -2.87 6.92 -0.06
N GLU A 96 -2.70 8.09 0.56
CA GLU A 96 -3.77 9.07 0.65
C GLU A 96 -4.22 9.55 -0.74
N TYR A 97 -3.28 9.60 -1.69
CA TYR A 97 -3.59 10.03 -3.06
C TYR A 97 -4.59 9.09 -3.73
N TYR A 98 -4.31 7.78 -3.66
CA TYR A 98 -5.19 6.78 -4.26
C TYR A 98 -6.47 6.59 -3.44
N GLN A 99 -6.44 6.98 -2.16
CA GLN A 99 -7.60 6.85 -1.29
C GLN A 99 -8.83 7.52 -1.92
N CYS A 100 -8.59 8.63 -2.64
CA CYS A 100 -9.68 9.36 -3.30
C CYS A 100 -9.41 9.54 -4.80
N HIS A 101 -8.69 8.59 -5.40
CA HIS A 101 -8.38 8.65 -6.83
C HIS A 101 -7.98 7.27 -7.36
N SER A 102 -8.55 6.89 -8.51
CA SER A 102 -8.25 5.60 -9.12
C SER A 102 -6.77 5.48 -9.50
N LEU A 103 -6.22 4.27 -9.39
CA LEU A 103 -4.81 4.03 -9.72
C LEU A 103 -4.63 3.60 -11.18
N LYS A 104 -5.63 3.91 -12.03
CA LYS A 104 -5.56 3.55 -13.45
C LYS A 104 -4.32 4.15 -14.13
N GLU A 105 -3.84 5.28 -13.62
CA GLU A 105 -2.66 5.95 -14.17
C GLU A 105 -1.48 4.98 -14.20
N SER A 106 -1.35 4.18 -13.16
CA SER A 106 -0.27 3.20 -13.06
C SER A 106 -0.71 1.86 -13.67
N PHE A 107 -1.94 1.45 -13.38
CA PHE A 107 -2.48 0.19 -13.90
C PHE A 107 -3.74 0.43 -14.72
N LYS A 108 -3.58 0.51 -16.04
CA LYS A 108 -4.72 0.75 -16.94
C LYS A 108 -5.82 -0.30 -16.73
N GLN A 109 -5.43 -1.51 -16.29
CA GLN A 109 -6.39 -2.59 -16.05
C GLN A 109 -7.04 -2.46 -14.67
N LEU A 110 -6.31 -1.90 -13.70
CA LEU A 110 -6.81 -1.73 -12.34
C LEU A 110 -7.29 -0.29 -12.09
N ASP A 111 -8.61 -0.10 -12.06
CA ASP A 111 -9.19 1.22 -11.83
C ASP A 111 -9.96 1.26 -10.50
N THR A 112 -9.33 0.78 -9.43
CA THR A 112 -9.97 0.75 -8.11
C THR A 112 -9.27 1.72 -7.14
N THR A 113 -9.93 1.98 -6.02
CA THR A 113 -9.39 2.89 -4.99
C THR A 113 -9.39 2.24 -3.61
N LEU A 114 -8.71 2.89 -2.66
CA LEU A 114 -8.63 2.40 -1.29
C LEU A 114 -9.90 2.74 -0.53
N LYS A 115 -10.62 1.71 -0.05
CA LYS A 115 -11.88 1.93 0.68
C LYS A 115 -11.81 1.40 2.12
N TYR A 116 -11.81 0.07 2.26
CA TYR A 116 -11.76 -0.56 3.59
C TYR A 116 -10.47 -1.33 3.80
N PRO A 117 -9.63 -0.90 4.76
CA PRO A 117 -8.35 -1.57 5.06
C PRO A 117 -8.55 -3.04 5.42
N TYR A 118 -7.46 -3.80 5.40
CA TYR A 118 -7.50 -5.23 5.72
C TYR A 118 -8.21 -5.49 7.06
N LYS A 119 -8.14 -4.51 7.97
CA LYS A 119 -8.79 -4.64 9.28
C LYS A 119 -10.31 -4.69 9.15
N SER A 120 -10.96 -3.52 9.13
CA SER A 120 -12.41 -3.44 9.00
C SER A 120 -12.90 -2.01 9.21
N ARG A 121 -13.35 -1.38 8.14
CA ARG A 121 -13.84 0.00 8.19
C ARG A 121 -15.36 0.02 8.34
N GLU A 122 -15.83 0.56 9.47
CA GLU A 122 -17.26 0.67 9.74
C GLU A 122 -17.72 2.13 9.73
N SER A 10 27.29 18.18 16.34
CA SER A 10 25.91 17.94 15.83
C SER A 10 25.69 16.47 15.50
N ARG A 11 24.43 16.05 15.49
CA ARG A 11 24.08 14.66 15.19
C ARG A 11 22.82 14.59 14.31
N PRO A 12 22.77 13.64 13.36
CA PRO A 12 21.62 13.49 12.46
C PRO A 12 20.40 12.88 13.17
N PRO A 13 19.32 13.68 13.33
CA PRO A 13 18.09 13.22 13.98
C PRO A 13 17.34 12.15 13.19
N SER A 14 16.60 11.31 13.89
CA SER A 14 15.83 10.23 13.25
C SER A 14 14.36 10.62 13.12
N ARG A 15 13.86 10.65 11.89
CA ARG A 15 12.47 11.00 11.62
C ARG A 15 11.78 9.90 10.82
N GLU A 16 10.84 9.19 11.46
CA GLU A 16 10.10 8.11 10.82
C GLU A 16 8.62 8.21 11.16
N ILE A 17 7.80 8.41 10.14
CA ILE A 17 6.35 8.52 10.31
C ILE A 17 5.78 7.23 10.89
N ASP A 18 4.81 7.37 11.79
CA ASP A 18 4.15 6.22 12.41
C ASP A 18 3.08 5.63 11.50
N TYR A 19 3.51 5.07 10.38
CA TYR A 19 2.58 4.46 9.42
C TYR A 19 1.88 3.26 10.05
N THR A 20 2.50 2.69 11.10
CA THR A 20 1.94 1.54 11.80
C THR A 20 0.66 1.92 12.54
N ALA A 21 0.63 3.12 13.12
CA ALA A 21 -0.53 3.60 13.86
C ALA A 21 -1.80 3.62 13.00
N TYR A 22 -1.61 3.74 11.68
CA TYR A 22 -2.74 3.77 10.75
C TYR A 22 -3.42 2.40 10.64
N PRO A 23 -4.74 2.36 10.38
CA PRO A 23 -5.50 1.12 10.26
C PRO A 23 -5.21 0.35 8.96
N TRP A 24 -4.51 0.99 8.02
CA TRP A 24 -4.18 0.35 6.74
C TRP A 24 -2.72 -0.14 6.72
N PHE A 25 -2.16 -0.41 7.90
CA PHE A 25 -0.78 -0.88 8.01
C PHE A 25 -0.73 -2.28 8.65
N ALA A 26 0.01 -3.18 8.01
CA ALA A 26 0.16 -4.56 8.52
C ALA A 26 1.55 -4.80 9.10
N GLY A 27 2.56 -4.86 8.22
CA GLY A 27 3.93 -5.10 8.67
C GLY A 27 4.66 -6.11 7.81
N ASN A 28 5.69 -6.76 8.37
CA ASN A 28 6.46 -7.76 7.64
C ASN A 28 5.62 -9.01 7.36
N MET A 29 4.84 -8.96 6.28
CA MET A 29 3.96 -10.07 5.90
C MET A 29 4.58 -10.92 4.81
N GLU A 30 4.07 -12.14 4.65
CA GLU A 30 4.58 -13.07 3.64
C GLU A 30 3.58 -13.24 2.48
N ARG A 31 3.99 -13.96 1.44
CA ARG A 31 3.14 -14.19 0.26
C ARG A 31 1.82 -14.84 0.66
N GLN A 32 1.90 -16.01 1.28
CA GLN A 32 0.71 -16.74 1.72
C GLN A 32 -0.10 -15.93 2.74
N GLN A 33 0.61 -15.26 3.65
CA GLN A 33 -0.05 -14.44 4.67
C GLN A 33 -0.85 -13.30 4.05
N THR A 34 -0.26 -12.62 3.05
CA THR A 34 -0.91 -11.51 2.36
C THR A 34 -2.13 -12.00 1.58
N ASP A 35 -2.00 -13.15 0.92
CA ASP A 35 -3.10 -13.72 0.14
C ASP A 35 -4.26 -14.08 1.06
N ASN A 36 -3.96 -14.87 2.11
CA ASN A 36 -4.96 -15.30 3.09
C ASN A 36 -5.60 -14.10 3.80
N LEU A 37 -4.89 -12.96 3.81
CA LEU A 37 -5.37 -11.75 4.46
C LEU A 37 -6.66 -11.25 3.80
N LEU A 38 -6.60 -11.01 2.50
CA LEU A 38 -7.77 -10.55 1.75
C LEU A 38 -8.40 -11.67 0.92
N LYS A 39 -8.07 -12.93 1.25
CA LYS A 39 -8.61 -14.07 0.54
C LYS A 39 -10.14 -14.13 0.68
N SER A 40 -10.65 -13.67 1.83
CA SER A 40 -12.09 -13.68 2.09
C SER A 40 -12.65 -12.25 2.12
N HIS A 41 -11.78 -11.24 2.15
CA HIS A 41 -12.20 -9.84 2.19
C HIS A 41 -13.01 -9.47 0.94
N ALA A 42 -13.76 -8.36 1.02
CA ALA A 42 -14.58 -7.90 -0.09
C ALA A 42 -13.76 -7.12 -1.11
N SER A 43 -14.42 -6.64 -2.17
CA SER A 43 -13.75 -5.87 -3.21
C SER A 43 -13.55 -4.42 -2.76
N GLY A 44 -12.29 -3.99 -2.73
CA GLY A 44 -11.97 -2.63 -2.31
C GLY A 44 -11.19 -2.58 -0.99
N THR A 45 -10.59 -3.71 -0.61
CA THR A 45 -9.80 -3.78 0.62
C THR A 45 -8.33 -3.51 0.32
N TYR A 46 -7.69 -2.72 1.17
CA TYR A 46 -6.28 -2.38 0.99
C TYR A 46 -5.47 -2.53 2.28
N LEU A 47 -4.19 -2.88 2.14
CA LEU A 47 -3.30 -3.06 3.28
C LEU A 47 -1.83 -2.88 2.87
N ILE A 48 -1.02 -2.33 3.78
CA ILE A 48 0.40 -2.11 3.53
C ILE A 48 1.25 -3.13 4.26
N ARG A 49 2.15 -3.79 3.53
CA ARG A 49 3.04 -4.80 4.12
C ARG A 49 4.50 -4.49 3.84
N GLU A 50 5.39 -5.09 4.63
CA GLU A 50 6.83 -4.90 4.49
C GLU A 50 7.51 -6.20 4.07
N ARG A 51 8.77 -6.10 3.63
CA ARG A 51 9.54 -7.26 3.19
C ARG A 51 11.03 -6.95 3.13
N PRO A 52 11.88 -7.86 3.66
CA PRO A 52 13.34 -7.67 3.68
C PRO A 52 13.90 -7.44 2.27
N ALA A 53 14.40 -6.22 2.03
CA ALA A 53 14.96 -5.87 0.73
C ALA A 53 15.66 -4.51 0.78
N GLU A 54 16.68 -4.34 -0.06
CA GLU A 54 17.43 -3.08 -0.12
C GLU A 54 16.68 -2.04 -0.96
N ALA A 55 15.97 -2.49 -1.99
CA ALA A 55 15.22 -1.58 -2.86
C ALA A 55 13.73 -1.55 -2.48
N GLU A 56 13.04 -2.69 -2.67
CA GLU A 56 11.62 -2.79 -2.35
C GLU A 56 11.40 -3.14 -0.87
N ARG A 57 11.53 -2.14 0.00
CA ARG A 57 11.35 -2.33 1.43
C ARG A 57 9.86 -2.40 1.79
N PHE A 58 9.07 -1.51 1.20
CA PHE A 58 7.62 -1.46 1.46
C PHE A 58 6.83 -2.07 0.30
N ALA A 59 5.59 -2.46 0.60
CA ALA A 59 4.70 -3.07 -0.39
C ALA A 59 3.24 -2.67 -0.15
N ILE A 60 2.43 -2.69 -1.21
CA ILE A 60 1.00 -2.34 -1.10
C ILE A 60 0.11 -3.43 -1.67
N SER A 61 -0.55 -4.18 -0.78
CA SER A 61 -1.44 -5.25 -1.20
C SER A 61 -2.90 -4.79 -1.21
N ILE A 62 -3.59 -5.03 -2.33
CA ILE A 62 -4.99 -4.64 -2.48
C ILE A 62 -5.86 -5.85 -2.80
N LYS A 63 -7.18 -5.68 -2.62
CA LYS A 63 -8.14 -6.75 -2.88
C LYS A 63 -9.27 -6.26 -3.78
N PHE A 64 -9.26 -6.70 -5.04
CA PHE A 64 -10.29 -6.30 -6.01
C PHE A 64 -10.39 -7.32 -7.15
N ASN A 65 -11.53 -7.33 -7.84
CA ASN A 65 -11.77 -8.25 -8.95
C ASN A 65 -11.68 -9.71 -8.48
N ASP A 66 -12.23 -9.97 -7.28
CA ASP A 66 -12.24 -11.30 -6.68
C ASP A 66 -10.84 -11.92 -6.63
N GLU A 67 -9.80 -11.08 -6.56
CA GLU A 67 -8.42 -11.55 -6.50
C GLU A 67 -7.52 -10.56 -5.76
N VAL A 68 -6.80 -11.03 -4.75
CA VAL A 68 -5.89 -10.17 -3.99
C VAL A 68 -4.60 -9.89 -4.75
N LYS A 69 -4.29 -8.60 -4.94
CA LYS A 69 -3.09 -8.19 -5.66
C LYS A 69 -1.98 -7.78 -4.71
N HIS A 70 -0.73 -7.77 -5.22
CA HIS A 70 0.43 -7.41 -4.41
C HIS A 70 1.32 -6.40 -5.15
N ILE A 71 1.10 -5.10 -4.88
CA ILE A 71 1.88 -4.03 -5.52
C ILE A 71 3.22 -3.83 -4.83
N LYS A 72 4.22 -3.36 -5.58
CA LYS A 72 5.57 -3.11 -5.05
C LYS A 72 5.81 -1.61 -4.86
N VAL A 73 6.70 -1.28 -3.91
CA VAL A 73 7.04 0.11 -3.61
C VAL A 73 8.55 0.33 -3.65
N VAL A 74 8.97 1.43 -4.26
CA VAL A 74 10.40 1.77 -4.36
C VAL A 74 10.72 3.07 -3.62
N GLU A 75 11.43 2.94 -2.49
CA GLU A 75 11.81 4.08 -1.67
C GLU A 75 13.31 4.38 -1.81
N LYS A 76 13.64 5.54 -2.40
CA LYS A 76 15.04 5.93 -2.59
C LYS A 76 15.18 7.44 -2.77
N ASP A 77 16.28 8.00 -2.25
CA ASP A 77 16.55 9.44 -2.35
C ASP A 77 15.41 10.25 -1.73
N ASN A 78 15.08 9.94 -0.46
CA ASN A 78 14.00 10.62 0.27
C ASN A 78 12.70 10.71 -0.57
N TRP A 79 12.52 9.75 -1.48
CA TRP A 79 11.33 9.71 -2.33
C TRP A 79 10.71 8.32 -2.32
N ILE A 80 9.40 8.25 -2.55
CA ILE A 80 8.68 6.99 -2.58
C ILE A 80 7.68 6.94 -3.73
N HIS A 81 7.64 5.82 -4.44
CA HIS A 81 6.73 5.65 -5.57
C HIS A 81 6.64 4.19 -6.02
N ILE A 82 5.42 3.72 -6.28
CA ILE A 82 5.19 2.34 -6.72
C ILE A 82 5.50 2.18 -8.21
N THR A 83 5.33 3.25 -8.98
CA THR A 83 5.58 3.22 -10.42
C THR A 83 6.11 4.58 -10.90
N GLU A 84 6.24 4.74 -12.21
CA GLU A 84 6.73 6.00 -12.79
C GLU A 84 5.57 6.89 -13.24
N ALA A 85 4.47 6.85 -12.49
CA ALA A 85 3.30 7.66 -12.82
C ALA A 85 3.27 8.94 -11.98
N LYS A 86 3.72 8.84 -10.73
CA LYS A 86 3.75 9.99 -9.83
C LYS A 86 4.61 9.70 -8.60
N LYS A 87 5.58 10.59 -8.34
CA LYS A 87 6.47 10.44 -7.19
C LYS A 87 5.86 11.10 -5.95
N PHE A 88 6.26 10.61 -4.77
CA PHE A 88 5.75 11.16 -3.52
C PHE A 88 6.86 11.33 -2.49
N ASP A 89 6.85 12.48 -1.80
CA ASP A 89 7.86 12.76 -0.77
C ASP A 89 7.73 11.78 0.39
N SER A 90 6.51 11.56 0.86
CA SER A 90 6.25 10.64 1.96
C SER A 90 5.26 9.56 1.55
N LEU A 91 5.27 8.44 2.25
CA LEU A 91 4.35 7.33 1.95
C LEU A 91 2.90 7.80 2.03
N LEU A 92 2.63 8.74 2.95
CA LEU A 92 1.28 9.29 3.11
C LEU A 92 0.77 9.83 1.77
N GLU A 93 1.57 10.69 1.15
CA GLU A 93 1.21 11.30 -0.13
C GLU A 93 0.77 10.25 -1.15
N LEU A 94 1.54 9.16 -1.25
CA LEU A 94 1.23 8.08 -2.19
C LEU A 94 -0.14 7.47 -1.88
N VAL A 95 -0.32 7.03 -0.64
CA VAL A 95 -1.58 6.41 -0.21
C VAL A 95 -2.72 7.41 -0.23
N GLU A 96 -2.45 8.63 0.25
CA GLU A 96 -3.46 9.69 0.29
C GLU A 96 -3.92 10.06 -1.12
N TYR A 97 -2.97 10.14 -2.06
CA TYR A 97 -3.30 10.46 -3.45
C TYR A 97 -4.11 9.33 -4.09
N TYR A 98 -3.61 8.09 -3.94
CA TYR A 98 -4.29 6.93 -4.49
C TYR A 98 -5.64 6.67 -3.80
N GLN A 99 -5.81 7.21 -2.58
CA GLN A 99 -7.07 7.04 -1.85
C GLN A 99 -8.22 7.65 -2.64
N CYS A 100 -7.95 8.77 -3.33
CA CYS A 100 -8.97 9.45 -4.13
C CYS A 100 -8.80 9.17 -5.63
N HIS A 101 -7.59 8.81 -6.06
CA HIS A 101 -7.31 8.53 -7.47
C HIS A 101 -7.27 7.03 -7.74
N SER A 102 -7.85 6.61 -8.87
CA SER A 102 -7.87 5.19 -9.25
C SER A 102 -6.48 4.68 -9.57
N LEU A 103 -6.31 3.35 -9.48
CA LEU A 103 -5.02 2.73 -9.76
C LEU A 103 -4.90 2.27 -11.22
N LYS A 104 -5.75 2.83 -12.09
CA LYS A 104 -5.73 2.48 -13.52
C LYS A 104 -4.46 2.98 -14.22
N GLU A 105 -3.90 4.08 -13.71
CA GLU A 105 -2.68 4.66 -14.28
C GLU A 105 -1.55 3.63 -14.32
N SER A 106 -1.43 2.84 -13.25
CA SER A 106 -0.40 1.82 -13.16
C SER A 106 -0.95 0.45 -13.55
N PHE A 107 -2.17 0.13 -13.07
CA PHE A 107 -2.81 -1.14 -13.38
C PHE A 107 -4.08 -0.92 -14.20
N LYS A 108 -3.96 -1.09 -15.52
CA LYS A 108 -5.10 -0.91 -16.42
C LYS A 108 -6.26 -1.84 -16.05
N GLN A 109 -5.92 -3.01 -15.49
CA GLN A 109 -6.92 -4.00 -15.08
C GLN A 109 -7.25 -3.85 -13.59
N LEU A 110 -6.98 -2.69 -13.01
CA LEU A 110 -7.25 -2.43 -11.60
C LEU A 110 -7.74 -1.00 -11.38
N ASP A 111 -9.02 -0.77 -11.67
CA ASP A 111 -9.61 0.56 -11.49
C ASP A 111 -10.40 0.63 -10.19
N THR A 112 -9.69 0.80 -9.08
CA THR A 112 -10.32 0.88 -7.77
C THR A 112 -9.43 1.61 -6.77
N THR A 113 -10.06 2.30 -5.81
CA THR A 113 -9.34 3.05 -4.78
C THR A 113 -9.46 2.38 -3.42
N LEU A 114 -8.84 2.99 -2.40
CA LEU A 114 -8.87 2.45 -1.04
C LEU A 114 -10.23 2.70 -0.39
N LYS A 115 -10.94 1.62 -0.05
CA LYS A 115 -12.25 1.72 0.57
C LYS A 115 -12.23 1.28 2.04
N TYR A 116 -12.09 -0.03 2.26
CA TYR A 116 -12.05 -0.58 3.61
C TYR A 116 -10.68 -1.14 3.96
N PRO A 117 -10.27 -1.04 5.23
CA PRO A 117 -8.97 -1.55 5.69
C PRO A 117 -8.97 -3.08 5.83
N TYR A 118 -7.86 -3.62 6.33
CA TYR A 118 -7.72 -5.07 6.52
C TYR A 118 -8.27 -5.52 7.88
N LYS A 119 -9.12 -4.70 8.51
CA LYS A 119 -9.71 -5.04 9.81
C LYS A 119 -11.03 -5.78 9.64
N SER A 120 -12.09 -5.05 9.29
CA SER A 120 -13.41 -5.64 9.10
C SER A 120 -14.40 -4.60 8.58
N ARG A 121 -14.59 -3.54 9.36
CA ARG A 121 -15.51 -2.46 9.00
C ARG A 121 -16.89 -3.02 8.66
N GLU A 122 -17.34 -4.01 9.44
CA GLU A 122 -18.64 -4.64 9.23
C GLU A 122 -19.76 -3.84 9.93
N SER A 10 3.07 26.44 3.67
CA SER A 10 3.83 25.30 3.09
C SER A 10 3.79 24.07 4.01
N ARG A 11 3.72 22.89 3.40
CA ARG A 11 3.68 21.64 4.16
C ARG A 11 4.99 20.87 4.01
N PRO A 12 5.96 21.10 4.92
CA PRO A 12 7.27 20.43 4.88
C PRO A 12 7.17 18.93 5.21
N PRO A 13 8.10 18.12 4.66
CA PRO A 13 8.11 16.67 4.88
C PRO A 13 8.53 16.30 6.30
N SER A 14 7.74 15.45 6.95
CA SER A 14 8.01 15.02 8.32
C SER A 14 9.12 13.96 8.34
N ARG A 15 9.70 13.74 9.53
CA ARG A 15 10.76 12.76 9.69
C ARG A 15 10.25 11.50 10.41
N GLU A 16 10.31 10.36 9.69
CA GLU A 16 9.85 9.08 10.22
C GLU A 16 8.34 9.06 10.40
N ILE A 17 7.70 8.01 9.88
CA ILE A 17 6.24 7.87 9.97
C ILE A 17 5.85 6.61 10.72
N ASP A 18 4.69 6.67 11.38
CA ASP A 18 4.17 5.53 12.12
C ASP A 18 3.05 4.85 11.34
N TYR A 19 3.43 4.19 10.22
CA TYR A 19 2.44 3.50 9.40
C TYR A 19 1.75 2.39 10.20
N THR A 20 2.38 1.95 11.30
CA THR A 20 1.83 0.92 12.17
C THR A 20 0.55 1.39 12.83
N ALA A 21 0.52 2.66 13.24
CA ALA A 21 -0.65 3.24 13.89
C ALA A 21 -1.87 3.21 12.97
N TYR A 22 -1.63 3.37 11.67
CA TYR A 22 -2.70 3.35 10.68
C TYR A 22 -3.36 1.98 10.60
N PRO A 23 -4.66 1.93 10.22
CA PRO A 23 -5.42 0.68 10.11
C PRO A 23 -5.19 -0.05 8.78
N TRP A 24 -3.94 -0.09 8.31
CA TRP A 24 -3.62 -0.77 7.05
C TRP A 24 -2.13 -1.14 6.95
N PHE A 25 -1.56 -1.60 8.07
CA PHE A 25 -0.15 -1.97 8.10
C PHE A 25 0.02 -3.46 8.42
N ALA A 26 0.66 -4.18 7.50
CA ALA A 26 0.91 -5.60 7.68
C ALA A 26 2.34 -5.87 8.14
N GLY A 27 3.27 -5.02 7.71
CA GLY A 27 4.67 -5.19 8.08
C GLY A 27 5.32 -6.36 7.35
N ASN A 28 6.22 -7.06 8.03
CA ASN A 28 6.91 -8.20 7.43
C ASN A 28 5.98 -9.41 7.37
N MET A 29 4.97 -9.34 6.51
CA MET A 29 4.00 -10.42 6.34
C MET A 29 4.29 -11.24 5.10
N GLU A 30 4.23 -12.57 5.23
CA GLU A 30 4.49 -13.47 4.12
C GLU A 30 3.39 -13.37 3.06
N ARG A 31 3.74 -13.70 1.82
CA ARG A 31 2.78 -13.65 0.71
C ARG A 31 1.54 -14.48 1.03
N GLN A 32 1.74 -15.67 1.59
CA GLN A 32 0.64 -16.56 1.95
C GLN A 32 -0.29 -15.89 2.96
N GLN A 33 0.30 -15.33 4.02
CA GLN A 33 -0.49 -14.65 5.06
C GLN A 33 -1.26 -13.49 4.48
N THR A 34 -0.62 -12.70 3.62
CA THR A 34 -1.25 -11.55 2.98
C THR A 34 -2.49 -11.98 2.20
N ASP A 35 -2.42 -13.14 1.55
CA ASP A 35 -3.53 -13.67 0.77
C ASP A 35 -4.72 -13.97 1.68
N ASN A 36 -4.48 -14.73 2.74
CA ASN A 36 -5.53 -15.10 3.70
C ASN A 36 -6.17 -13.86 4.33
N LEU A 37 -5.44 -12.74 4.32
CA LEU A 37 -5.94 -11.49 4.89
C LEU A 37 -7.09 -10.94 4.05
N LEU A 38 -6.85 -10.83 2.74
CA LEU A 38 -7.86 -10.32 1.82
C LEU A 38 -8.60 -11.46 1.12
N LYS A 39 -8.50 -12.67 1.67
CA LYS A 39 -9.15 -13.84 1.11
C LYS A 39 -10.67 -13.78 1.32
N SER A 40 -11.09 -13.21 2.45
CA SER A 40 -12.52 -13.09 2.77
C SER A 40 -13.02 -11.64 2.62
N HIS A 41 -12.09 -10.69 2.64
CA HIS A 41 -12.43 -9.27 2.52
C HIS A 41 -13.13 -8.97 1.19
N ALA A 42 -13.85 -7.85 1.15
CA ALA A 42 -14.58 -7.44 -0.05
C ALA A 42 -13.70 -6.60 -0.97
N SER A 43 -14.12 -6.48 -2.23
CA SER A 43 -13.38 -5.70 -3.21
C SER A 43 -13.29 -4.24 -2.78
N GLY A 44 -12.06 -3.78 -2.52
CA GLY A 44 -11.84 -2.40 -2.09
C GLY A 44 -10.89 -2.30 -0.92
N THR A 45 -10.56 -3.43 -0.30
CA THR A 45 -9.65 -3.44 0.85
C THR A 45 -8.21 -3.25 0.39
N TYR A 46 -7.49 -2.33 1.04
CA TYR A 46 -6.10 -2.04 0.68
C TYR A 46 -5.18 -2.11 1.90
N LEU A 47 -3.94 -2.57 1.68
CA LEU A 47 -2.95 -2.69 2.76
C LEU A 47 -1.53 -2.73 2.20
N ILE A 48 -0.56 -2.35 3.04
CA ILE A 48 0.85 -2.35 2.64
C ILE A 48 1.68 -3.24 3.56
N ARG A 49 2.67 -3.92 2.99
CA ARG A 49 3.54 -4.81 3.76
C ARG A 49 5.03 -4.59 3.44
N GLU A 50 5.86 -4.65 4.48
CA GLU A 50 7.30 -4.46 4.33
C GLU A 50 8.00 -5.80 4.09
N ARG A 51 9.22 -5.72 3.54
CA ARG A 51 10.00 -6.92 3.25
C ARG A 51 11.50 -6.66 3.47
N PRO A 52 12.24 -7.65 4.01
CA PRO A 52 13.68 -7.51 4.27
C PRO A 52 14.46 -7.08 3.02
N ALA A 53 15.16 -5.95 3.13
CA ALA A 53 15.94 -5.42 2.00
C ALA A 53 17.04 -4.47 2.47
N GLU A 54 17.84 -3.98 1.52
CA GLU A 54 18.93 -3.06 1.84
C GLU A 54 18.58 -1.61 1.43
N ALA A 55 17.87 -1.46 0.32
CA ALA A 55 17.48 -0.13 -0.16
C ALA A 55 15.97 -0.01 -0.37
N GLU A 56 15.45 -0.59 -1.47
CA GLU A 56 14.02 -0.53 -1.77
C GLU A 56 13.47 -1.90 -2.15
N ARG A 57 12.37 -2.30 -1.48
CA ARG A 57 11.73 -3.58 -1.77
C ARG A 57 10.38 -3.69 -1.03
N PHE A 58 9.57 -2.63 -1.12
CA PHE A 58 8.26 -2.61 -0.45
C PHE A 58 7.19 -3.28 -1.32
N ALA A 59 5.99 -3.47 -0.76
CA ALA A 59 4.89 -4.10 -1.48
C ALA A 59 3.53 -3.68 -0.93
N ILE A 60 2.57 -3.49 -1.83
CA ILE A 60 1.21 -3.09 -1.44
C ILE A 60 0.18 -4.09 -1.95
N SER A 61 -0.52 -4.75 -1.02
CA SER A 61 -1.53 -5.74 -1.37
C SER A 61 -2.93 -5.15 -1.31
N ILE A 62 -3.73 -5.38 -2.35
CA ILE A 62 -5.09 -4.87 -2.42
C ILE A 62 -6.09 -5.99 -2.78
N LYS A 63 -7.36 -5.74 -2.50
CA LYS A 63 -8.43 -6.72 -2.77
C LYS A 63 -9.34 -6.25 -3.90
N PHE A 64 -9.36 -7.03 -4.99
CA PHE A 64 -10.20 -6.71 -6.15
C PHE A 64 -10.19 -7.87 -7.15
N ASN A 65 -11.27 -7.99 -7.93
CA ASN A 65 -11.39 -9.06 -8.91
C ASN A 65 -11.26 -10.44 -8.26
N ASP A 66 -11.74 -10.55 -7.01
CA ASP A 66 -11.67 -11.80 -6.26
C ASP A 66 -10.25 -12.36 -6.20
N GLU A 67 -9.26 -11.45 -6.23
CA GLU A 67 -7.86 -11.86 -6.17
C GLU A 67 -7.03 -10.83 -5.39
N VAL A 68 -6.02 -11.31 -4.68
CA VAL A 68 -5.15 -10.44 -3.89
C VAL A 68 -3.94 -9.98 -4.70
N LYS A 69 -4.04 -8.77 -5.26
CA LYS A 69 -2.97 -8.20 -6.09
C LYS A 69 -1.80 -7.70 -5.22
N HIS A 70 -0.67 -7.42 -5.87
CA HIS A 70 0.52 -6.93 -5.17
C HIS A 70 1.27 -5.89 -6.01
N ILE A 71 1.40 -4.67 -5.45
CA ILE A 71 2.10 -3.58 -6.13
C ILE A 71 3.47 -3.35 -5.49
N LYS A 72 4.51 -3.21 -6.34
CA LYS A 72 5.87 -2.99 -5.84
C LYS A 72 6.15 -1.51 -5.61
N VAL A 73 6.71 -1.18 -4.46
CA VAL A 73 7.04 0.20 -4.11
C VAL A 73 8.55 0.40 -3.95
N VAL A 74 9.00 1.63 -4.17
CA VAL A 74 10.42 1.96 -4.06
C VAL A 74 10.65 3.11 -3.09
N GLU A 75 11.30 2.82 -1.95
CA GLU A 75 11.57 3.83 -0.94
C GLU A 75 12.90 4.53 -1.22
N LYS A 76 12.82 5.73 -1.83
CA LYS A 76 14.01 6.50 -2.16
C LYS A 76 14.62 7.13 -0.90
N ASP A 77 15.72 7.85 -1.08
CA ASP A 77 16.40 8.52 0.03
C ASP A 77 15.42 9.36 0.84
N ASN A 78 14.54 10.08 0.14
CA ASN A 78 13.54 10.93 0.77
C ASN A 78 12.25 10.98 -0.05
N TRP A 79 11.99 9.93 -0.82
CA TRP A 79 10.80 9.87 -1.67
C TRP A 79 10.22 8.45 -1.73
N ILE A 80 9.08 8.30 -2.40
CA ILE A 80 8.44 7.00 -2.54
C ILE A 80 7.53 6.95 -3.77
N HIS A 81 7.65 5.87 -4.55
CA HIS A 81 6.85 5.70 -5.76
C HIS A 81 6.78 4.23 -6.19
N ILE A 82 5.68 3.86 -6.85
CA ILE A 82 5.48 2.50 -7.33
C ILE A 82 5.90 2.34 -8.80
N THR A 83 5.83 3.45 -9.55
CA THR A 83 6.20 3.44 -10.96
C THR A 83 6.68 4.83 -11.39
N GLU A 84 6.86 5.02 -12.70
CA GLU A 84 7.31 6.31 -13.23
C GLU A 84 6.12 7.15 -13.69
N ALA A 85 5.01 7.06 -12.97
CA ALA A 85 3.81 7.83 -13.30
C ALA A 85 3.58 8.96 -12.31
N LYS A 86 3.88 8.71 -11.03
CA LYS A 86 3.70 9.71 -9.99
C LYS A 86 4.56 9.37 -8.76
N LYS A 87 5.42 10.32 -8.37
CA LYS A 87 6.30 10.13 -7.21
C LYS A 87 5.86 11.02 -6.04
N PHE A 88 6.14 10.56 -4.82
CA PHE A 88 5.77 11.30 -3.61
C PHE A 88 6.95 11.35 -2.63
N ASP A 89 6.75 12.05 -1.52
CA ASP A 89 7.80 12.17 -0.50
C ASP A 89 7.66 11.07 0.57
N SER A 90 6.45 10.90 1.09
CA SER A 90 6.19 9.89 2.11
C SER A 90 5.11 8.92 1.65
N LEU A 91 5.20 7.66 2.11
CA LEU A 91 4.23 6.63 1.74
C LEU A 91 2.80 7.06 2.10
N LEU A 92 2.67 7.82 3.19
CA LEU A 92 1.35 8.29 3.63
C LEU A 92 0.76 9.26 2.62
N GLU A 93 1.60 10.11 2.03
CA GLU A 93 1.15 11.09 1.04
C GLU A 93 0.75 10.39 -0.25
N LEU A 94 1.56 9.42 -0.69
CA LEU A 94 1.27 8.68 -1.91
C LEU A 94 -0.10 7.99 -1.81
N VAL A 95 -0.34 7.31 -0.69
CA VAL A 95 -1.59 6.61 -0.45
C VAL A 95 -2.77 7.59 -0.44
N GLU A 96 -2.55 8.78 0.12
CA GLU A 96 -3.60 9.79 0.19
C GLU A 96 -4.12 10.15 -1.21
N TYR A 97 -3.20 10.38 -2.14
CA TYR A 97 -3.57 10.73 -3.52
C TYR A 97 -4.29 9.57 -4.19
N TYR A 98 -3.77 8.36 -4.00
CA TYR A 98 -4.37 7.16 -4.61
C TYR A 98 -5.67 6.77 -3.90
N GLN A 99 -5.86 7.22 -2.66
CA GLN A 99 -7.08 6.90 -1.91
C GLN A 99 -8.32 7.37 -2.68
N CYS A 100 -8.22 8.55 -3.30
CA CYS A 100 -9.32 9.10 -4.07
C CYS A 100 -9.19 8.79 -5.57
N HIS A 101 -7.94 8.74 -6.05
CA HIS A 101 -7.69 8.45 -7.47
C HIS A 101 -7.74 6.95 -7.74
N SER A 102 -7.83 6.57 -9.03
CA SER A 102 -7.88 5.17 -9.42
C SER A 102 -6.51 4.67 -9.87
N LEU A 103 -6.31 3.36 -9.80
CA LEU A 103 -5.05 2.75 -10.20
C LEU A 103 -5.12 2.22 -11.64
N LYS A 104 -6.07 2.74 -12.43
CA LYS A 104 -6.23 2.31 -13.82
C LYS A 104 -5.13 2.89 -14.71
N GLU A 105 -4.67 4.09 -14.39
CA GLU A 105 -3.62 4.75 -15.17
C GLU A 105 -2.35 3.89 -15.18
N SER A 106 -2.01 3.31 -14.04
CA SER A 106 -0.83 2.47 -13.92
C SER A 106 -1.19 1.00 -14.21
N PHE A 107 -2.35 0.59 -13.71
CA PHE A 107 -2.82 -0.79 -13.91
C PHE A 107 -4.12 -0.79 -14.73
N LYS A 108 -3.99 -0.96 -16.05
CA LYS A 108 -5.16 -0.98 -16.93
C LYS A 108 -6.18 -2.03 -16.48
N GLN A 109 -5.68 -3.13 -15.90
CA GLN A 109 -6.54 -4.20 -15.42
C GLN A 109 -7.30 -3.77 -14.16
N LEU A 110 -6.73 -2.83 -13.42
CA LEU A 110 -7.33 -2.32 -12.20
C LEU A 110 -8.12 -1.04 -12.46
N ASP A 111 -9.06 -0.75 -11.56
CA ASP A 111 -9.88 0.46 -11.67
C ASP A 111 -10.61 0.73 -10.34
N THR A 112 -9.92 0.46 -9.22
CA THR A 112 -10.50 0.67 -7.90
C THR A 112 -9.64 1.62 -7.07
N THR A 113 -10.27 2.24 -6.06
CA THR A 113 -9.57 3.17 -5.18
C THR A 113 -9.57 2.63 -3.74
N LEU A 114 -8.68 3.17 -2.92
CA LEU A 114 -8.57 2.75 -1.51
C LEU A 114 -9.82 3.18 -0.74
N LYS A 115 -10.58 2.21 -0.24
CA LYS A 115 -11.80 2.49 0.50
C LYS A 115 -11.71 2.04 1.97
N TYR A 116 -11.70 0.72 2.18
CA TYR A 116 -11.65 0.17 3.53
C TYR A 116 -10.28 -0.46 3.81
N PRO A 117 -9.43 0.22 4.60
CA PRO A 117 -8.10 -0.30 4.95
C PRO A 117 -8.19 -1.44 5.97
N TYR A 118 -7.79 -2.63 5.56
CA TYR A 118 -7.82 -3.82 6.42
C TYR A 118 -9.25 -4.13 6.87
N LYS A 119 -9.75 -3.39 7.86
CA LYS A 119 -11.09 -3.59 8.37
C LYS A 119 -12.04 -2.49 7.86
N SER A 120 -11.82 -1.26 8.31
CA SER A 120 -12.64 -0.12 7.89
C SER A 120 -12.26 1.14 8.67
N ARG A 121 -12.83 1.29 9.86
CA ARG A 121 -12.55 2.43 10.71
C ARG A 121 -12.38 1.97 12.16
N GLU A 122 -11.14 1.66 12.53
CA GLU A 122 -10.84 1.19 13.88
C GLU A 122 -11.03 2.30 14.91
N SER A 10 14.84 20.80 18.99
CA SER A 10 13.99 20.14 17.98
C SER A 10 14.81 19.31 16.99
N ARG A 11 14.14 18.74 15.99
CA ARG A 11 14.82 17.92 14.98
C ARG A 11 13.89 17.62 13.82
N PRO A 12 14.17 18.15 12.60
CA PRO A 12 13.34 17.94 11.42
C PRO A 12 13.39 16.48 10.94
N PRO A 13 12.26 15.75 11.07
CA PRO A 13 12.18 14.34 10.64
C PRO A 13 11.94 14.19 9.15
N SER A 14 11.75 12.95 8.70
CA SER A 14 11.51 12.66 7.29
C SER A 14 10.98 11.24 7.09
N ARG A 15 11.78 10.25 7.49
CA ARG A 15 11.39 8.85 7.36
C ARG A 15 11.09 8.22 8.72
N GLU A 16 10.50 9.03 9.62
CA GLU A 16 10.15 8.57 10.97
C GLU A 16 8.63 8.48 11.17
N ILE A 17 7.90 8.43 10.06
CA ILE A 17 6.44 8.35 10.09
C ILE A 17 5.96 7.09 10.81
N ASP A 18 4.83 7.22 11.51
CA ASP A 18 4.26 6.08 12.23
C ASP A 18 3.15 5.42 11.40
N TYR A 19 3.54 4.82 10.28
CA TYR A 19 2.58 4.15 9.40
C TYR A 19 1.81 3.07 10.17
N THR A 20 2.49 2.44 11.15
CA THR A 20 1.88 1.40 11.97
C THR A 20 0.64 1.91 12.70
N ALA A 21 0.68 3.19 13.10
CA ALA A 21 -0.44 3.81 13.81
C ALA A 21 -1.70 3.87 12.94
N TYR A 22 -1.52 3.90 11.62
CA TYR A 22 -2.63 3.95 10.69
C TYR A 22 -3.38 2.62 10.63
N PRO A 23 -4.67 2.63 10.24
CA PRO A 23 -5.47 1.41 10.16
C PRO A 23 -5.22 0.58 8.89
N TRP A 24 -4.35 1.06 8.01
CA TRP A 24 -4.05 0.34 6.76
C TRP A 24 -2.64 -0.28 6.77
N PHE A 25 -1.96 -0.25 7.91
CA PHE A 25 -0.62 -0.81 8.01
C PHE A 25 -0.64 -2.17 8.71
N ALA A 26 0.03 -3.16 8.11
CA ALA A 26 0.10 -4.51 8.68
C ALA A 26 1.44 -4.77 9.34
N GLY A 27 2.51 -4.86 8.53
CA GLY A 27 3.83 -5.10 9.07
C GLY A 27 4.56 -6.23 8.36
N ASN A 28 5.36 -7.00 9.13
CA ASN A 28 6.12 -8.11 8.58
C ASN A 28 5.33 -9.42 8.66
N MET A 29 4.49 -9.66 7.64
CA MET A 29 3.68 -10.88 7.61
C MET A 29 4.02 -11.72 6.38
N GLU A 30 3.97 -13.05 6.54
CA GLU A 30 4.27 -13.97 5.44
C GLU A 30 3.27 -13.83 4.30
N ARG A 31 3.72 -14.14 3.08
CA ARG A 31 2.87 -14.06 1.89
C ARG A 31 1.63 -14.95 2.05
N GLN A 32 1.85 -16.15 2.60
CA GLN A 32 0.74 -17.09 2.81
C GLN A 32 -0.36 -16.46 3.66
N GLN A 33 0.04 -15.74 4.71
CA GLN A 33 -0.91 -15.07 5.59
C GLN A 33 -1.56 -13.87 4.90
N THR A 34 -0.78 -13.15 4.09
CA THR A 34 -1.29 -11.99 3.37
C THR A 34 -2.45 -12.38 2.47
N ASP A 35 -2.29 -13.48 1.73
CA ASP A 35 -3.34 -13.94 0.83
C ASP A 35 -4.59 -14.34 1.61
N ASN A 36 -4.42 -15.20 2.62
CA ASN A 36 -5.54 -15.65 3.44
C ASN A 36 -6.26 -14.47 4.11
N LEU A 37 -5.55 -13.35 4.27
CA LEU A 37 -6.11 -12.15 4.89
C LEU A 37 -7.25 -11.59 4.03
N LEU A 38 -6.95 -11.35 2.76
CA LEU A 38 -7.93 -10.82 1.82
C LEU A 38 -8.37 -11.88 0.81
N LYS A 39 -8.28 -13.16 1.21
CA LYS A 39 -8.66 -14.27 0.32
C LYS A 39 -10.17 -14.31 0.08
N SER A 40 -10.95 -13.81 1.04
CA SER A 40 -12.40 -13.78 0.92
C SER A 40 -12.94 -12.38 1.23
N HIS A 41 -12.13 -11.36 0.94
CA HIS A 41 -12.53 -9.98 1.18
C HIS A 41 -13.20 -9.37 -0.05
N ALA A 42 -13.89 -8.25 0.15
CA ALA A 42 -14.59 -7.57 -0.94
C ALA A 42 -13.63 -6.75 -1.80
N SER A 43 -14.04 -6.47 -3.04
CA SER A 43 -13.22 -5.70 -3.97
C SER A 43 -12.99 -4.29 -3.44
N GLY A 44 -11.76 -4.02 -3.00
CA GLY A 44 -11.44 -2.71 -2.47
C GLY A 44 -10.57 -2.77 -1.20
N THR A 45 -10.47 -3.96 -0.60
CA THR A 45 -9.67 -4.13 0.61
C THR A 45 -8.19 -3.89 0.32
N TYR A 46 -7.57 -3.04 1.14
CA TYR A 46 -6.15 -2.71 0.95
C TYR A 46 -5.36 -2.83 2.26
N LEU A 47 -4.06 -3.04 2.14
CA LEU A 47 -3.17 -3.16 3.30
C LEU A 47 -1.72 -2.87 2.94
N ILE A 48 -0.88 -2.64 3.95
CA ILE A 48 0.54 -2.35 3.74
C ILE A 48 1.41 -3.35 4.51
N ARG A 49 2.38 -3.95 3.82
CA ARG A 49 3.29 -4.91 4.44
C ARG A 49 4.75 -4.56 4.16
N GLU A 50 5.65 -5.09 4.99
CA GLU A 50 7.09 -4.83 4.84
C GLU A 50 7.81 -6.06 4.30
N ARG A 51 8.86 -5.83 3.51
CA ARG A 51 9.66 -6.91 2.94
C ARG A 51 11.16 -6.66 3.13
N PRO A 52 11.83 -7.51 3.93
CA PRO A 52 13.27 -7.37 4.20
C PRO A 52 14.10 -7.32 2.92
N ALA A 53 14.55 -6.11 2.56
CA ALA A 53 15.36 -5.92 1.35
C ALA A 53 15.90 -4.49 1.27
N GLU A 54 16.94 -4.29 0.46
CA GLU A 54 17.54 -2.97 0.28
C GLU A 54 17.05 -2.31 -1.01
N ALA A 55 15.80 -2.61 -1.38
CA ALA A 55 15.20 -2.04 -2.60
C ALA A 55 13.71 -1.76 -2.37
N GLU A 56 12.97 -2.80 -2.00
CA GLU A 56 11.54 -2.67 -1.74
C GLU A 56 11.22 -2.95 -0.27
N ARG A 57 11.32 -1.92 0.56
CA ARG A 57 11.05 -2.06 1.99
C ARG A 57 9.57 -1.77 2.31
N PHE A 58 8.74 -1.60 1.28
CA PHE A 58 7.32 -1.32 1.47
C PHE A 58 6.49 -1.95 0.36
N ALA A 59 5.31 -2.48 0.72
CA ALA A 59 4.43 -3.12 -0.25
C ALA A 59 2.96 -2.84 0.04
N ILE A 60 2.15 -2.78 -1.01
CA ILE A 60 0.72 -2.51 -0.89
C ILE A 60 -0.11 -3.67 -1.46
N SER A 61 -0.67 -4.49 -0.57
CA SER A 61 -1.48 -5.63 -0.98
C SER A 61 -2.97 -5.25 -1.03
N ILE A 62 -3.55 -5.31 -2.24
CA ILE A 62 -4.96 -4.97 -2.42
C ILE A 62 -5.77 -6.17 -2.93
N LYS A 63 -7.10 -6.07 -2.81
CA LYS A 63 -8.00 -7.14 -3.25
C LYS A 63 -8.94 -6.64 -4.35
N PHE A 64 -8.88 -7.29 -5.51
CA PHE A 64 -9.73 -6.92 -6.65
C PHE A 64 -9.83 -8.06 -7.65
N ASN A 65 -10.97 -8.15 -8.34
CA ASN A 65 -11.20 -9.20 -9.33
C ASN A 65 -11.10 -10.59 -8.68
N ASP A 66 -11.56 -10.68 -7.43
CA ASP A 66 -11.53 -11.94 -6.68
C ASP A 66 -10.10 -12.49 -6.58
N GLU A 67 -9.11 -11.59 -6.53
CA GLU A 67 -7.71 -11.99 -6.42
C GLU A 67 -6.92 -10.99 -5.58
N VAL A 68 -5.94 -11.49 -4.82
CA VAL A 68 -5.11 -10.64 -3.97
C VAL A 68 -3.88 -10.15 -4.72
N LYS A 69 -3.78 -8.84 -4.93
CA LYS A 69 -2.64 -8.25 -5.63
C LYS A 69 -1.50 -7.91 -4.67
N HIS A 70 -0.26 -8.05 -5.13
CA HIS A 70 0.91 -7.77 -4.31
C HIS A 70 1.84 -6.77 -5.00
N ILE A 71 1.67 -5.48 -4.69
CA ILE A 71 2.49 -4.42 -5.28
C ILE A 71 3.64 -4.04 -4.35
N LYS A 72 4.85 -3.92 -4.90
CA LYS A 72 6.03 -3.56 -4.12
C LYS A 72 6.44 -2.11 -4.40
N VAL A 73 6.34 -1.26 -3.37
CA VAL A 73 6.70 0.15 -3.50
C VAL A 73 8.21 0.33 -3.63
N VAL A 74 8.62 1.33 -4.40
CA VAL A 74 10.04 1.62 -4.61
C VAL A 74 10.50 2.84 -3.82
N GLU A 75 11.61 2.69 -3.11
CA GLU A 75 12.18 3.78 -2.32
C GLU A 75 13.36 4.42 -3.07
N LYS A 76 13.06 5.48 -3.81
CA LYS A 76 14.08 6.19 -4.58
C LYS A 76 15.07 6.92 -3.65
N ASP A 77 16.10 7.55 -4.24
CA ASP A 77 17.10 8.28 -3.46
C ASP A 77 16.45 9.13 -2.37
N ASN A 78 15.37 9.83 -2.73
CA ASN A 78 14.65 10.68 -1.78
C ASN A 78 13.16 10.76 -2.14
N TRP A 79 12.63 9.70 -2.76
CA TRP A 79 11.22 9.66 -3.15
C TRP A 79 10.63 8.26 -2.98
N ILE A 80 9.30 8.15 -3.09
CA ILE A 80 8.61 6.87 -2.96
C ILE A 80 7.41 6.77 -3.90
N HIS A 81 7.34 5.68 -4.66
CA HIS A 81 6.23 5.44 -5.60
C HIS A 81 6.34 4.06 -6.24
N ILE A 82 5.20 3.41 -6.43
CA ILE A 82 5.15 2.07 -7.03
C ILE A 82 5.74 2.05 -8.44
N THR A 83 5.61 3.19 -9.14
CA THR A 83 6.13 3.31 -10.51
C THR A 83 6.85 4.67 -10.67
N GLU A 84 7.07 5.10 -11.91
CA GLU A 84 7.74 6.36 -12.17
C GLU A 84 6.78 7.38 -12.79
N ALA A 85 5.54 7.41 -12.29
CA ALA A 85 4.52 8.32 -12.79
C ALA A 85 4.42 9.58 -11.92
N LYS A 86 4.62 9.42 -10.61
CA LYS A 86 4.55 10.54 -9.68
C LYS A 86 5.36 10.25 -8.41
N LYS A 87 6.64 10.63 -8.42
CA LYS A 87 7.52 10.41 -7.27
C LYS A 87 7.04 11.19 -6.05
N PHE A 88 6.65 10.47 -5.00
CA PHE A 88 6.18 11.10 -3.77
C PHE A 88 7.29 11.19 -2.73
N ASP A 89 6.99 11.87 -1.62
CA ASP A 89 7.97 12.03 -0.54
C ASP A 89 7.75 10.99 0.56
N SER A 90 6.48 10.68 0.85
CA SER A 90 6.14 9.69 1.87
C SER A 90 5.01 8.79 1.41
N LEU A 91 5.00 7.55 1.91
CA LEU A 91 3.96 6.58 1.54
C LEU A 91 2.57 7.10 1.91
N LEU A 92 2.49 7.88 3.00
CA LEU A 92 1.22 8.44 3.45
C LEU A 92 0.61 9.32 2.37
N GLU A 93 1.47 10.07 1.66
CA GLU A 93 1.01 10.95 0.59
C GLU A 93 0.54 10.13 -0.61
N LEU A 94 1.24 9.04 -0.90
CA LEU A 94 0.88 8.16 -2.01
C LEU A 94 -0.53 7.60 -1.83
N VAL A 95 -0.79 7.05 -0.65
CA VAL A 95 -2.11 6.48 -0.34
C VAL A 95 -3.20 7.54 -0.42
N GLU A 96 -2.91 8.73 0.11
CA GLU A 96 -3.88 9.83 0.09
C GLU A 96 -4.34 10.14 -1.34
N TYR A 97 -3.40 10.14 -2.28
CA TYR A 97 -3.72 10.41 -3.69
C TYR A 97 -4.65 9.33 -4.24
N TYR A 98 -4.34 8.07 -3.92
CA TYR A 98 -5.14 6.94 -4.39
C TYR A 98 -6.44 6.79 -3.61
N GLN A 99 -6.51 7.38 -2.40
CA GLN A 99 -7.71 7.28 -1.57
C GLN A 99 -8.93 7.75 -2.35
N CYS A 100 -8.76 8.80 -3.15
CA CYS A 100 -9.85 9.35 -3.96
C CYS A 100 -9.66 9.02 -5.44
N HIS A 101 -8.41 8.94 -5.90
CA HIS A 101 -8.11 8.64 -7.30
C HIS A 101 -7.81 7.16 -7.51
N SER A 102 -8.46 6.56 -8.52
CA SER A 102 -8.25 5.15 -8.85
C SER A 102 -6.80 4.85 -9.19
N LEU A 103 -6.45 3.56 -9.19
CA LEU A 103 -5.08 3.14 -9.51
C LEU A 103 -4.85 3.03 -11.02
N LYS A 104 -5.78 3.56 -11.83
CA LYS A 104 -5.66 3.52 -13.28
C LYS A 104 -4.38 4.21 -13.76
N GLU A 105 -3.88 5.17 -12.97
CA GLU A 105 -2.67 5.90 -13.32
C GLU A 105 -1.52 4.93 -13.66
N SER A 106 -1.37 3.90 -12.85
CA SER A 106 -0.32 2.90 -13.06
C SER A 106 -0.90 1.58 -13.58
N PHE A 107 -2.10 1.23 -13.10
CA PHE A 107 -2.76 -0.01 -13.51
C PHE A 107 -4.02 0.29 -14.32
N LYS A 108 -3.87 0.42 -15.65
CA LYS A 108 -5.00 0.71 -16.52
C LYS A 108 -6.11 -0.34 -16.38
N GLN A 109 -5.71 -1.58 -16.10
CA GLN A 109 -6.67 -2.68 -15.93
C GLN A 109 -7.06 -2.87 -14.46
N LEU A 110 -6.85 -1.85 -13.64
CA LEU A 110 -7.17 -1.92 -12.23
C LEU A 110 -7.70 -0.58 -11.71
N ASP A 111 -9.00 -0.34 -11.90
CA ASP A 111 -9.61 0.91 -11.46
C ASP A 111 -10.29 0.73 -10.11
N THR A 112 -9.48 0.69 -9.05
CA THR A 112 -9.98 0.52 -7.68
C THR A 112 -9.24 1.44 -6.71
N THR A 113 -9.99 2.01 -5.77
CA THR A 113 -9.41 2.90 -4.76
C THR A 113 -9.43 2.24 -3.39
N LEU A 114 -8.64 2.78 -2.46
CA LEU A 114 -8.56 2.24 -1.11
C LEU A 114 -9.90 2.45 -0.39
N LYS A 115 -10.79 1.47 -0.52
CA LYS A 115 -12.12 1.55 0.10
C LYS A 115 -12.05 1.26 1.60
N TYR A 116 -11.60 0.06 1.95
CA TYR A 116 -11.50 -0.34 3.37
C TYR A 116 -10.22 -1.12 3.62
N PRO A 117 -9.48 -0.78 4.70
CA PRO A 117 -8.24 -1.46 5.05
C PRO A 117 -8.48 -2.92 5.46
N TYR A 118 -7.44 -3.57 5.99
CA TYR A 118 -7.55 -4.96 6.41
C TYR A 118 -8.07 -5.09 7.86
N LYS A 119 -8.77 -4.07 8.34
CA LYS A 119 -9.32 -4.08 9.69
C LYS A 119 -10.85 -4.17 9.65
N SER A 120 -11.51 -3.05 9.39
CA SER A 120 -12.97 -3.01 9.33
C SER A 120 -13.46 -1.79 8.56
N ARG A 121 -13.31 -0.60 9.17
CA ARG A 121 -13.73 0.67 8.57
C ARG A 121 -15.25 0.77 8.50
N GLU A 122 -15.78 1.93 8.91
CA GLU A 122 -17.21 2.19 8.89
C GLU A 122 -17.69 2.58 7.50
N SER A 10 5.98 11.06 24.57
CA SER A 10 6.94 12.01 23.95
C SER A 10 7.94 11.29 23.04
N ARG A 11 8.87 12.05 22.46
CA ARG A 11 9.89 11.49 21.57
C ARG A 11 9.25 10.85 20.33
N PRO A 12 8.74 11.67 19.39
CA PRO A 12 8.09 11.18 18.17
C PRO A 12 9.00 10.25 17.35
N PRO A 13 8.41 9.42 16.47
CA PRO A 13 9.16 8.48 15.63
C PRO A 13 10.31 9.15 14.86
N SER A 14 11.52 8.67 15.09
CA SER A 14 12.71 9.22 14.44
C SER A 14 13.24 8.27 13.37
N ARG A 15 13.45 8.80 12.16
CA ARG A 15 13.96 8.02 11.02
C ARG A 15 12.97 6.92 10.64
N GLU A 16 11.68 7.15 10.90
CA GLU A 16 10.63 6.19 10.58
C GLU A 16 9.26 6.79 10.90
N ILE A 17 8.33 6.67 9.95
CA ILE A 17 6.98 7.19 10.15
C ILE A 17 6.08 6.14 10.78
N ASP A 18 5.21 6.57 11.70
CA ASP A 18 4.30 5.65 12.36
C ASP A 18 3.17 5.24 11.42
N TYR A 19 3.51 4.39 10.47
CA TYR A 19 2.54 3.89 9.51
C TYR A 19 1.59 2.90 10.16
N THR A 20 1.94 2.41 11.36
CA THR A 20 1.11 1.46 12.08
C THR A 20 -0.17 2.12 12.61
N ALA A 21 -0.08 3.41 12.91
CA ALA A 21 -1.23 4.17 13.40
C ALA A 21 -2.40 4.11 12.43
N TYR A 22 -2.10 3.98 11.13
CA TYR A 22 -3.13 3.90 10.09
C TYR A 22 -3.83 2.54 10.12
N PRO A 23 -5.12 2.50 9.73
CA PRO A 23 -5.90 1.25 9.71
C PRO A 23 -5.59 0.35 8.51
N TRP A 24 -4.71 0.79 7.62
CA TRP A 24 -4.36 0.01 6.44
C TRP A 24 -2.93 -0.57 6.53
N PHE A 25 -2.36 -0.56 7.73
CA PHE A 25 -1.01 -1.08 7.93
C PHE A 25 -1.04 -2.42 8.65
N ALA A 26 -0.25 -3.37 8.16
CA ALA A 26 -0.18 -4.71 8.77
C ALA A 26 1.23 -5.03 9.28
N GLY A 27 2.03 -4.00 9.54
CA GLY A 27 3.38 -4.20 10.04
C GLY A 27 4.23 -5.06 9.13
N ASN A 28 5.05 -5.92 9.73
CA ASN A 28 5.92 -6.82 8.98
C ASN A 28 5.34 -8.23 8.94
N MET A 29 4.45 -8.47 7.98
CA MET A 29 3.81 -9.78 7.83
C MET A 29 4.34 -10.54 6.61
N GLU A 30 3.99 -11.83 6.53
CA GLU A 30 4.43 -12.67 5.41
C GLU A 30 3.37 -12.75 4.31
N ARG A 31 3.79 -13.18 3.12
CA ARG A 31 2.88 -13.31 1.98
C ARG A 31 1.82 -14.38 2.23
N GLN A 32 2.22 -15.48 2.89
CA GLN A 32 1.32 -16.58 3.19
C GLN A 32 0.10 -16.09 3.99
N GLN A 33 0.36 -15.35 5.06
CA GLN A 33 -0.70 -14.82 5.91
C GLN A 33 -1.54 -13.79 5.16
N THR A 34 -0.87 -12.92 4.40
CA THR A 34 -1.56 -11.89 3.62
C THR A 34 -2.59 -12.51 2.68
N ASP A 35 -2.22 -13.62 2.03
CA ASP A 35 -3.12 -14.31 1.11
C ASP A 35 -4.39 -14.77 1.84
N ASN A 36 -4.20 -15.56 2.89
CA ASN A 36 -5.34 -16.09 3.68
C ASN A 36 -6.14 -14.94 4.31
N LEU A 37 -5.51 -13.79 4.48
CA LEU A 37 -6.17 -12.62 5.07
C LEU A 37 -7.16 -12.01 4.08
N LEU A 38 -6.69 -11.80 2.85
CA LEU A 38 -7.51 -11.25 1.78
C LEU A 38 -8.12 -12.34 0.91
N LYS A 39 -8.12 -13.58 1.41
CA LYS A 39 -8.68 -14.70 0.67
C LYS A 39 -10.21 -14.65 0.64
N SER A 40 -10.81 -14.05 1.69
CA SER A 40 -12.26 -13.93 1.77
C SER A 40 -12.73 -12.48 1.55
N HIS A 41 -11.81 -11.53 1.68
CA HIS A 41 -12.14 -10.11 1.51
C HIS A 41 -12.72 -9.83 0.12
N ALA A 42 -13.46 -8.72 0.01
CA ALA A 42 -14.08 -8.31 -1.25
C ALA A 42 -13.25 -7.28 -2.00
N SER A 43 -13.73 -6.88 -3.18
CA SER A 43 -13.04 -5.91 -4.01
C SER A 43 -13.06 -4.52 -3.37
N GLY A 44 -11.87 -3.99 -3.09
CA GLY A 44 -11.77 -2.67 -2.47
C GLY A 44 -10.90 -2.67 -1.22
N THR A 45 -10.62 -3.85 -0.67
CA THR A 45 -9.79 -3.97 0.52
C THR A 45 -8.34 -3.66 0.19
N TYR A 46 -7.76 -2.70 0.90
CA TYR A 46 -6.36 -2.29 0.68
C TYR A 46 -5.51 -2.50 1.93
N LEU A 47 -4.25 -2.84 1.73
CA LEU A 47 -3.31 -3.07 2.84
C LEU A 47 -1.86 -2.90 2.38
N ILE A 48 -0.98 -2.57 3.31
CA ILE A 48 0.44 -2.40 3.00
C ILE A 48 1.33 -3.07 4.04
N ARG A 49 2.39 -3.74 3.57
CA ARG A 49 3.32 -4.43 4.45
C ARG A 49 4.74 -3.89 4.28
N GLU A 50 5.56 -4.08 5.31
CA GLU A 50 6.95 -3.62 5.30
C GLU A 50 7.89 -4.74 5.75
N ARG A 51 9.01 -4.88 5.06
CA ARG A 51 10.01 -5.91 5.39
C ARG A 51 11.42 -5.32 5.39
N PRO A 52 12.31 -5.83 6.26
CA PRO A 52 13.70 -5.35 6.35
C PRO A 52 14.49 -5.62 5.08
N ALA A 53 15.32 -4.65 4.67
CA ALA A 53 16.14 -4.77 3.47
C ALA A 53 17.30 -3.78 3.48
N GLU A 54 17.99 -3.67 2.34
CA GLU A 54 19.11 -2.74 2.21
C GLU A 54 18.68 -1.41 1.62
N ALA A 55 17.71 -1.43 0.70
CA ALA A 55 17.22 -0.20 0.08
C ALA A 55 15.69 -0.19 -0.04
N GLU A 56 15.15 -0.91 -1.02
CA GLU A 56 13.71 -0.97 -1.22
C GLU A 56 13.13 -2.31 -0.80
N ARG A 57 11.98 -2.27 -0.12
CA ARG A 57 11.30 -3.48 0.35
C ARG A 57 9.88 -3.18 0.81
N PHE A 58 9.20 -2.29 0.09
CA PHE A 58 7.82 -1.92 0.41
C PHE A 58 6.85 -2.52 -0.61
N ALA A 59 5.74 -3.07 -0.12
CA ALA A 59 4.75 -3.68 -1.00
C ALA A 59 3.33 -3.37 -0.54
N ILE A 60 2.47 -3.03 -1.50
CA ILE A 60 1.08 -2.71 -1.21
C ILE A 60 0.16 -3.81 -1.75
N SER A 61 -0.45 -4.57 -0.82
CA SER A 61 -1.36 -5.65 -1.19
C SER A 61 -2.79 -5.13 -1.27
N ILE A 62 -3.51 -5.56 -2.30
CA ILE A 62 -4.91 -5.14 -2.48
C ILE A 62 -5.77 -6.31 -2.97
N LYS A 63 -7.09 -6.16 -2.80
CA LYS A 63 -8.04 -7.18 -3.22
C LYS A 63 -9.01 -6.62 -4.26
N PHE A 64 -8.89 -7.11 -5.49
CA PHE A 64 -9.76 -6.67 -6.58
C PHE A 64 -9.97 -7.80 -7.59
N ASN A 65 -11.15 -7.83 -8.21
CA ASN A 65 -11.49 -8.85 -9.19
C ASN A 65 -11.41 -10.25 -8.56
N ASP A 66 -11.78 -10.34 -7.28
CA ASP A 66 -11.75 -11.60 -6.54
C ASP A 66 -10.34 -12.21 -6.53
N GLU A 67 -9.31 -11.35 -6.51
CA GLU A 67 -7.92 -11.80 -6.49
C GLU A 67 -7.06 -10.90 -5.62
N VAL A 68 -6.01 -11.49 -5.02
CA VAL A 68 -5.09 -10.73 -4.17
C VAL A 68 -3.86 -10.29 -4.95
N LYS A 69 -3.70 -8.98 -5.12
CA LYS A 69 -2.56 -8.42 -5.86
C LYS A 69 -1.49 -7.93 -4.89
N HIS A 70 -0.23 -8.01 -5.32
CA HIS A 70 0.90 -7.58 -4.49
C HIS A 70 1.80 -6.61 -5.27
N ILE A 71 1.56 -5.30 -5.08
CA ILE A 71 2.35 -4.27 -5.76
C ILE A 71 3.62 -3.94 -4.97
N LYS A 72 4.70 -3.61 -5.70
CA LYS A 72 5.97 -3.28 -5.06
C LYS A 72 6.28 -1.79 -5.17
N VAL A 73 7.01 -1.27 -4.20
CA VAL A 73 7.39 0.15 -4.16
C VAL A 73 8.90 0.33 -4.01
N VAL A 74 9.40 1.46 -4.49
CA VAL A 74 10.83 1.76 -4.41
C VAL A 74 11.10 2.98 -3.51
N GLU A 75 11.97 2.80 -2.53
CA GLU A 75 12.32 3.88 -1.60
C GLU A 75 13.65 4.51 -2.00
N LYS A 76 13.58 5.55 -2.83
CA LYS A 76 14.76 6.26 -3.30
C LYS A 76 15.42 7.05 -2.16
N ASP A 77 16.51 7.75 -2.47
CA ASP A 77 17.22 8.56 -1.47
C ASP A 77 16.23 9.41 -0.67
N ASN A 78 15.24 9.99 -1.35
CA ASN A 78 14.23 10.82 -0.71
C ASN A 78 12.95 10.87 -1.54
N TRP A 79 12.64 9.78 -2.24
CA TRP A 79 11.43 9.70 -3.06
C TRP A 79 10.84 8.29 -3.04
N ILE A 80 9.52 8.20 -2.87
CA ILE A 80 8.85 6.89 -2.85
C ILE A 80 7.75 6.84 -3.92
N HIS A 81 7.80 5.81 -4.76
CA HIS A 81 6.82 5.65 -5.83
C HIS A 81 6.86 4.23 -6.41
N ILE A 82 5.67 3.70 -6.72
CA ILE A 82 5.56 2.35 -7.29
C ILE A 82 5.94 2.34 -8.77
N THR A 83 5.70 3.46 -9.46
CA THR A 83 6.03 3.59 -10.87
C THR A 83 6.53 5.01 -11.18
N GLU A 84 6.94 5.22 -12.43
CA GLU A 84 7.44 6.53 -12.86
C GLU A 84 6.30 7.42 -13.37
N ALA A 85 5.10 7.26 -12.80
CA ALA A 85 3.95 8.05 -13.19
C ALA A 85 3.75 9.24 -12.25
N LYS A 86 4.08 9.05 -10.96
CA LYS A 86 3.93 10.11 -9.97
C LYS A 86 4.83 9.83 -8.75
N LYS A 87 5.73 10.78 -8.46
CA LYS A 87 6.65 10.64 -7.32
C LYS A 87 6.15 11.44 -6.12
N PHE A 88 6.47 10.96 -4.92
CA PHE A 88 6.05 11.63 -3.68
C PHE A 88 7.18 11.65 -2.66
N ASP A 89 6.99 12.43 -1.60
CA ASP A 89 7.99 12.56 -0.53
C ASP A 89 7.91 11.39 0.44
N SER A 90 6.69 11.05 0.87
CA SER A 90 6.48 9.93 1.80
C SER A 90 5.41 8.98 1.28
N LEU A 91 5.37 7.77 1.85
CA LEU A 91 4.40 6.76 1.44
C LEU A 91 2.98 7.22 1.71
N LEU A 92 2.79 7.95 2.81
CA LEU A 92 1.46 8.46 3.18
C LEU A 92 0.93 9.41 2.11
N GLU A 93 1.84 10.19 1.50
CA GLU A 93 1.46 11.13 0.45
C GLU A 93 1.01 10.40 -0.81
N LEU A 94 1.83 9.45 -1.26
CA LEU A 94 1.51 8.67 -2.46
C LEU A 94 0.20 7.90 -2.29
N VAL A 95 0.00 7.32 -1.10
CA VAL A 95 -1.22 6.56 -0.82
C VAL A 95 -2.44 7.48 -0.73
N GLU A 96 -2.31 8.59 -0.03
CA GLU A 96 -3.40 9.54 0.13
C GLU A 96 -3.75 10.26 -1.19
N TYR A 97 -2.77 10.37 -2.08
CA TYR A 97 -2.97 11.04 -3.36
C TYR A 97 -3.74 10.18 -4.36
N TYR A 98 -3.31 8.93 -4.55
CA TYR A 98 -3.96 8.02 -5.50
C TYR A 98 -5.23 7.37 -4.93
N GLN A 99 -5.41 7.42 -3.61
CA GLN A 99 -6.59 6.82 -3.00
C GLN A 99 -7.86 7.59 -3.37
N CYS A 100 -7.71 8.89 -3.66
CA CYS A 100 -8.85 9.73 -4.02
C CYS A 100 -9.06 9.77 -5.54
N HIS A 101 -8.04 9.40 -6.32
CA HIS A 101 -8.14 9.42 -7.78
C HIS A 101 -7.91 8.03 -8.38
N SER A 102 -8.10 6.98 -7.57
CA SER A 102 -7.93 5.59 -8.02
C SER A 102 -6.47 5.31 -8.41
N LEU A 103 -6.13 4.02 -8.50
CA LEU A 103 -4.79 3.59 -8.88
C LEU A 103 -4.71 3.20 -10.35
N LYS A 104 -5.75 3.54 -11.13
CA LYS A 104 -5.79 3.22 -12.55
C LYS A 104 -4.64 3.88 -13.31
N GLU A 105 -4.07 4.95 -12.74
CA GLU A 105 -2.95 5.66 -13.36
C GLU A 105 -1.84 4.69 -13.77
N SER A 106 -1.60 3.69 -12.90
CA SER A 106 -0.58 2.68 -13.17
C SER A 106 -1.22 1.37 -13.62
N PHE A 107 -2.34 1.00 -12.99
CA PHE A 107 -3.05 -0.24 -13.33
C PHE A 107 -4.46 0.05 -13.84
N LYS A 108 -4.58 0.26 -15.16
CA LYS A 108 -5.88 0.54 -15.78
C LYS A 108 -6.88 -0.59 -15.48
N GLN A 109 -6.39 -1.82 -15.43
CA GLN A 109 -7.22 -2.99 -15.15
C GLN A 109 -7.62 -3.04 -13.67
N LEU A 110 -6.76 -2.49 -12.81
CA LEU A 110 -7.02 -2.48 -11.36
C LEU A 110 -7.61 -1.13 -10.93
N ASP A 111 -8.59 -0.65 -11.70
CA ASP A 111 -9.24 0.63 -11.40
C ASP A 111 -10.03 0.55 -10.10
N THR A 112 -9.43 1.00 -9.01
CA THR A 112 -10.09 0.96 -7.70
C THR A 112 -9.44 1.95 -6.73
N THR A 113 -10.15 2.29 -5.67
CA THR A 113 -9.66 3.22 -4.66
C THR A 113 -9.69 2.59 -3.27
N LEU A 114 -9.20 3.32 -2.27
CA LEU A 114 -9.17 2.84 -0.89
C LEU A 114 -10.56 2.95 -0.26
N LYS A 115 -11.31 1.85 -0.29
CA LYS A 115 -12.66 1.83 0.27
C LYS A 115 -12.66 1.31 1.71
N TYR A 116 -12.28 0.04 1.90
CA TYR A 116 -12.26 -0.56 3.23
C TYR A 116 -10.88 -1.14 3.55
N PRO A 117 -10.48 -1.11 4.83
CA PRO A 117 -9.18 -1.64 5.27
C PRO A 117 -9.18 -3.16 5.40
N TYR A 118 -8.02 -3.73 5.71
CA TYR A 118 -7.88 -5.18 5.86
C TYR A 118 -8.42 -5.65 7.23
N LYS A 119 -8.53 -4.72 8.18
CA LYS A 119 -9.02 -5.05 9.53
C LYS A 119 -10.34 -5.81 9.46
N SER A 120 -11.40 -5.14 9.02
CA SER A 120 -12.73 -5.75 8.92
C SER A 120 -13.67 -4.87 8.11
N ARG A 121 -14.19 -3.81 8.74
CA ARG A 121 -15.11 -2.88 8.10
C ARG A 121 -16.39 -3.59 7.65
N GLU A 122 -17.41 -3.56 8.51
CA GLU A 122 -18.70 -4.19 8.21
C GLU A 122 -19.52 -3.31 7.25
N SER A 10 13.12 22.29 2.17
CA SER A 10 12.08 22.24 3.23
C SER A 10 12.32 21.06 4.18
N ARG A 11 11.52 20.97 5.24
CA ARG A 11 11.65 19.88 6.21
C ARG A 11 10.31 19.58 6.89
N PRO A 12 9.34 19.03 6.13
CA PRO A 12 8.00 18.69 6.67
C PRO A 12 8.07 17.78 7.90
N PRO A 13 8.86 16.68 7.85
CA PRO A 13 8.99 15.75 8.98
C PRO A 13 9.92 16.28 10.07
N SER A 14 9.55 16.06 11.33
CA SER A 14 10.37 16.51 12.46
C SER A 14 11.06 15.34 13.16
N ARG A 15 10.26 14.43 13.72
CA ARG A 15 10.81 13.26 14.43
C ARG A 15 10.95 12.08 13.47
N GLU A 16 9.81 11.44 13.15
CA GLU A 16 9.80 10.29 12.25
C GLU A 16 8.37 9.80 12.05
N ILE A 17 8.00 9.55 10.78
CA ILE A 17 6.65 9.08 10.45
C ILE A 17 6.41 7.66 10.96
N ASP A 18 5.17 7.40 11.35
CA ASP A 18 4.77 6.07 11.82
C ASP A 18 3.69 5.49 10.92
N TYR A 19 4.13 4.92 9.78
CA TYR A 19 3.19 4.31 8.84
C TYR A 19 2.47 3.13 9.47
N THR A 20 3.06 2.56 10.52
CA THR A 20 2.47 1.42 11.23
C THR A 20 1.25 1.86 12.04
N ALA A 21 1.25 3.12 12.49
CA ALA A 21 0.15 3.67 13.28
C ALA A 21 -1.17 3.63 12.51
N TYR A 22 -1.09 3.77 11.19
CA TYR A 22 -2.28 3.76 10.33
C TYR A 22 -2.95 2.37 10.36
N PRO A 23 -4.29 2.32 10.25
CA PRO A 23 -5.05 1.06 10.25
C PRO A 23 -4.89 0.26 8.95
N TRP A 24 -4.11 0.78 8.00
CA TRP A 24 -3.89 0.11 6.73
C TRP A 24 -2.62 -0.74 6.77
N PHE A 25 -1.61 -0.26 7.48
CA PHE A 25 -0.33 -0.96 7.62
C PHE A 25 -0.52 -2.28 8.38
N ALA A 26 0.26 -3.29 8.01
CA ALA A 26 0.18 -4.59 8.65
C ALA A 26 1.44 -4.91 9.45
N GLY A 27 2.53 -5.20 8.75
CA GLY A 27 3.80 -5.51 9.41
C GLY A 27 4.61 -6.53 8.64
N ASN A 28 5.48 -7.25 9.33
CA ASN A 28 6.33 -8.26 8.71
C ASN A 28 5.66 -9.64 8.73
N MET A 29 4.55 -9.76 8.00
CA MET A 29 3.80 -11.02 7.93
C MET A 29 4.15 -11.77 6.65
N GLU A 30 4.00 -13.09 6.69
CA GLU A 30 4.29 -13.94 5.53
C GLU A 30 3.33 -13.66 4.37
N ARG A 31 3.74 -14.06 3.16
CA ARG A 31 2.92 -13.86 1.97
C ARG A 31 1.69 -14.77 2.00
N GLN A 32 1.86 -15.98 2.51
CA GLN A 32 0.76 -16.95 2.62
C GLN A 32 -0.36 -16.38 3.50
N GLN A 33 0.03 -15.68 4.58
CA GLN A 33 -0.93 -15.08 5.50
C GLN A 33 -1.76 -14.00 4.81
N THR A 34 -1.11 -13.21 3.96
CA THR A 34 -1.79 -12.13 3.23
C THR A 34 -2.89 -12.70 2.33
N ASP A 35 -2.60 -13.81 1.66
CA ASP A 35 -3.58 -14.46 0.77
C ASP A 35 -4.81 -14.90 1.55
N ASN A 36 -4.59 -15.70 2.61
CA ASN A 36 -5.68 -16.19 3.45
C ASN A 36 -6.43 -15.03 4.13
N LEU A 37 -5.77 -13.88 4.25
CA LEU A 37 -6.38 -12.70 4.87
C LEU A 37 -7.47 -12.13 3.97
N LEU A 38 -7.13 -11.88 2.71
CA LEU A 38 -8.08 -11.33 1.74
C LEU A 38 -8.61 -12.44 0.81
N LYS A 39 -8.51 -13.69 1.24
CA LYS A 39 -8.97 -14.82 0.45
C LYS A 39 -10.50 -14.80 0.29
N SER A 40 -11.20 -14.21 1.27
CA SER A 40 -12.65 -14.12 1.24
C SER A 40 -13.14 -12.69 1.48
N HIS A 41 -12.22 -11.72 1.35
CA HIS A 41 -12.56 -10.31 1.55
C HIS A 41 -13.32 -9.74 0.36
N ALA A 42 -13.99 -8.61 0.58
CA ALA A 42 -14.76 -7.94 -0.47
C ALA A 42 -13.86 -7.13 -1.40
N SER A 43 -14.46 -6.48 -2.40
CA SER A 43 -13.72 -5.66 -3.34
C SER A 43 -13.44 -4.27 -2.78
N GLY A 44 -12.17 -3.92 -2.68
CA GLY A 44 -11.78 -2.63 -2.15
C GLY A 44 -10.96 -2.70 -0.87
N THR A 45 -10.58 -3.91 -0.46
CA THR A 45 -9.78 -4.10 0.76
C THR A 45 -8.29 -3.92 0.45
N TYR A 46 -7.69 -2.89 1.02
CA TYR A 46 -6.27 -2.60 0.81
C TYR A 46 -5.48 -2.65 2.11
N LEU A 47 -4.18 -2.98 2.00
CA LEU A 47 -3.29 -3.06 3.15
C LEU A 47 -1.82 -2.88 2.73
N ILE A 48 -1.00 -2.38 3.65
CA ILE A 48 0.42 -2.14 3.39
C ILE A 48 1.29 -3.07 4.21
N ARG A 49 2.18 -3.81 3.54
CA ARG A 49 3.08 -4.74 4.22
C ARG A 49 4.54 -4.32 4.05
N GLU A 50 5.38 -4.74 4.99
CA GLU A 50 6.81 -4.41 4.96
C GLU A 50 7.64 -5.64 4.60
N ARG A 51 8.49 -5.50 3.58
CA ARG A 51 9.34 -6.60 3.13
C ARG A 51 10.65 -6.07 2.55
N PRO A 52 11.67 -5.85 3.40
CA PRO A 52 12.98 -5.33 2.98
C PRO A 52 13.63 -6.20 1.90
N ALA A 53 14.15 -5.56 0.85
CA ALA A 53 14.80 -6.28 -0.25
C ALA A 53 15.83 -5.40 -0.96
N GLU A 54 16.54 -5.98 -1.93
CA GLU A 54 17.56 -5.26 -2.68
C GLU A 54 16.93 -4.23 -3.62
N ALA A 55 15.80 -4.58 -4.23
CA ALA A 55 15.11 -3.69 -5.16
C ALA A 55 14.07 -2.84 -4.42
N GLU A 56 12.96 -3.46 -4.02
CA GLU A 56 11.89 -2.74 -3.31
C GLU A 56 12.03 -2.89 -1.80
N ARG A 57 11.51 -1.91 -1.07
CA ARG A 57 11.57 -1.91 0.38
C ARG A 57 10.18 -2.19 1.00
N PHE A 58 9.13 -1.65 0.36
CA PHE A 58 7.76 -1.83 0.85
C PHE A 58 6.87 -2.46 -0.23
N ALA A 59 5.70 -2.95 0.19
CA ALA A 59 4.76 -3.58 -0.74
C ALA A 59 3.31 -3.17 -0.43
N ILE A 60 2.43 -3.35 -1.42
CA ILE A 60 1.02 -2.99 -1.26
C ILE A 60 0.10 -4.12 -1.72
N SER A 61 -0.66 -4.69 -0.78
CA SER A 61 -1.58 -5.78 -1.09
C SER A 61 -3.03 -5.28 -1.11
N ILE A 62 -3.77 -5.69 -2.14
CA ILE A 62 -5.17 -5.29 -2.27
C ILE A 62 -6.05 -6.47 -2.74
N LYS A 63 -7.36 -6.33 -2.56
CA LYS A 63 -8.32 -7.36 -2.96
C LYS A 63 -9.33 -6.81 -3.95
N PHE A 64 -9.12 -7.08 -5.23
CA PHE A 64 -10.01 -6.62 -6.29
C PHE A 64 -10.13 -7.67 -7.40
N ASN A 65 -11.31 -7.73 -8.03
CA ASN A 65 -11.57 -8.69 -9.10
C ASN A 65 -11.41 -10.13 -8.59
N ASP A 66 -11.74 -10.36 -7.31
CA ASP A 66 -11.65 -11.68 -6.69
C ASP A 66 -10.21 -12.22 -6.75
N GLU A 67 -9.23 -11.31 -6.67
CA GLU A 67 -7.81 -11.70 -6.71
C GLU A 67 -6.98 -10.82 -5.77
N VAL A 68 -5.98 -11.43 -5.14
CA VAL A 68 -5.10 -10.71 -4.22
C VAL A 68 -3.83 -10.25 -4.94
N LYS A 69 -3.79 -8.97 -5.31
CA LYS A 69 -2.64 -8.42 -6.00
C LYS A 69 -1.53 -8.03 -5.03
N HIS A 70 -0.31 -7.93 -5.54
CA HIS A 70 0.85 -7.55 -4.73
C HIS A 70 1.71 -6.53 -5.46
N ILE A 71 1.33 -5.25 -5.35
CA ILE A 71 2.07 -4.17 -6.01
C ILE A 71 3.37 -3.88 -5.27
N LYS A 72 4.43 -3.59 -6.02
CA LYS A 72 5.74 -3.29 -5.44
C LYS A 72 6.00 -1.79 -5.38
N VAL A 73 6.52 -1.31 -4.25
CA VAL A 73 6.81 0.11 -4.07
C VAL A 73 8.31 0.38 -4.24
N VAL A 74 8.64 1.55 -4.81
CA VAL A 74 10.04 1.94 -5.03
C VAL A 74 10.38 3.24 -4.31
N GLU A 75 11.51 3.24 -3.59
CA GLU A 75 11.97 4.42 -2.85
C GLU A 75 13.39 4.78 -3.27
N LYS A 76 13.56 5.98 -3.85
CA LYS A 76 14.86 6.44 -4.30
C LYS A 76 14.93 7.98 -4.30
N ASP A 77 16.13 8.53 -4.12
CA ASP A 77 16.33 9.97 -4.09
C ASP A 77 15.46 10.63 -3.02
N ASN A 78 15.30 9.94 -1.89
CA ASN A 78 14.47 10.44 -0.78
C ASN A 78 13.01 10.60 -1.20
N TRP A 79 12.58 9.82 -2.20
CA TRP A 79 11.21 9.87 -2.69
C TRP A 79 10.65 8.46 -2.86
N ILE A 80 9.32 8.34 -2.83
CA ILE A 80 8.67 7.04 -2.97
C ILE A 80 7.61 7.05 -4.06
N HIS A 81 7.55 5.95 -4.83
CA HIS A 81 6.59 5.79 -5.92
C HIS A 81 6.60 4.38 -6.48
N ILE A 82 5.44 3.92 -6.96
CA ILE A 82 5.33 2.57 -7.54
C ILE A 82 5.75 2.58 -9.01
N THR A 83 5.56 3.72 -9.68
CA THR A 83 5.91 3.87 -11.09
C THR A 83 6.48 5.26 -11.36
N GLU A 84 6.83 5.53 -12.61
CA GLU A 84 7.37 6.83 -13.00
C GLU A 84 6.28 7.76 -13.51
N ALA A 85 5.07 7.63 -12.95
CA ALA A 85 3.95 8.48 -13.35
C ALA A 85 3.66 9.56 -12.30
N LYS A 86 3.75 9.18 -11.02
CA LYS A 86 3.49 10.12 -9.93
C LYS A 86 4.43 9.86 -8.75
N LYS A 87 5.31 10.82 -8.45
CA LYS A 87 6.27 10.70 -7.36
C LYS A 87 5.75 11.41 -6.10
N PHE A 88 6.07 10.86 -4.92
CA PHE A 88 5.64 11.44 -3.65
C PHE A 88 6.80 11.57 -2.66
N ASP A 89 6.77 12.64 -1.87
CA ASP A 89 7.81 12.89 -0.87
C ASP A 89 7.82 11.81 0.21
N SER A 90 6.66 11.58 0.84
CA SER A 90 6.55 10.58 1.90
C SER A 90 5.62 9.45 1.47
N LEU A 91 5.74 8.30 2.14
CA LEU A 91 4.90 7.13 1.86
C LEU A 91 3.44 7.40 2.22
N LEU A 92 3.22 8.25 3.24
CA LEU A 92 1.87 8.59 3.67
C LEU A 92 1.14 9.36 2.58
N GLU A 93 1.86 10.25 1.89
CA GLU A 93 1.28 11.04 0.81
C GLU A 93 0.82 10.14 -0.33
N LEU A 94 1.59 9.08 -0.61
CA LEU A 94 1.26 8.15 -1.68
C LEU A 94 -0.06 7.44 -1.39
N VAL A 95 -0.21 6.93 -0.16
CA VAL A 95 -1.44 6.23 0.24
C VAL A 95 -2.64 7.17 0.19
N GLU A 96 -2.46 8.39 0.72
CA GLU A 96 -3.52 9.40 0.74
C GLU A 96 -3.97 9.78 -0.68
N TYR A 97 -3.01 9.75 -1.62
CA TYR A 97 -3.31 10.09 -3.02
C TYR A 97 -4.28 9.08 -3.63
N TYR A 98 -3.98 7.79 -3.49
CA TYR A 98 -4.83 6.73 -4.03
C TYR A 98 -6.17 6.66 -3.30
N GLN A 99 -6.19 7.10 -2.03
CA GLN A 99 -7.41 7.10 -1.24
C GLN A 99 -8.53 7.84 -1.97
N CYS A 100 -8.18 8.91 -2.69
CA CYS A 100 -9.15 9.71 -3.44
C CYS A 100 -8.75 9.85 -4.91
N HIS A 101 -8.05 8.85 -5.46
CA HIS A 101 -7.62 8.89 -6.86
C HIS A 101 -7.59 7.50 -7.48
N SER A 102 -8.07 7.41 -8.73
CA SER A 102 -8.11 6.14 -9.46
C SER A 102 -6.73 5.50 -9.53
N LEU A 103 -6.70 4.16 -9.49
CA LEU A 103 -5.44 3.41 -9.55
C LEU A 103 -5.07 3.05 -11.00
N LYS A 104 -5.73 3.67 -11.97
CA LYS A 104 -5.45 3.41 -13.38
C LYS A 104 -4.21 4.16 -13.88
N GLU A 105 -3.55 4.93 -13.00
CA GLU A 105 -2.36 5.69 -13.39
C GLU A 105 -1.28 4.75 -13.92
N SER A 106 -1.06 3.65 -13.21
CA SER A 106 -0.06 2.66 -13.60
C SER A 106 -0.72 1.38 -14.11
N PHE A 107 -1.85 1.01 -13.49
CA PHE A 107 -2.58 -0.20 -13.89
C PHE A 107 -3.84 0.16 -14.66
N LYS A 108 -3.72 0.23 -15.99
CA LYS A 108 -4.86 0.57 -16.86
C LYS A 108 -6.02 -0.40 -16.63
N GLN A 109 -5.71 -1.65 -16.28
CA GLN A 109 -6.73 -2.67 -16.02
C GLN A 109 -7.23 -2.62 -14.58
N LEU A 110 -6.35 -2.22 -13.65
CA LEU A 110 -6.70 -2.15 -12.24
C LEU A 110 -7.02 -0.71 -11.82
N ASP A 111 -8.29 -0.34 -11.95
CA ASP A 111 -8.75 1.00 -11.58
C ASP A 111 -9.65 0.94 -10.36
N THR A 112 -9.04 0.82 -9.17
CA THR A 112 -9.79 0.74 -7.92
C THR A 112 -9.09 1.55 -6.83
N THR A 113 -9.80 2.53 -6.27
CA THR A 113 -9.25 3.38 -5.22
C THR A 113 -9.32 2.68 -3.85
N LEU A 114 -8.59 3.20 -2.87
CA LEU A 114 -8.59 2.61 -1.52
C LEU A 114 -9.97 2.77 -0.89
N LYS A 115 -10.74 1.68 -0.86
CA LYS A 115 -12.08 1.69 -0.29
C LYS A 115 -12.08 1.46 1.22
N TYR A 116 -11.79 0.22 1.64
CA TYR A 116 -11.77 -0.12 3.06
C TYR A 116 -10.48 -0.85 3.43
N PRO A 117 -10.06 -0.74 4.71
CA PRO A 117 -8.85 -1.42 5.19
C PRO A 117 -9.09 -2.89 5.50
N TYR A 118 -8.09 -3.55 6.06
CA TYR A 118 -8.19 -4.97 6.41
C TYR A 118 -8.32 -5.17 7.93
N LYS A 119 -8.44 -4.07 8.68
CA LYS A 119 -8.56 -4.16 10.13
C LYS A 119 -9.99 -3.89 10.61
N SER A 120 -10.77 -3.15 9.82
CA SER A 120 -12.14 -2.84 10.19
C SER A 120 -13.00 -2.56 8.96
N ARG A 121 -13.71 -3.59 8.53
CA ARG A 121 -14.62 -3.49 7.40
C ARG A 121 -16.07 -3.47 7.88
N GLU A 122 -16.72 -2.33 7.68
CA GLU A 122 -18.11 -2.15 8.10
C GLU A 122 -19.09 -2.82 7.13
N SER A 10 11.78 23.42 20.95
CA SER A 10 13.25 23.16 20.97
C SER A 10 13.65 22.24 19.81
N ARG A 11 14.82 22.52 19.22
CA ARG A 11 15.33 21.73 18.09
C ARG A 11 14.45 21.88 16.86
N PRO A 12 14.98 22.52 15.78
CA PRO A 12 14.24 22.73 14.54
C PRO A 12 13.40 21.51 14.13
N PRO A 13 14.00 20.30 14.09
CA PRO A 13 13.28 19.07 13.72
C PRO A 13 11.96 18.90 14.48
N SER A 14 10.94 18.38 13.80
CA SER A 14 9.62 18.16 14.40
C SER A 14 9.29 16.67 14.47
N ARG A 15 8.04 16.35 14.81
CA ARG A 15 7.58 14.96 14.91
C ARG A 15 7.71 14.24 13.57
N GLU A 16 7.85 12.91 13.61
CA GLU A 16 7.98 12.11 12.42
C GLU A 16 6.66 11.44 12.07
N ILE A 17 6.71 10.23 11.51
CA ILE A 17 5.51 9.50 11.13
C ILE A 17 5.55 8.05 11.63
N ASP A 18 4.37 7.51 11.90
CA ASP A 18 4.23 6.13 12.34
C ASP A 18 3.11 5.44 11.58
N TYR A 19 3.37 5.14 10.30
CA TYR A 19 2.39 4.47 9.45
C TYR A 19 1.94 3.15 10.06
N THR A 20 2.77 2.59 10.95
CA THR A 20 2.46 1.32 11.61
C THR A 20 1.24 1.47 12.53
N ALA A 21 1.09 2.66 13.12
CA ALA A 21 -0.03 2.95 14.01
C ALA A 21 -1.36 2.90 13.26
N TYR A 22 -1.34 3.26 11.98
CA TYR A 22 -2.55 3.25 11.15
C TYR A 22 -3.07 1.83 10.96
N PRO A 23 -4.40 1.63 11.11
CA PRO A 23 -5.03 0.31 10.95
C PRO A 23 -4.72 -0.34 9.60
N TRP A 24 -4.37 0.48 8.61
CA TRP A 24 -4.04 -0.03 7.27
C TRP A 24 -2.78 -0.90 7.30
N PHE A 25 -1.86 -0.57 8.21
CA PHE A 25 -0.60 -1.32 8.35
C PHE A 25 -0.85 -2.71 8.92
N ALA A 26 -0.24 -3.73 8.30
CA ALA A 26 -0.39 -5.11 8.75
C ALA A 26 0.82 -5.58 9.56
N GLY A 27 2.01 -5.11 9.19
CA GLY A 27 3.23 -5.50 9.89
C GLY A 27 4.13 -6.40 9.06
N ASN A 28 4.99 -7.16 9.72
CA ASN A 28 5.91 -8.07 9.03
C ASN A 28 5.26 -9.43 8.82
N MET A 29 4.39 -9.52 7.81
CA MET A 29 3.70 -10.77 7.50
C MET A 29 4.34 -11.48 6.31
N GLU A 30 3.79 -12.64 5.94
CA GLU A 30 4.30 -13.42 4.82
C GLU A 30 3.37 -13.35 3.61
N ARG A 31 3.90 -13.68 2.43
CA ARG A 31 3.12 -13.66 1.20
C ARG A 31 1.92 -14.61 1.29
N GLN A 32 2.12 -15.75 1.95
CA GLN A 32 1.06 -16.74 2.12
C GLN A 32 -0.06 -16.19 2.98
N GLN A 33 0.30 -15.52 4.08
CA GLN A 33 -0.68 -14.94 4.99
C GLN A 33 -1.45 -13.81 4.33
N THR A 34 -0.76 -13.03 3.50
CA THR A 34 -1.39 -11.91 2.79
C THR A 34 -2.56 -12.39 1.93
N ASP A 35 -2.34 -13.48 1.18
CA ASP A 35 -3.37 -14.03 0.32
C ASP A 35 -4.58 -14.49 1.14
N ASN A 36 -4.31 -15.30 2.17
CA ASN A 36 -5.38 -15.80 3.04
C ASN A 36 -6.11 -14.66 3.77
N LEU A 37 -5.43 -13.51 3.88
CA LEU A 37 -6.01 -12.35 4.55
C LEU A 37 -7.18 -11.78 3.72
N LEU A 38 -6.88 -11.40 2.48
CA LEU A 38 -7.89 -10.85 1.59
C LEU A 38 -8.37 -11.90 0.59
N LYS A 39 -8.33 -13.18 1.00
CA LYS A 39 -8.75 -14.27 0.14
C LYS A 39 -10.26 -14.20 -0.15
N SER A 40 -11.02 -13.64 0.79
CA SER A 40 -12.47 -13.50 0.62
C SER A 40 -12.96 -12.15 1.13
N HIS A 41 -12.13 -11.11 0.95
CA HIS A 41 -12.47 -9.77 1.40
C HIS A 41 -13.38 -9.08 0.38
N ALA A 42 -13.98 -7.96 0.78
CA ALA A 42 -14.87 -7.21 -0.11
C ALA A 42 -14.08 -6.56 -1.25
N SER A 43 -14.75 -6.28 -2.36
CA SER A 43 -14.10 -5.66 -3.52
C SER A 43 -13.65 -4.23 -3.17
N GLY A 44 -12.42 -4.13 -2.65
CA GLY A 44 -11.88 -2.83 -2.28
C GLY A 44 -11.18 -2.86 -0.94
N THR A 45 -10.34 -3.86 -0.74
CA THR A 45 -9.59 -4.00 0.51
C THR A 45 -8.10 -3.76 0.28
N TYR A 46 -7.54 -2.77 0.98
CA TYR A 46 -6.13 -2.43 0.83
C TYR A 46 -5.38 -2.54 2.16
N LEU A 47 -4.06 -2.70 2.08
CA LEU A 47 -3.23 -2.82 3.28
C LEU A 47 -1.78 -2.46 2.97
N ILE A 48 -1.02 -2.09 4.01
CA ILE A 48 0.38 -1.74 3.86
C ILE A 48 1.26 -2.58 4.78
N ARG A 49 1.98 -3.54 4.20
CA ARG A 49 2.86 -4.42 4.97
C ARG A 49 4.31 -3.98 4.86
N GLU A 50 5.18 -4.61 5.65
CA GLU A 50 6.61 -4.29 5.64
C GLU A 50 7.45 -5.54 5.87
N ARG A 51 8.34 -5.83 4.92
CA ARG A 51 9.22 -7.00 5.01
C ARG A 51 10.52 -6.64 5.71
N PRO A 52 11.15 -7.61 6.40
CA PRO A 52 12.40 -7.40 7.11
C PRO A 52 13.64 -7.59 6.23
N ALA A 53 13.48 -7.31 4.93
CA ALA A 53 14.57 -7.44 3.96
C ALA A 53 14.13 -6.95 2.59
N GLU A 54 15.03 -7.07 1.60
CA GLU A 54 14.75 -6.62 0.24
C GLU A 54 14.81 -5.10 0.14
N ALA A 55 15.44 -4.60 -0.91
CA ALA A 55 15.57 -3.15 -1.13
C ALA A 55 14.22 -2.45 -1.01
N GLU A 56 13.14 -3.17 -1.35
CA GLU A 56 11.79 -2.62 -1.28
C GLU A 56 11.49 -2.07 0.12
N ARG A 57 11.21 -0.78 0.20
CA ARG A 57 10.90 -0.14 1.48
C ARG A 57 9.60 -0.68 2.08
N PHE A 58 8.52 -0.62 1.29
CA PHE A 58 7.21 -1.11 1.73
C PHE A 58 6.44 -1.73 0.58
N ALA A 59 5.28 -2.30 0.88
CA ALA A 59 4.44 -2.93 -0.14
C ALA A 59 2.96 -2.70 0.16
N ILE A 60 2.16 -2.61 -0.91
CA ILE A 60 0.71 -2.40 -0.78
C ILE A 60 -0.06 -3.55 -1.40
N SER A 61 -0.79 -4.29 -0.56
CA SER A 61 -1.58 -5.43 -1.03
C SER A 61 -3.07 -5.08 -1.08
N ILE A 62 -3.64 -5.10 -2.27
CA ILE A 62 -5.07 -4.78 -2.46
C ILE A 62 -5.85 -6.02 -2.90
N LYS A 63 -7.17 -5.95 -2.75
CA LYS A 63 -8.06 -7.05 -3.12
C LYS A 63 -9.03 -6.64 -4.23
N PHE A 64 -9.02 -7.39 -5.33
CA PHE A 64 -9.90 -7.10 -6.46
C PHE A 64 -10.10 -8.34 -7.33
N ASN A 65 -11.35 -8.57 -7.74
CA ASN A 65 -11.69 -9.72 -8.56
C ASN A 65 -11.28 -11.03 -7.89
N ASP A 66 -11.49 -11.11 -6.57
CA ASP A 66 -11.13 -12.30 -5.78
C ASP A 66 -9.65 -12.64 -5.94
N GLU A 67 -8.83 -11.60 -6.12
CA GLU A 67 -7.38 -11.79 -6.27
C GLU A 67 -6.62 -10.86 -5.33
N VAL A 68 -5.57 -11.39 -4.70
CA VAL A 68 -4.75 -10.61 -3.78
C VAL A 68 -3.54 -10.03 -4.48
N LYS A 69 -3.65 -8.76 -4.92
CA LYS A 69 -2.56 -8.09 -5.62
C LYS A 69 -1.46 -7.69 -4.65
N HIS A 70 -0.22 -7.65 -5.14
CA HIS A 70 0.94 -7.28 -4.32
C HIS A 70 1.73 -6.15 -4.97
N ILE A 71 1.41 -4.91 -4.60
CA ILE A 71 2.10 -3.74 -5.15
C ILE A 71 3.50 -3.59 -4.54
N LYS A 72 4.45 -3.14 -5.34
CA LYS A 72 5.82 -2.96 -4.88
C LYS A 72 6.18 -1.47 -4.76
N VAL A 73 6.56 -1.07 -3.55
CA VAL A 73 6.94 0.33 -3.30
C VAL A 73 8.44 0.46 -3.03
N VAL A 74 9.17 0.99 -4.02
CA VAL A 74 10.62 1.16 -3.90
C VAL A 74 10.99 2.65 -3.85
N GLU A 75 11.97 2.96 -3.00
CA GLU A 75 12.44 4.34 -2.84
C GLU A 75 13.75 4.56 -3.61
N LYS A 76 13.76 5.56 -4.49
CA LYS A 76 14.94 5.88 -5.28
C LYS A 76 15.09 7.39 -5.47
N ASP A 77 16.33 7.87 -5.51
CA ASP A 77 16.63 9.29 -5.68
C ASP A 77 15.95 10.13 -4.62
N ASN A 78 15.85 9.58 -3.39
CA ASN A 78 15.21 10.28 -2.28
C ASN A 78 13.71 10.46 -2.53
N TRP A 79 13.12 9.54 -3.29
CA TRP A 79 11.69 9.59 -3.59
C TRP A 79 11.10 8.19 -3.58
N ILE A 80 9.82 8.08 -3.21
CA ILE A 80 9.15 6.79 -3.16
C ILE A 80 8.04 6.70 -4.20
N HIS A 81 8.01 5.58 -4.91
CA HIS A 81 7.01 5.36 -5.95
C HIS A 81 6.93 3.89 -6.35
N ILE A 82 5.71 3.42 -6.63
CA ILE A 82 5.50 2.04 -7.04
C ILE A 82 5.81 1.86 -8.53
N THR A 83 5.63 2.92 -9.30
CA THR A 83 5.88 2.91 -10.74
C THR A 83 6.41 4.27 -11.20
N GLU A 84 6.48 4.45 -12.51
CA GLU A 84 6.96 5.71 -13.09
C GLU A 84 5.80 6.58 -13.54
N ALA A 85 4.71 6.56 -12.77
CA ALA A 85 3.52 7.35 -13.09
C ALA A 85 3.41 8.56 -12.16
N LYS A 86 3.66 8.34 -10.86
CA LYS A 86 3.59 9.42 -9.88
C LYS A 86 4.38 9.06 -8.62
N LYS A 87 5.36 9.91 -8.29
CA LYS A 87 6.18 9.70 -7.10
C LYS A 87 5.81 10.68 -5.99
N PHE A 88 6.13 10.32 -4.75
CA PHE A 88 5.81 11.18 -3.60
C PHE A 88 6.98 11.25 -2.63
N ASP A 89 7.05 12.35 -1.87
CA ASP A 89 8.11 12.55 -0.89
C ASP A 89 7.86 11.70 0.36
N SER A 90 6.59 11.62 0.77
CA SER A 90 6.22 10.86 1.95
C SER A 90 5.17 9.79 1.61
N LEU A 91 5.20 8.67 2.34
CA LEU A 91 4.25 7.58 2.12
C LEU A 91 2.80 8.08 2.25
N LEU A 92 2.58 9.11 3.07
CA LEU A 92 1.25 9.66 3.25
C LEU A 92 0.67 10.11 1.91
N GLU A 93 1.40 11.00 1.23
CA GLU A 93 0.97 11.51 -0.07
C GLU A 93 0.66 10.38 -1.04
N LEU A 94 1.51 9.35 -1.05
CA LEU A 94 1.33 8.21 -1.95
C LEU A 94 -0.03 7.54 -1.71
N VAL A 95 -0.29 7.18 -0.46
CA VAL A 95 -1.55 6.52 -0.09
C VAL A 95 -2.73 7.50 -0.11
N GLU A 96 -2.53 8.68 0.49
CA GLU A 96 -3.56 9.70 0.56
C GLU A 96 -4.02 10.13 -0.83
N TYR A 97 -3.07 10.24 -1.77
CA TYR A 97 -3.39 10.64 -3.13
C TYR A 97 -4.30 9.61 -3.80
N TYR A 98 -3.92 8.33 -3.71
CA TYR A 98 -4.70 7.24 -4.30
C TYR A 98 -6.00 7.03 -3.53
N GLN A 99 -6.04 7.43 -2.26
CA GLN A 99 -7.24 7.28 -1.43
C GLN A 99 -8.44 7.94 -2.12
N CYS A 100 -8.18 9.04 -2.84
CA CYS A 100 -9.23 9.77 -3.55
C CYS A 100 -8.95 9.82 -5.06
N HIS A 101 -8.17 8.87 -5.56
CA HIS A 101 -7.84 8.82 -6.99
C HIS A 101 -7.81 7.37 -7.50
N SER A 102 -8.17 7.20 -8.78
CA SER A 102 -8.20 5.88 -9.41
C SER A 102 -6.79 5.29 -9.54
N LEU A 103 -6.72 3.96 -9.59
CA LEU A 103 -5.44 3.27 -9.73
C LEU A 103 -5.05 3.06 -11.20
N LYS A 104 -5.98 3.35 -12.12
CA LYS A 104 -5.72 3.19 -13.55
C LYS A 104 -4.47 3.96 -13.98
N GLU A 105 -4.12 5.02 -13.25
CA GLU A 105 -2.95 5.83 -13.55
C GLU A 105 -1.68 4.97 -13.61
N SER A 106 -1.61 3.96 -12.74
CA SER A 106 -0.46 3.07 -12.70
C SER A 106 -0.82 1.69 -13.25
N PHE A 107 -2.01 1.21 -12.94
CA PHE A 107 -2.46 -0.09 -13.40
C PHE A 107 -3.70 0.04 -14.30
N LYS A 108 -3.47 0.04 -15.62
CA LYS A 108 -4.57 0.15 -16.58
C LYS A 108 -5.61 -0.94 -16.37
N GLN A 109 -5.17 -2.12 -15.92
CA GLN A 109 -6.06 -3.24 -15.68
C GLN A 109 -6.56 -3.27 -14.22
N LEU A 110 -6.38 -2.16 -13.50
CA LEU A 110 -6.82 -2.07 -12.10
C LEU A 110 -7.37 -0.68 -11.78
N ASP A 111 -8.66 -0.63 -11.49
CA ASP A 111 -9.33 0.63 -11.15
C ASP A 111 -10.12 0.50 -9.85
N THR A 112 -9.41 0.49 -8.73
CA THR A 112 -10.05 0.36 -7.42
C THR A 112 -9.31 1.17 -6.35
N THR A 113 -9.83 2.36 -6.04
CA THR A 113 -9.23 3.23 -5.03
C THR A 113 -9.23 2.55 -3.66
N LEU A 114 -8.54 3.17 -2.70
CA LEU A 114 -8.47 2.63 -1.34
C LEU A 114 -9.83 2.73 -0.64
N LYS A 115 -10.63 1.68 -0.77
CA LYS A 115 -11.96 1.65 -0.16
C LYS A 115 -11.89 1.43 1.35
N TYR A 116 -11.45 0.24 1.75
CA TYR A 116 -11.34 -0.10 3.18
C TYR A 116 -10.09 -0.93 3.46
N PRO A 117 -9.55 -0.81 4.69
CA PRO A 117 -8.34 -1.55 5.09
C PRO A 117 -8.61 -3.05 5.24
N TYR A 118 -7.54 -3.81 5.50
CA TYR A 118 -7.66 -5.26 5.67
C TYR A 118 -8.40 -5.62 6.96
N LYS A 119 -8.38 -4.71 7.95
CA LYS A 119 -9.05 -4.95 9.23
C LYS A 119 -10.55 -5.15 9.04
N SER A 120 -11.28 -4.05 8.81
CA SER A 120 -12.73 -4.12 8.62
C SER A 120 -13.31 -2.72 8.38
N ARG A 121 -12.87 -1.76 9.20
CA ARG A 121 -13.32 -0.38 9.10
C ARG A 121 -14.78 -0.24 9.52
N GLU A 122 -15.00 -0.02 10.81
CA GLU A 122 -16.35 0.13 11.35
C GLU A 122 -16.93 1.50 10.99
#